data_8J5O
#
_entry.id   8J5O
#
_cell.length_a   1.00
_cell.length_b   1.00
_cell.length_c   1.00
_cell.angle_alpha   90.00
_cell.angle_beta   90.00
_cell.angle_gamma   90.00
#
_symmetry.space_group_name_H-M   'P 1'
#
loop_
_entity.id
_entity.type
_entity.pdbx_description
1 polymer 'Beta subunit of light-harvesting 1'
2 polymer 'Alpha subunit of light-harvesting 1'
3 polymer 'MULTIHEME_CYTC DOMAIN-CONTAINING PROTEIN'
4 polymer 'Reaction center protein L chain'
5 polymer 'Reaction center protein M chain'
6 polymer 'Subunit X'
7 polymer 'Subunit Y'
8 polymer 'Subunit Z'
9 non-polymer 'BACTERIOCHLOROPHYLL A'
10 non-polymer beta,psi-caroten-4-one
11 non-polymer 'PROTOPORPHYRIN IX CONTAINING FE'
12 non-polymer '(1R)-2-{[{[(2S)-2,3-DIHYDROXYPROPYL]OXY}(HYDROXY)PHOSPHORYL]OXY}-1-[(PALMITOYLOXY)METHYL]ETHYL (11E)-OCTADEC-11-ENOATE'
13 non-polymer 'BACTERIOPHEOPHYTIN A'
14 non-polymer 'FE (III) ION'
15 non-polymer '2-methyl-3-[(2E,6E,10E,14E,18E,22E,26E,30E,34E,38E)-3,7,11,15,19,23,27,31,35,39,43-undecamethyltetratetraconta-2,6,10,1 4,18,22,26,30,34,38,42-undecaen-1-yl]naphthalene-1,4-dione'
#
loop_
_entity_poly.entity_id
_entity_poly.type
_entity_poly.pdbx_seq_one_letter_code
_entity_poly.pdbx_strand_id
1 'polypeptide(L)' MTDKPQNDLVPDQWKPLFNNAQWLVHDIVVKTIYGGLIIAVIAHVLCWAWTPWIR 0,2,4,6,8,B,E,G,I,K,O,Q,S,U,W
2 'polypeptide(L)' MKDRPFEFRTSVVVSTLLGLVMALLIHFVVLSSGAFNWLRAP 1,3,5,7,9,A,D,F,H,J,N,P,R,T,V
3 'polypeptide(L)'
;MIQQPPTLFPEITNTVRGRFYIVAGIISVVMAVASIAIFWWIFYTITPAPAPPLQNPIYVNYTQEPTDYISAESLAAMNA
YIQANPQPQAVQVLKGMTTAQISAYMVAQVSGGLKVDCSYCHNIANFAQQDGYPNAAKKVTARKMMLMSADLNQNYTAKL
PASVGGYQITCATCHNGKAAGLEPYPIEIMNTLPNDWRLPLELDYPGGLVVTGRKDVSNHEVEQNQFAMYHMNVSMGQGC
TFCHNARYFPSYEIAQKNHSIIMLQMTKHIQETYVAPGGRIADGIMAGKSPSCWLCHQGANIPPGAAKPGQVPAVLSSTP
;
C
4 'polypeptide(L)'
;MSAVPRALPLPSGETLPAEAISSTGSQAASAEVIPFSIIEEFYKRPGKTLAARFFGVDPFDFWIGRFYVGLFGAISIIGI
ILGVAFYLYEGVVNEGTLNILAMRIEPPPVSQGLNVDPAQPGFFWFLTMVAATIAFVGWLLRQIDISLKLDMGMEVPIAF
GAVVSSWITLQWLRPIAMGAWGHGFPLGITHHLDWVSNIGYQYYNFFYNPFHAIGITLLFASTLFLHMHGSAVLSEAKRN
ISDQNIHVFWRNILGYSIGEIGIHRVAFWTGAASVLFSNLCIFLSGTFVKDWNAFWGFWDKMPIWNGVGQGALVA
;
L
5 'polypeptide(L)'
;PIDLHDEEYRDGLEGTIAKPPGHVGWMQRLLGEGQVGPIYVGLWGVISFITFFASAFIILVDYGRQVGWNPIIYLREFWN
LAVYPPPTEYGLSWNVPWDKGGAWLAATFFLHISVLTWWARLYTRAKATGVGTQLAWGFASALSLYFVIYLFHPLALGNW
SAAPGHGFRAILDWTNYVSIHWGNFYYNPFHMLSIFFLLGSTLLLAMHGATIVATSKWKSEMEFTEMMAEGPGTQRAQLF
WRWVMGWNANSYNIHIWAWWFAAFTAITGAIGLFLSGTLVPDWYAWGETAKIVAPWPNPDWAQYVFR
;
M
6 'polypeptide(L)' MAPFLMAFFTIVLIVATLYFLSMIMSGKPESR X
7 'polypeptide(L)' MNWIVATFMLMFVLVAFLPLVVSLAYTWVTNPETQSTEE Y
8 'polypeptide(L)' MDFLILLQAEPSPWPVWSGYALCFVPLAAVILGFIIAARFTDKQATSAYLRLDPAKANEPEQG Z
#
# COMPACT_ATOMS: atom_id res chain seq x y z
N ASN A 7 51.61 29.13 -16.62
CA ASN A 7 51.71 29.68 -15.28
C ASN A 7 52.77 30.78 -15.16
N ASP A 8 53.03 31.45 -16.29
CA ASP A 8 54.05 32.50 -16.30
C ASP A 8 53.60 33.73 -15.54
N LEU A 9 52.30 34.04 -15.59
CA LEU A 9 51.79 35.23 -14.92
C LEU A 9 51.55 35.02 -13.43
N VAL A 10 51.52 33.78 -12.97
CA VAL A 10 51.27 33.51 -11.55
C VAL A 10 52.53 33.83 -10.76
N PRO A 11 52.41 34.37 -9.54
CA PRO A 11 53.60 34.62 -8.71
C PRO A 11 54.29 33.31 -8.33
N ASP A 12 55.57 33.44 -7.96
CA ASP A 12 56.39 32.27 -7.68
C ASP A 12 55.87 31.51 -6.46
N GLN A 13 55.43 32.23 -5.42
CA GLN A 13 54.99 31.58 -4.20
C GLN A 13 53.75 30.72 -4.43
N TRP A 14 52.83 31.19 -5.27
CA TRP A 14 51.57 30.51 -5.51
C TRP A 14 51.60 29.64 -6.76
N LYS A 15 52.79 29.33 -7.27
CA LYS A 15 52.91 28.52 -8.49
C LYS A 15 52.30 27.13 -8.37
N PRO A 16 52.58 26.34 -7.34
CA PRO A 16 52.07 24.96 -7.32
C PRO A 16 50.56 24.85 -7.14
N LEU A 17 49.87 25.94 -6.83
CA LEU A 17 48.43 25.88 -6.57
C LEU A 17 47.58 26.54 -7.66
N PHE A 18 48.14 27.43 -8.46
CA PHE A 18 47.35 28.26 -9.35
C PHE A 18 47.78 28.10 -10.80
N ASN A 19 46.78 28.05 -11.68
CA ASN A 19 46.95 28.03 -13.13
C ASN A 19 46.94 29.46 -13.64
N ASN A 20 47.53 29.65 -14.83
CA ASN A 20 47.63 30.99 -15.40
C ASN A 20 46.25 31.56 -15.70
N ALA A 21 45.31 30.72 -16.16
CA ALA A 21 43.97 31.22 -16.46
C ALA A 21 43.16 31.47 -15.20
N GLN A 22 43.38 30.69 -14.14
CA GLN A 22 42.61 30.86 -12.91
C GLN A 22 43.04 32.11 -12.12
N TRP A 23 44.23 32.64 -12.38
CA TRP A 23 44.66 33.87 -11.72
C TRP A 23 43.73 35.03 -12.04
N LEU A 24 43.33 35.16 -13.30
CA LEU A 24 42.46 36.27 -13.70
C LEU A 24 41.10 36.18 -13.02
N VAL A 25 40.52 34.98 -13.00
CA VAL A 25 39.22 34.80 -12.36
C VAL A 25 39.32 35.04 -10.87
N HIS A 26 40.43 34.61 -10.25
CA HIS A 26 40.63 34.86 -8.84
C HIS A 26 40.70 36.36 -8.54
N ASP A 27 41.41 37.11 -9.40
CA ASP A 27 41.49 38.55 -9.20
C ASP A 27 40.11 39.21 -9.33
N ILE A 28 39.32 38.77 -10.31
CA ILE A 28 37.98 39.33 -10.48
C ILE A 28 37.12 39.02 -9.26
N VAL A 29 37.20 37.79 -8.75
CA VAL A 29 36.41 37.41 -7.58
C VAL A 29 36.81 38.24 -6.37
N VAL A 30 38.11 38.45 -6.17
CA VAL A 30 38.58 39.23 -5.03
C VAL A 30 38.08 40.66 -5.11
N LYS A 31 38.15 41.26 -6.30
CA LYS A 31 37.66 42.63 -6.44
C LYS A 31 36.17 42.72 -6.18
N THR A 32 35.40 41.74 -6.68
CA THR A 32 33.96 41.73 -6.42
C THR A 32 33.67 41.62 -4.92
N ILE A 33 34.41 40.77 -4.22
CA ILE A 33 34.20 40.61 -2.78
C ILE A 33 34.52 41.89 -2.05
N TYR A 34 35.60 42.58 -2.44
CA TYR A 34 35.95 43.84 -1.78
C TYR A 34 34.86 44.90 -1.98
N GLY A 35 34.36 45.02 -3.21
CA GLY A 35 33.28 45.97 -3.46
C GLY A 35 32.03 45.63 -2.66
N GLY A 36 31.67 44.36 -2.61
CA GLY A 36 30.54 43.94 -1.81
C GLY A 36 30.72 44.25 -0.32
N LEU A 37 31.95 44.06 0.18
CA LEU A 37 32.21 44.37 1.58
C LEU A 37 32.03 45.85 1.87
N ILE A 38 32.54 46.72 0.98
CA ILE A 38 32.40 48.16 1.20
C ILE A 38 30.93 48.56 1.19
N ILE A 39 30.17 48.05 0.20
CA ILE A 39 28.75 48.39 0.12
C ILE A 39 28.00 47.88 1.34
N ALA A 40 28.35 46.67 1.81
CA ALA A 40 27.69 46.12 2.99
C ALA A 40 27.97 46.94 4.24
N VAL A 41 29.20 47.44 4.38
CA VAL A 41 29.53 48.29 5.51
C VAL A 41 28.68 49.57 5.49
N ILE A 42 28.58 50.19 4.31
CA ILE A 42 27.78 51.41 4.21
C ILE A 42 26.31 51.13 4.53
N ALA A 43 25.78 50.02 4.01
CA ALA A 43 24.39 49.67 4.28
C ALA A 43 24.15 49.41 5.76
N HIS A 44 25.09 48.73 6.43
CA HIS A 44 24.93 48.45 7.85
C HIS A 44 24.96 49.75 8.66
N VAL A 45 25.85 50.68 8.31
CA VAL A 45 25.89 51.95 9.03
C VAL A 45 24.57 52.70 8.85
N LEU A 46 24.04 52.72 7.62
CA LEU A 46 22.77 53.40 7.39
C LEU A 46 21.63 52.75 8.17
N CYS A 47 21.56 51.42 8.17
CA CYS A 47 20.49 50.74 8.89
C CYS A 47 20.59 50.96 10.40
N TRP A 48 21.81 50.98 10.95
CA TRP A 48 21.96 51.28 12.37
C TRP A 48 21.51 52.70 12.68
N ALA A 49 21.86 53.66 11.82
CA ALA A 49 21.41 55.02 12.04
C ALA A 49 19.89 55.12 11.99
N TRP A 50 19.27 54.35 11.10
CA TRP A 50 17.81 54.38 10.98
C TRP A 50 17.15 53.82 12.24
N THR A 51 17.57 52.64 12.69
CA THR A 51 17.00 52.02 13.88
C THR A 51 17.96 51.02 14.50
N PRO A 52 18.44 51.27 15.72
CA PRO A 52 19.31 50.29 16.38
C PRO A 52 18.59 48.98 16.63
N TRP A 53 19.34 47.87 16.53
CA TRP A 53 18.78 46.55 16.71
C TRP A 53 19.23 45.84 17.98
N ILE A 54 20.30 46.31 18.61
CA ILE A 54 20.77 45.71 19.85
C ILE A 54 20.16 46.37 21.07
N ARG A 55 20.27 47.69 21.16
CA ARG A 55 19.72 48.44 22.29
C ARG A 55 20.33 47.99 23.62
N GLU B 7 25.93 -27.78 15.46
CA GLU B 7 26.70 -26.55 15.32
C GLU B 7 26.79 -25.76 16.60
N PHE B 8 27.99 -25.39 16.99
CA PHE B 8 28.27 -24.70 18.26
C PHE B 8 27.84 -23.25 18.20
N ARG B 9 28.08 -22.59 17.06
CA ARG B 9 27.79 -21.16 16.93
C ARG B 9 26.30 -20.87 17.09
N THR B 10 25.46 -21.68 16.44
CA THR B 10 24.02 -21.46 16.50
C THR B 10 23.51 -21.63 17.93
N SER B 11 24.02 -22.65 18.63
CA SER B 11 23.61 -22.86 20.02
C SER B 11 24.02 -21.67 20.89
N VAL B 12 25.25 -21.17 20.71
CA VAL B 12 25.72 -20.04 21.51
C VAL B 12 24.86 -18.81 21.24
N VAL B 13 24.58 -18.54 19.96
CA VAL B 13 23.80 -17.35 19.60
C VAL B 13 22.39 -17.44 20.18
N VAL B 14 21.74 -18.60 20.00
CA VAL B 14 20.38 -18.77 20.49
C VAL B 14 20.34 -18.62 22.01
N SER B 15 21.29 -19.23 22.71
CA SER B 15 21.32 -19.14 24.17
C SER B 15 21.52 -17.69 24.63
N THR B 16 22.44 -16.97 23.99
CA THR B 16 22.71 -15.60 24.40
C THR B 16 21.49 -14.70 24.19
N LEU B 17 20.90 -14.75 22.99
CA LEU B 17 19.73 -13.92 22.74
C LEU B 17 18.56 -14.29 23.65
N LEU B 18 18.33 -15.58 23.87
CA LEU B 18 17.24 -16.00 24.75
C LEU B 18 17.46 -15.49 26.17
N GLY B 19 18.67 -15.63 26.70
CA GLY B 19 18.95 -15.15 28.04
C GLY B 19 18.75 -13.66 28.17
N LEU B 20 19.26 -12.90 27.20
CA LEU B 20 19.13 -11.44 27.26
C LEU B 20 17.67 -11.02 27.21
N VAL B 21 16.90 -11.59 26.27
CA VAL B 21 15.50 -11.22 26.13
C VAL B 21 14.72 -11.57 27.39
N MET B 22 14.94 -12.76 27.94
CA MET B 22 14.22 -13.15 29.15
C MET B 22 14.56 -12.24 30.32
N ALA B 23 15.84 -11.90 30.50
CA ALA B 23 16.22 -11.03 31.60
C ALA B 23 15.56 -9.66 31.48
N LEU B 24 15.61 -9.06 30.28
CA LEU B 24 15.02 -7.74 30.09
C LEU B 24 13.51 -7.78 30.32
N LEU B 25 12.84 -8.78 29.75
CA LEU B 25 11.39 -8.87 29.91
C LEU B 25 11.00 -9.07 31.36
N ILE B 26 11.75 -9.91 32.09
CA ILE B 26 11.37 -10.20 33.47
C ILE B 26 11.61 -8.99 34.37
N HIS B 27 12.73 -8.27 34.17
CA HIS B 27 12.92 -7.04 34.94
C HIS B 27 11.82 -6.01 34.65
N PHE B 28 11.45 -5.84 33.37
CA PHE B 28 10.37 -4.91 33.06
C PHE B 28 9.06 -5.33 33.70
N VAL B 29 8.72 -6.62 33.65
CA VAL B 29 7.47 -7.09 34.23
C VAL B 29 7.46 -6.89 35.74
N VAL B 30 8.58 -7.20 36.40
CA VAL B 30 8.65 -7.05 37.85
C VAL B 30 8.54 -5.58 38.25
N LEU B 31 9.20 -4.70 37.48
CA LEU B 31 9.11 -3.27 37.79
C LEU B 31 7.70 -2.75 37.59
N SER B 32 7.02 -3.17 36.51
CA SER B 32 5.67 -2.70 36.25
C SER B 32 4.64 -3.31 37.20
N SER B 33 4.95 -4.45 37.81
CA SER B 33 4.01 -5.07 38.74
C SER B 33 3.77 -4.18 39.96
N GLY B 34 4.81 -3.51 40.44
CA GLY B 34 4.66 -2.71 41.64
C GLY B 34 4.34 -3.51 42.88
N ALA B 35 5.00 -4.66 43.06
CA ALA B 35 4.75 -5.54 44.19
C ALA B 35 5.97 -5.74 45.08
N PHE B 36 7.05 -4.97 44.86
CA PHE B 36 8.28 -5.18 45.59
C PHE B 36 8.80 -3.96 46.33
N ASN B 37 8.28 -2.76 46.06
CA ASN B 37 8.79 -1.52 46.64
C ASN B 37 10.24 -1.29 46.23
N TRP B 38 10.43 -1.18 44.92
CA TRP B 38 11.74 -0.97 44.32
C TRP B 38 11.66 0.25 43.41
N LEU B 39 12.53 1.22 43.65
CA LEU B 39 12.53 2.49 42.92
C LEU B 39 11.21 3.24 43.14
N ARG B 40 10.96 3.56 44.41
CA ARG B 40 9.74 4.23 44.86
C ARG B 40 8.53 3.31 44.70
N ASN C 7 42.58 -31.43 16.20
CA ASN C 7 41.86 -31.81 17.40
C ASN C 7 42.71 -32.62 18.38
N ASP C 8 43.99 -32.25 18.48
CA ASP C 8 44.91 -32.99 19.34
C ASP C 8 44.54 -32.86 20.81
N LEU C 9 44.13 -31.66 21.24
CA LEU C 9 43.84 -31.44 22.66
C LEU C 9 42.50 -32.06 23.06
N VAL C 10 41.57 -32.21 22.12
CA VAL C 10 40.25 -32.72 22.48
C VAL C 10 40.37 -34.18 22.91
N PRO C 11 39.61 -34.63 23.92
CA PRO C 11 39.61 -36.05 24.26
C PRO C 11 39.05 -36.88 23.11
N ASP C 12 39.44 -38.16 23.09
CA ASP C 12 39.12 -39.03 21.97
C ASP C 12 37.62 -39.15 21.75
N GLN C 13 36.83 -39.12 22.82
CA GLN C 13 35.39 -39.28 22.70
C GLN C 13 34.76 -38.12 21.93
N TRP C 14 35.20 -36.90 22.20
CA TRP C 14 34.57 -35.70 21.63
C TRP C 14 35.30 -35.15 20.42
N LYS C 15 36.33 -35.84 19.93
CA LYS C 15 37.06 -35.37 18.75
C LYS C 15 36.20 -35.25 17.50
N PRO C 16 35.34 -36.22 17.14
CA PRO C 16 34.58 -36.10 15.89
C PRO C 16 33.66 -34.90 15.82
N LEU C 17 33.28 -34.31 16.96
CA LEU C 17 32.34 -33.20 16.97
C LEU C 17 32.99 -31.84 17.14
N PHE C 18 34.17 -31.78 17.74
CA PHE C 18 34.75 -30.51 18.19
C PHE C 18 36.05 -30.21 17.48
N ASN C 19 36.54 -28.99 17.73
CA ASN C 19 37.81 -28.49 17.23
C ASN C 19 38.69 -28.10 18.42
N ASN C 20 39.93 -27.71 18.11
CA ASN C 20 40.86 -27.32 19.17
C ASN C 20 40.39 -26.06 19.90
N ALA C 21 39.97 -25.04 19.15
CA ALA C 21 39.54 -23.78 19.77
C ALA C 21 38.14 -23.89 20.37
N GLN C 22 37.29 -24.74 19.80
CA GLN C 22 35.94 -24.89 20.32
C GLN C 22 35.96 -25.52 21.72
N TRP C 23 36.93 -26.38 22.00
CA TRP C 23 37.15 -26.86 23.37
C TRP C 23 37.33 -25.69 24.34
N LEU C 24 38.23 -24.77 24.02
CA LEU C 24 38.52 -23.66 24.92
C LEU C 24 37.31 -22.74 25.08
N VAL C 25 36.64 -22.42 23.97
CA VAL C 25 35.47 -21.55 24.04
C VAL C 25 34.35 -22.22 24.83
N HIS C 26 34.16 -23.52 24.64
CA HIS C 26 33.16 -24.26 25.38
C HIS C 26 33.45 -24.27 26.87
N ASP C 27 34.72 -24.44 27.25
CA ASP C 27 35.08 -24.40 28.66
C ASP C 27 34.79 -23.03 29.26
N ILE C 28 35.10 -21.96 28.53
CA ILE C 28 34.81 -20.62 29.01
C ILE C 28 33.31 -20.43 29.20
N VAL C 29 32.51 -20.88 28.23
CA VAL C 29 31.07 -20.73 28.32
C VAL C 29 30.51 -21.52 29.50
N VAL C 30 31.05 -22.72 29.73
CA VAL C 30 30.58 -23.56 30.84
C VAL C 30 30.86 -22.88 32.18
N LYS C 31 32.08 -22.36 32.35
CA LYS C 31 32.41 -21.67 33.59
C LYS C 31 31.53 -20.44 33.80
N THR C 32 31.30 -19.68 32.73
CA THR C 32 30.43 -18.50 32.83
C THR C 32 29.02 -18.89 33.25
N ILE C 33 28.49 -19.97 32.66
CA ILE C 33 27.14 -20.42 33.02
C ILE C 33 27.08 -20.82 34.49
N TYR C 34 28.09 -21.55 34.97
CA TYR C 34 28.07 -21.97 36.37
C TYR C 34 28.12 -20.79 37.32
N GLY C 35 28.99 -19.81 37.03
CA GLY C 35 29.06 -18.62 37.87
C GLY C 35 27.76 -17.83 37.87
N GLY C 36 27.16 -17.66 36.68
CA GLY C 36 25.89 -16.97 36.61
C GLY C 36 24.80 -17.69 37.37
N LEU C 37 24.79 -19.03 37.31
CA LEU C 37 23.79 -19.79 38.05
C LEU C 37 23.94 -19.60 39.56
N ILE C 38 25.18 -19.63 40.06
CA ILE C 38 25.39 -19.42 41.49
C ILE C 38 24.93 -18.03 41.91
N ILE C 39 25.28 -17.01 41.12
CA ILE C 39 24.86 -15.65 41.45
C ILE C 39 23.35 -15.53 41.43
N ALA C 40 22.68 -16.15 40.45
CA ALA C 40 21.23 -16.10 40.38
C ALA C 40 20.59 -16.77 41.59
N VAL C 41 21.15 -17.90 42.02
CA VAL C 41 20.62 -18.59 43.20
C VAL C 41 20.72 -17.68 44.43
N ILE C 42 21.88 -17.04 44.60
CA ILE C 42 22.06 -16.16 45.76
C ILE C 42 21.08 -15.00 45.72
N ALA C 43 20.92 -14.38 44.55
CA ALA C 43 20.01 -13.24 44.41
C ALA C 43 18.57 -13.65 44.68
N HIS C 44 18.16 -14.82 44.18
CA HIS C 44 16.80 -15.29 44.42
C HIS C 44 16.55 -15.55 45.90
N VAL C 45 17.52 -16.15 46.58
CA VAL C 45 17.36 -16.40 48.01
C VAL C 45 17.23 -15.08 48.77
N LEU C 46 18.06 -14.09 48.41
CA LEU C 46 17.97 -12.79 49.07
C LEU C 46 16.61 -12.14 48.83
N CYS C 47 16.10 -12.21 47.59
CA CYS C 47 14.80 -11.62 47.30
C CYS C 47 13.68 -12.32 48.06
N TRP C 48 13.76 -13.65 48.17
CA TRP C 48 12.75 -14.37 48.95
C TRP C 48 12.80 -13.96 50.42
N ALA C 49 14.00 -13.83 50.98
CA ALA C 49 14.11 -13.39 52.36
C ALA C 49 13.55 -11.99 52.54
N TRP C 50 13.77 -11.12 51.57
CA TRP C 50 13.25 -9.75 51.66
C TRP C 50 11.73 -9.72 51.52
N THR C 51 11.18 -10.39 50.50
CA THR C 51 9.75 -10.35 50.26
C THR C 51 9.27 -11.60 49.53
N PRO C 52 8.59 -12.52 50.22
CA PRO C 52 8.06 -13.70 49.54
C PRO C 52 7.02 -13.32 48.50
N TRP C 53 6.96 -14.13 47.43
CA TRP C 53 6.01 -13.90 46.35
C TRP C 53 4.91 -14.94 46.27
N ILE C 54 5.03 -16.04 47.00
CA ILE C 54 4.01 -17.10 46.99
C ILE C 54 3.06 -16.96 48.17
N ARG C 55 3.60 -16.71 49.36
CA ARG C 55 2.80 -16.55 50.57
C ARG C 55 2.01 -17.81 50.89
N ARG D 4 38.62 -20.32 14.85
CA ARG D 4 37.72 -19.98 15.95
C ARG D 4 36.31 -19.68 15.47
N PRO D 5 35.31 -20.10 16.24
CA PRO D 5 33.91 -19.94 15.79
C PRO D 5 33.50 -18.50 15.56
N PHE D 6 34.02 -17.57 16.35
CA PHE D 6 33.68 -16.16 16.22
C PHE D 6 34.95 -15.32 16.20
N GLU D 7 34.87 -14.19 15.50
CA GLU D 7 36.01 -13.30 15.35
C GLU D 7 36.07 -12.31 16.51
N PHE D 8 37.27 -11.78 16.74
CA PHE D 8 37.46 -10.78 17.78
C PHE D 8 36.69 -9.50 17.46
N ARG D 9 36.65 -9.12 16.18
CA ARG D 9 36.00 -7.89 15.77
C ARG D 9 34.51 -7.91 16.09
N THR D 10 33.83 -9.02 15.75
CA THR D 10 32.40 -9.13 16.01
C THR D 10 32.12 -9.11 17.51
N SER D 11 32.94 -9.80 18.29
CA SER D 11 32.76 -9.82 19.74
C SER D 11 32.88 -8.42 20.32
N VAL D 12 33.91 -7.68 19.91
CA VAL D 12 34.11 -6.32 20.41
C VAL D 12 32.95 -5.43 20.02
N VAL D 13 32.50 -5.53 18.76
CA VAL D 13 31.40 -4.68 18.29
C VAL D 13 30.13 -4.95 19.09
N VAL D 14 29.78 -6.23 19.26
CA VAL D 14 28.56 -6.59 19.97
C VAL D 14 28.65 -6.14 21.42
N SER D 15 29.79 -6.37 22.07
CA SER D 15 29.94 -6.02 23.48
C SER D 15 29.83 -4.52 23.68
N THR D 16 30.51 -3.73 22.84
CA THR D 16 30.46 -2.28 23.00
C THR D 16 29.06 -1.74 22.74
N LEU D 17 28.38 -2.25 21.70
CA LEU D 17 27.03 -1.78 21.41
C LEU D 17 26.08 -2.10 22.56
N LEU D 18 26.17 -3.33 23.09
CA LEU D 18 25.32 -3.72 24.21
C LEU D 18 25.60 -2.87 25.44
N GLY D 19 26.86 -2.61 25.74
CA GLY D 19 27.19 -1.80 26.91
C GLY D 19 26.67 -0.38 26.79
N LEU D 20 26.85 0.24 25.63
CA LEU D 20 26.36 1.60 25.42
C LEU D 20 24.84 1.66 25.55
N VAL D 21 24.15 0.71 24.91
CA VAL D 21 22.69 0.72 24.97
C VAL D 21 22.20 0.52 26.39
N MET D 22 22.83 -0.40 27.13
CA MET D 22 22.42 -0.67 28.51
C MET D 22 22.64 0.56 29.39
N ALA D 23 23.79 1.23 29.24
CA ALA D 23 24.06 2.41 30.05
C ALA D 23 23.06 3.52 29.77
N LEU D 24 22.77 3.77 28.49
CA LEU D 24 21.80 4.81 28.15
C LEU D 24 20.42 4.48 28.69
N LEU D 25 20.00 3.22 28.54
CA LEU D 25 18.70 2.81 29.04
C LEU D 25 18.61 2.97 30.56
N ILE D 26 19.67 2.58 31.28
CA ILE D 26 19.61 2.62 32.73
C ILE D 26 19.58 4.06 33.23
N HIS D 27 20.42 4.94 32.66
CA HIS D 27 20.34 6.35 33.05
C HIS D 27 18.96 6.95 32.73
N PHE D 28 18.39 6.66 31.56
CA PHE D 28 17.10 7.25 31.23
C PHE D 28 15.99 6.72 32.15
N VAL D 29 16.00 5.42 32.46
CA VAL D 29 14.98 4.86 33.33
C VAL D 29 15.11 5.43 34.74
N VAL D 30 16.33 5.53 35.26
CA VAL D 30 16.51 6.07 36.61
C VAL D 30 16.11 7.54 36.66
N LEU D 31 16.40 8.29 35.60
CA LEU D 31 15.96 9.67 35.55
C LEU D 31 14.44 9.78 35.54
N SER D 32 13.77 8.93 34.76
CA SER D 32 12.33 9.00 34.64
C SER D 32 11.60 8.46 35.87
N SER D 33 12.26 7.63 36.68
CA SER D 33 11.60 7.07 37.86
C SER D 33 11.25 8.15 38.87
N GLY D 34 12.03 9.24 38.92
CA GLY D 34 11.79 10.29 39.89
C GLY D 34 11.97 9.80 41.32
N ALA D 35 13.05 9.04 41.56
CA ALA D 35 13.27 8.39 42.84
C ALA D 35 14.52 8.90 43.55
N PHE D 36 15.28 9.82 42.96
CA PHE D 36 16.58 10.20 43.50
C PHE D 36 16.76 11.69 43.72
N ASN D 37 15.88 12.55 43.18
CA ASN D 37 16.07 14.00 43.27
C ASN D 37 17.37 14.41 42.57
N TRP D 38 17.42 14.13 41.27
CA TRP D 38 18.57 14.44 40.43
C TRP D 38 18.07 15.31 39.28
N LEU D 39 18.70 16.48 39.10
CA LEU D 39 18.27 17.48 38.13
C LEU D 39 16.86 17.98 38.47
N ARG D 40 16.75 18.60 39.65
CA ARG D 40 15.47 19.10 40.16
C ARG D 40 14.49 17.95 40.39
N ASN E 7 52.37 -15.43 16.10
CA ASN E 7 51.87 -15.61 17.45
C ASN E 7 52.98 -15.96 18.43
N ASP E 8 54.13 -15.29 18.26
CA ASP E 8 55.27 -15.55 19.14
C ASP E 8 54.95 -15.10 20.56
N LEU E 9 54.33 -13.93 20.71
CA LEU E 9 54.07 -13.38 22.03
C LEU E 9 52.90 -14.05 22.72
N VAL E 10 51.98 -14.65 21.97
CA VAL E 10 50.78 -15.23 22.57
C VAL E 10 51.18 -16.42 23.42
N PRO E 11 50.56 -16.63 24.59
CA PRO E 11 50.87 -17.83 25.38
C PRO E 11 50.53 -19.11 24.63
N ASP E 12 51.13 -20.21 25.09
CA ASP E 12 51.04 -21.46 24.35
C ASP E 12 49.61 -21.97 24.26
N GLN E 13 48.86 -21.93 25.37
CA GLN E 13 47.52 -22.49 25.38
C GLN E 13 46.55 -21.68 24.53
N TRP E 14 46.79 -20.38 24.38
CA TRP E 14 45.92 -19.50 23.61
C TRP E 14 46.40 -19.29 22.18
N LYS E 15 47.45 -19.99 21.76
CA LYS E 15 47.94 -19.85 20.40
C LYS E 15 46.92 -20.21 19.33
N PRO E 16 46.13 -21.29 19.44
CA PRO E 16 45.15 -21.61 18.39
C PRO E 16 43.89 -20.76 18.44
N LEU E 17 43.90 -19.67 19.21
CA LEU E 17 42.72 -18.85 19.36
C LEU E 17 42.99 -17.38 19.03
N PHE E 18 44.23 -16.94 19.26
CA PHE E 18 44.58 -15.53 19.20
C PHE E 18 45.68 -15.28 18.18
N ASN E 19 45.69 -14.05 17.67
CA ASN E 19 46.75 -13.54 16.81
C ASN E 19 47.69 -12.66 17.62
N ASN E 20 48.87 -12.40 17.06
CA ASN E 20 49.87 -11.63 17.79
C ASN E 20 49.42 -10.19 18.02
N ALA E 21 48.78 -9.58 17.01
CA ALA E 21 48.31 -8.21 17.15
C ALA E 21 47.04 -8.12 17.99
N GLN E 22 46.23 -9.18 18.03
CA GLN E 22 44.99 -9.16 18.79
C GLN E 22 45.22 -9.31 20.29
N TRP E 23 46.36 -9.87 20.69
CA TRP E 23 46.66 -10.02 22.11
C TRP E 23 46.73 -8.67 22.81
N LEU E 24 47.39 -7.71 22.18
CA LEU E 24 47.54 -6.39 22.80
C LEU E 24 46.19 -5.69 22.94
N VAL E 25 45.36 -5.76 21.91
CA VAL E 25 44.04 -5.14 21.95
C VAL E 25 43.19 -5.81 23.04
N HIS E 26 43.27 -7.13 23.14
CA HIS E 26 42.51 -7.84 24.18
C HIS E 26 42.97 -7.44 25.57
N ASP E 27 44.29 -7.27 25.75
CA ASP E 27 44.80 -6.83 27.05
C ASP E 27 44.31 -5.43 27.39
N ILE E 28 44.30 -4.53 26.40
CA ILE E 28 43.79 -3.18 26.62
C ILE E 28 42.33 -3.22 27.03
N VAL E 29 41.53 -4.04 26.34
CA VAL E 29 40.10 -4.14 26.65
C VAL E 29 39.88 -4.68 28.06
N VAL E 30 40.68 -5.68 28.46
CA VAL E 30 40.56 -6.25 29.79
C VAL E 30 40.87 -5.21 30.85
N LYS E 31 41.94 -4.44 30.65
CA LYS E 31 42.28 -3.40 31.62
C LYS E 31 41.18 -2.34 31.72
N THR E 32 40.62 -1.94 30.56
CA THR E 32 39.54 -0.96 30.57
C THR E 32 38.32 -1.48 31.32
N ILE E 33 37.97 -2.75 31.11
CA ILE E 33 36.83 -3.32 31.81
C ILE E 33 37.07 -3.37 33.32
N TYR E 34 38.28 -3.72 33.73
CA TYR E 34 38.60 -3.73 35.16
C TYR E 34 38.46 -2.35 35.78
N GLY E 35 39.00 -1.33 35.11
CA GLY E 35 38.89 0.02 35.63
C GLY E 35 37.44 0.50 35.71
N GLY E 36 36.67 0.22 34.65
CA GLY E 36 35.26 0.59 34.68
C GLY E 36 34.50 -0.11 35.78
N LEU E 37 34.83 -1.39 36.04
CA LEU E 37 34.17 -2.13 37.09
C LEU E 37 34.47 -1.53 38.47
N ILE E 38 35.73 -1.15 38.71
CA ILE E 38 36.08 -0.53 39.99
C ILE E 38 35.34 0.79 40.16
N ILE E 39 35.31 1.60 39.11
CA ILE E 39 34.60 2.88 39.17
C ILE E 39 33.12 2.66 39.44
N ALA E 40 32.52 1.67 38.78
CA ALA E 40 31.11 1.39 38.98
C ALA E 40 30.81 0.94 40.40
N VAL E 41 31.69 0.11 40.98
CA VAL E 41 31.50 -0.31 42.36
C VAL E 41 31.52 0.89 43.30
N ILE E 42 32.50 1.78 43.10
CA ILE E 42 32.58 2.97 43.95
C ILE E 42 31.34 3.84 43.81
N ALA E 43 30.88 4.03 42.57
CA ALA E 43 29.70 4.86 42.33
C ALA E 43 28.46 4.26 42.96
N HIS E 44 28.30 2.94 42.86
CA HIS E 44 27.15 2.28 43.48
C HIS E 44 27.18 2.42 44.99
N VAL E 45 28.36 2.27 45.60
CA VAL E 45 28.46 2.44 47.05
C VAL E 45 28.09 3.86 47.46
N LEU E 46 28.59 4.85 46.72
CA LEU E 46 28.26 6.24 47.04
C LEU E 46 26.77 6.50 46.89
N CYS E 47 26.15 6.00 45.83
CA CYS E 47 24.73 6.23 45.62
C CYS E 47 23.89 5.57 46.69
N TRP E 48 24.27 4.35 47.13
CA TRP E 48 23.54 3.73 48.23
C TRP E 48 23.70 4.53 49.51
N ALA E 49 24.91 5.03 49.77
CA ALA E 49 25.11 5.86 50.95
C ALA E 49 24.28 7.13 50.89
N TRP E 50 24.00 7.62 49.68
CA TRP E 50 23.20 8.83 49.53
C TRP E 50 21.72 8.54 49.76
N THR E 51 21.14 7.65 48.94
CA THR E 51 19.72 7.33 49.03
C THR E 51 19.46 5.89 48.63
N PRO E 52 19.01 5.05 49.55
CA PRO E 52 18.71 3.65 49.19
C PRO E 52 17.57 3.55 48.19
N TRP E 53 17.64 2.53 47.33
CA TRP E 53 16.63 2.32 46.32
C TRP E 53 15.75 1.09 46.54
N ILE E 54 16.20 0.15 47.37
CA ILE E 54 15.41 -1.05 47.64
C ILE E 54 14.47 -0.83 48.82
N ARG E 55 15.01 -0.45 49.97
CA ARG E 55 14.22 -0.22 51.18
C ARG E 55 13.48 -1.50 51.60
N ARG F 4 45.22 -6.71 12.15
CA ARG F 4 44.67 -6.14 13.37
C ARG F 4 43.15 -6.06 13.31
N PRO F 5 42.50 -6.15 14.47
CA PRO F 5 41.03 -6.22 14.49
C PRO F 5 40.34 -5.01 13.90
N PHE F 6 40.87 -3.81 14.13
CA PHE F 6 40.24 -2.58 13.66
C PHE F 6 41.30 -1.63 13.13
N GLU F 7 40.89 -0.79 12.18
CA GLU F 7 41.76 0.22 11.61
C GLU F 7 41.63 1.53 12.41
N PHE F 8 42.67 2.36 12.29
CA PHE F 8 42.69 3.61 13.03
C PHE F 8 41.58 4.55 12.57
N ARG F 9 41.27 4.53 11.28
CA ARG F 9 40.26 5.44 10.73
C ARG F 9 38.88 5.18 11.34
N THR F 10 38.49 3.91 11.42
CA THR F 10 37.18 3.57 11.97
C THR F 10 37.09 3.96 13.45
N SER F 11 38.16 3.70 14.20
CA SER F 11 38.18 4.08 15.61
C SER F 11 38.03 5.59 15.78
N VAL F 12 38.76 6.36 14.97
CA VAL F 12 38.68 7.82 15.06
C VAL F 12 37.27 8.30 14.74
N VAL F 13 36.68 7.75 13.67
CA VAL F 13 35.34 8.18 13.25
C VAL F 13 34.32 7.87 14.35
N VAL F 14 34.35 6.65 14.87
CA VAL F 14 33.37 6.24 15.88
C VAL F 14 33.53 7.08 17.14
N SER F 15 34.77 7.30 17.57
CA SER F 15 35.00 8.07 18.80
C SER F 15 34.51 9.51 18.63
N THR F 16 34.84 10.15 17.51
CA THR F 16 34.44 11.53 17.31
C THR F 16 32.92 11.66 17.23
N LEU F 17 32.26 10.75 16.50
CA LEU F 17 30.80 10.81 16.40
C LEU F 17 30.15 10.60 17.77
N LEU F 18 30.63 9.61 18.54
CA LEU F 18 30.07 9.37 19.86
C LEU F 18 30.25 10.59 20.76
N GLY F 19 31.42 11.21 20.74
CA GLY F 19 31.65 12.38 21.56
C GLY F 19 30.73 13.52 21.21
N LEU F 20 30.58 13.80 19.91
CA LEU F 20 29.72 14.90 19.48
C LEU F 20 28.26 14.66 19.87
N VAL F 21 27.76 13.44 19.62
CA VAL F 21 26.37 13.16 19.94
C VAL F 21 26.13 13.22 21.44
N MET F 22 27.06 12.69 22.24
CA MET F 22 26.90 12.75 23.69
C MET F 22 26.92 14.18 24.21
N ALA F 23 27.81 15.01 23.68
CA ALA F 23 27.87 16.40 24.13
C ALA F 23 26.58 17.14 23.79
N LEU F 24 26.07 16.96 22.56
CA LEU F 24 24.83 17.63 22.18
C LEU F 24 23.66 17.13 23.04
N LEU F 25 23.58 15.82 23.26
CA LEU F 25 22.48 15.26 24.05
C LEU F 25 22.51 15.77 25.48
N ILE F 26 23.69 15.82 26.09
CA ILE F 26 23.79 16.28 27.47
C ILE F 26 23.43 17.75 27.58
N HIS F 27 23.92 18.57 26.63
CA HIS F 27 23.56 19.99 26.66
C HIS F 27 22.05 20.18 26.51
N PHE F 28 21.43 19.45 25.58
CA PHE F 28 19.99 19.58 25.38
C PHE F 28 19.20 19.15 26.61
N VAL F 29 19.61 18.04 27.24
CA VAL F 29 18.91 17.55 28.43
C VAL F 29 19.04 18.55 29.57
N VAL F 30 20.23 19.11 29.77
CA VAL F 30 20.41 20.09 30.85
C VAL F 30 19.60 21.34 30.56
N LEU F 31 19.53 21.77 29.31
CA LEU F 31 18.73 22.95 28.98
C LEU F 31 17.25 22.70 29.23
N SER F 32 16.76 21.51 28.86
CA SER F 32 15.32 21.24 29.00
C SER F 32 14.95 20.96 30.45
N SER F 33 15.90 20.54 31.28
CA SER F 33 15.58 20.22 32.67
C SER F 33 15.10 21.45 33.44
N GLY F 34 15.59 22.64 33.08
CA GLY F 34 15.21 23.85 33.79
C GLY F 34 15.63 23.85 35.24
N ALA F 35 16.86 23.43 35.52
CA ALA F 35 17.36 23.29 36.89
C ALA F 35 18.60 24.11 37.15
N PHE F 36 18.94 25.06 36.27
CA PHE F 36 20.19 25.80 36.39
C PHE F 36 20.07 27.31 36.27
N ASN F 37 18.94 27.85 35.79
CA ASN F 37 18.80 29.29 35.59
C ASN F 37 19.81 29.79 34.56
N TRP F 38 19.77 29.19 33.38
CA TRP F 38 20.68 29.50 32.28
C TRP F 38 19.86 29.82 31.04
N LEU F 39 20.18 30.95 30.41
CA LEU F 39 19.47 31.42 29.21
C LEU F 39 18.00 31.67 29.51
N ARG F 40 17.77 32.61 30.43
CA ARG F 40 16.43 32.97 30.89
C ARG F 40 15.73 31.76 31.52
N ALA F 41 16.32 31.28 32.61
CA ALA F 41 15.76 30.19 33.40
C ALA F 41 15.61 28.91 32.57
N ASN G 7 58.04 2.02 9.73
CA ASN G 7 57.69 2.19 11.14
C ASN G 7 58.90 2.44 12.03
N ASP G 8 59.78 3.32 11.58
CA ASP G 8 61.01 3.61 12.34
C ASP G 8 60.70 4.23 13.69
N LEU G 9 59.76 5.18 13.73
CA LEU G 9 59.46 5.89 14.96
C LEU G 9 58.57 5.08 15.91
N VAL G 10 57.83 4.10 15.39
CA VAL G 10 56.93 3.32 16.24
C VAL G 10 57.75 2.48 17.21
N PRO G 11 57.42 2.47 18.50
CA PRO G 11 58.19 1.64 19.45
C PRO G 11 58.08 0.17 19.11
N ASP G 12 58.97 -0.62 19.74
CA ASP G 12 59.07 -2.04 19.42
C ASP G 12 57.78 -2.78 19.75
N GLN G 13 57.16 -2.45 20.89
CA GLN G 13 55.94 -3.14 21.29
C GLN G 13 54.79 -2.86 20.32
N TRP G 14 54.70 -1.63 19.83
CA TRP G 14 53.54 -1.18 19.06
C TRP G 14 53.73 -1.30 17.56
N LYS G 15 54.83 -1.87 17.09
CA LYS G 15 55.03 -2.05 15.66
C LYS G 15 53.95 -2.89 14.97
N PRO G 16 53.49 -4.03 15.51
CA PRO G 16 52.49 -4.82 14.77
C PRO G 16 51.16 -4.11 14.56
N LEU G 17 50.87 -3.05 15.31
CA LEU G 17 49.59 -2.35 15.20
C LEU G 17 49.67 -1.02 14.47
N PHE G 18 50.78 -0.30 14.58
CA PHE G 18 50.84 1.08 14.14
C PHE G 18 51.79 1.26 12.95
N ASN G 19 51.49 2.28 12.14
CA ASN G 19 52.33 2.74 11.06
C ASN G 19 53.08 3.99 11.52
N ASN G 20 54.16 4.31 10.80
CA ASN G 20 54.95 5.49 11.15
C ASN G 20 54.13 6.77 11.02
N ALA G 21 53.17 6.79 10.10
CA ALA G 21 52.34 7.99 9.92
C ALA G 21 51.26 8.09 10.99
N GLN G 22 50.74 6.97 11.47
CA GLN G 22 49.66 7.00 12.46
C GLN G 22 50.15 7.32 13.87
N TRP G 23 51.43 7.14 14.15
CA TRP G 23 51.97 7.46 15.47
C TRP G 23 51.78 8.93 15.80
N LEU G 24 52.09 9.82 14.84
CA LEU G 24 51.98 11.25 15.10
C LEU G 24 50.52 11.68 15.29
N VAL G 25 49.62 11.15 14.47
CA VAL G 25 48.20 11.47 14.62
C VAL G 25 47.66 10.95 15.94
N HIS G 26 48.13 9.77 16.36
CA HIS G 26 47.74 9.23 17.67
C HIS G 26 48.23 10.13 18.79
N ASP G 27 49.45 10.65 18.68
CA ASP G 27 49.96 11.58 19.69
C ASP G 27 49.11 12.84 19.75
N ILE G 28 48.73 13.37 18.59
CA ILE G 28 47.87 14.55 18.56
C ILE G 28 46.54 14.27 19.23
N VAL G 29 45.94 13.12 18.93
CA VAL G 29 44.63 12.78 19.50
C VAL G 29 44.74 12.64 21.02
N VAL G 30 45.82 12.01 21.50
CA VAL G 30 45.99 11.81 22.93
C VAL G 30 46.14 13.15 23.64
N LYS G 31 46.95 14.06 23.08
CA LYS G 31 47.12 15.37 23.69
C LYS G 31 45.80 16.13 23.73
N THR G 32 45.04 16.08 22.63
CA THR G 32 43.74 16.76 22.59
C THR G 32 42.79 16.20 23.63
N ILE G 33 42.76 14.87 23.79
CA ILE G 33 41.88 14.26 24.78
C ILE G 33 42.29 14.66 26.19
N TYR G 34 43.59 14.71 26.48
CA TYR G 34 44.02 15.12 27.81
C TYR G 34 43.60 16.56 28.11
N GLY G 35 43.80 17.46 27.14
CA GLY G 35 43.35 18.84 27.32
C GLY G 35 41.85 18.93 27.54
N GLY G 36 41.08 18.16 26.77
CA GLY G 36 39.64 18.17 26.93
C GLY G 36 39.20 17.68 28.30
N LEU G 37 39.83 16.62 28.81
CA LEU G 37 39.50 16.15 30.15
C LEU G 37 39.84 17.18 31.22
N ILE G 38 40.97 17.86 31.08
CA ILE G 38 41.32 18.90 32.05
C ILE G 38 40.27 20.01 32.06
N ILE G 39 39.89 20.46 30.85
CA ILE G 39 38.89 21.53 30.76
C ILE G 39 37.56 21.06 31.32
N ALA G 40 37.19 19.81 31.06
CA ALA G 40 35.93 19.28 31.57
C ALA G 40 35.92 19.24 33.09
N VAL G 41 37.05 18.83 33.69
CA VAL G 41 37.13 18.82 35.15
C VAL G 41 36.96 20.22 35.71
N ILE G 42 37.63 21.20 35.10
CA ILE G 42 37.50 22.58 35.57
C ILE G 42 36.06 23.06 35.46
N ALA G 43 35.41 22.78 34.32
CA ALA G 43 34.03 23.21 34.11
C ALA G 43 33.08 22.56 35.11
N HIS G 44 33.28 21.27 35.38
CA HIS G 44 32.42 20.58 36.34
C HIS G 44 32.58 21.15 37.75
N VAL G 45 33.81 21.44 38.14
CA VAL G 45 34.03 22.07 39.45
C VAL G 45 33.35 23.43 39.52
N LEU G 46 33.48 24.23 38.45
CA LEU G 46 32.85 25.54 38.43
C LEU G 46 31.34 25.43 38.53
N CYS G 47 30.73 24.52 37.77
CA CYS G 47 29.28 24.38 37.80
C CYS G 47 28.79 23.86 39.16
N TRP G 48 29.55 22.96 39.78
CA TRP G 48 29.15 22.50 41.11
C TRP G 48 29.23 23.64 42.12
N ALA G 49 30.28 24.46 42.05
CA ALA G 49 30.36 25.61 42.94
C ALA G 49 29.22 26.59 42.68
N TRP G 50 28.73 26.66 41.44
CA TRP G 50 27.61 27.53 41.13
C TRP G 50 26.30 26.98 41.68
N THR G 51 25.92 25.77 41.25
CA THR G 51 24.66 25.16 41.67
C THR G 51 24.79 23.65 41.77
N PRO G 52 24.71 23.08 42.98
CA PRO G 52 24.73 21.61 43.10
C PRO G 52 23.53 20.99 42.41
N TRP G 53 23.78 19.85 41.76
CA TRP G 53 22.74 19.15 41.00
C TRP G 53 22.28 17.86 41.65
N ILE G 54 22.75 17.55 42.85
CA ILE G 54 22.33 16.37 43.60
C ILE G 54 21.56 16.74 44.86
N ARG G 55 22.16 17.57 45.71
CA ARG G 55 21.51 18.03 46.94
C ARG G 55 21.16 16.87 47.87
N ARG H 4 48.65 7.78 5.31
CA ARG H 4 47.94 8.59 6.29
C ARG H 4 46.47 8.21 6.35
N PRO H 5 45.93 8.11 7.57
CA PRO H 5 44.53 7.67 7.72
C PRO H 5 43.51 8.56 7.04
N PHE H 6 43.73 9.88 7.02
CA PHE H 6 42.77 10.83 6.48
C PHE H 6 43.48 11.77 5.52
N GLU H 7 42.74 12.24 4.52
CA GLU H 7 43.22 13.24 3.59
C GLU H 7 42.92 14.64 4.12
N PHE H 8 43.64 15.63 3.58
CA PHE H 8 43.41 17.02 3.94
C PHE H 8 42.01 17.47 3.50
N ARG H 9 41.58 16.98 2.33
CA ARG H 9 40.28 17.37 1.79
C ARG H 9 39.14 16.98 2.72
N THR H 10 39.18 15.74 3.22
CA THR H 10 38.13 15.26 4.10
C THR H 10 38.10 16.04 5.41
N SER H 11 39.27 16.29 5.99
CA SER H 11 39.34 17.04 7.24
C SER H 11 38.80 18.44 7.06
N VAL H 12 39.18 19.11 5.98
CA VAL H 12 38.69 20.47 5.72
C VAL H 12 37.18 20.47 5.57
N VAL H 13 36.64 19.51 4.81
CA VAL H 13 35.19 19.46 4.57
C VAL H 13 34.45 19.25 5.88
N VAL H 14 34.87 18.26 6.67
CA VAL H 14 34.16 17.95 7.92
C VAL H 14 34.23 19.14 8.88
N SER H 15 35.41 19.74 9.02
CA SER H 15 35.54 20.87 9.93
C SER H 15 34.67 22.05 9.50
N THR H 16 34.65 22.35 8.20
CA THR H 16 33.86 23.49 7.73
C THR H 16 32.36 23.25 7.94
N LEU H 17 31.88 22.06 7.59
CA LEU H 17 30.47 21.76 7.79
C LEU H 17 30.09 21.80 9.26
N LEU H 18 30.91 21.22 10.13
CA LEU H 18 30.61 21.23 11.56
C LEU H 18 30.58 22.65 12.10
N GLY H 19 31.56 23.48 11.72
CA GLY H 19 31.58 24.84 12.21
C GLY H 19 30.37 25.65 11.76
N LEU H 20 30.01 25.53 10.48
CA LEU H 20 28.86 26.27 9.97
C LEU H 20 27.57 25.84 10.67
N VAL H 21 27.37 24.53 10.82
CA VAL H 21 26.16 24.04 11.47
C VAL H 21 26.10 24.49 12.92
N MET H 22 27.22 24.42 13.63
CA MET H 22 27.23 24.81 15.04
C MET H 22 26.95 26.30 15.19
N ALA H 23 27.54 27.14 14.33
CA ALA H 23 27.29 28.57 14.41
C ALA H 23 25.82 28.89 14.16
N LEU H 24 25.23 28.25 13.14
CA LEU H 24 23.81 28.47 12.87
C LEU H 24 22.95 28.05 14.06
N LEU H 25 23.23 26.87 14.62
CA LEU H 25 22.45 26.37 15.74
C LEU H 25 22.56 27.29 16.95
N ILE H 26 23.76 27.78 17.25
CA ILE H 26 23.94 28.61 18.42
C ILE H 26 23.24 29.95 18.25
N HIS H 27 23.36 30.56 17.06
CA HIS H 27 22.65 31.81 16.81
C HIS H 27 21.14 31.62 16.94
N PHE H 28 20.60 30.52 16.39
CA PHE H 28 19.16 30.31 16.47
C PHE H 28 18.71 30.08 17.91
N VAL H 29 19.47 29.32 18.69
CA VAL H 29 19.11 29.09 20.09
C VAL H 29 19.12 30.41 20.87
N VAL H 30 20.16 31.22 20.66
CA VAL H 30 20.26 32.48 21.39
C VAL H 30 19.13 33.43 21.00
N LEU H 31 18.79 33.48 19.71
CA LEU H 31 17.70 34.35 19.28
C LEU H 31 16.36 33.88 19.81
N SER H 32 16.12 32.56 19.82
CA SER H 32 14.83 32.04 20.23
C SER H 32 14.63 32.09 21.75
N SER H 33 15.71 32.02 22.52
CA SER H 33 15.57 31.99 23.97
C SER H 33 14.95 33.28 24.50
N GLY H 34 15.14 34.40 23.80
CA GLY H 34 14.56 35.65 24.23
C GLY H 34 15.10 36.15 25.55
N ALA H 35 16.41 36.01 25.77
CA ALA H 35 17.04 36.41 27.03
C ALA H 35 18.02 37.55 26.84
N PHE H 36 18.12 38.13 25.65
CA PHE H 36 19.13 39.13 25.37
C PHE H 36 18.58 40.48 24.89
N ASN H 37 17.31 40.55 24.49
CA ASN H 37 16.73 41.79 23.98
C ASN H 37 17.43 42.21 22.68
N TRP H 38 17.48 41.28 21.74
CA TRP H 38 18.08 41.50 20.43
C TRP H 38 17.04 41.20 19.36
N LEU H 39 16.91 42.11 18.39
CA LEU H 39 15.92 41.99 17.32
C LEU H 39 14.50 41.95 17.91
N ARG H 40 14.19 42.93 18.75
CA ARG H 40 12.89 43.00 19.41
C ARG H 40 12.62 41.78 20.27
N ASN I 7 57.83 17.55 -1.89
CA ASN I 7 57.65 17.96 -0.49
C ASN I 7 58.91 18.58 0.11
N ASP I 8 59.60 19.41 -0.68
CA ASP I 8 60.82 20.05 -0.20
C ASP I 8 60.52 21.10 0.87
N LEU I 9 59.42 21.84 0.71
CA LEU I 9 59.09 22.91 1.65
C LEU I 9 58.55 22.40 2.97
N VAL I 10 58.04 21.17 3.00
CA VAL I 10 57.49 20.62 4.25
C VAL I 10 58.62 20.38 5.23
N PRO I 11 58.44 20.67 6.52
CA PRO I 11 59.50 20.38 7.50
C PRO I 11 59.75 18.88 7.60
N ASP I 12 60.89 18.54 8.23
CA ASP I 12 61.34 17.15 8.27
C ASP I 12 60.37 16.27 9.02
N GLN I 13 59.80 16.77 10.12
CA GLN I 13 58.93 15.93 10.95
C GLN I 13 57.64 15.57 10.23
N TRP I 14 57.10 16.49 9.44
CA TRP I 14 55.77 16.35 8.86
C TRP I 14 55.79 15.92 7.40
N LYS I 15 56.95 15.54 6.87
CA LYS I 15 57.00 15.05 5.49
C LYS I 15 56.13 13.82 5.23
N PRO I 16 56.06 12.80 6.11
CA PRO I 16 55.24 11.62 5.78
C PRO I 16 53.74 11.83 5.94
N LEU I 17 53.30 13.09 6.09
CA LEU I 17 51.89 13.37 6.24
C LEU I 17 51.41 14.46 5.28
N PHE I 18 52.31 15.37 4.91
CA PHE I 18 51.95 16.60 4.22
C PHE I 18 52.57 16.66 2.83
N ASN I 19 51.78 17.14 1.87
CA ASN I 19 52.23 17.42 0.52
C ASN I 19 52.65 18.90 0.45
N ASN I 20 53.51 19.20 -0.52
CA ASN I 20 54.02 20.57 -0.66
C ASN I 20 52.89 21.56 -0.92
N ALA I 21 51.88 21.15 -1.69
CA ALA I 21 50.77 22.06 -1.99
C ALA I 21 49.84 22.22 -0.79
N GLN I 22 49.65 21.14 -0.02
CA GLN I 22 48.72 21.19 1.11
C GLN I 22 49.30 21.96 2.30
N TRP I 23 50.61 22.14 2.37
CA TRP I 23 51.22 22.90 3.45
C TRP I 23 50.74 24.35 3.44
N LEU I 24 50.73 24.98 2.26
CA LEU I 24 50.29 26.37 2.16
C LEU I 24 48.82 26.53 2.51
N VAL I 25 47.98 25.61 2.02
CA VAL I 25 46.55 25.69 2.31
C VAL I 25 46.29 25.50 3.79
N HIS I 26 47.02 24.58 4.42
CA HIS I 26 46.90 24.39 5.86
C HIS I 26 47.36 25.61 6.64
N ASP I 27 48.41 26.29 6.17
CA ASP I 27 48.84 27.51 6.84
C ASP I 27 47.76 28.59 6.75
N ILE I 28 47.12 28.72 5.59
CA ILE I 28 46.02 29.67 5.43
C ILE I 28 44.88 29.32 6.39
N VAL I 29 44.56 28.03 6.50
CA VAL I 29 43.47 27.61 7.38
C VAL I 29 43.80 27.94 8.84
N VAL I 30 45.05 27.70 9.24
CA VAL I 30 45.47 27.99 10.61
C VAL I 30 45.36 29.48 10.90
N LYS I 31 45.80 30.32 9.97
CA LYS I 31 45.70 31.76 10.17
C LYS I 31 44.25 32.21 10.29
N THR I 32 43.37 31.67 9.44
CA THR I 32 41.96 31.99 9.51
C THR I 32 41.37 31.59 10.86
N ILE I 33 41.72 30.40 11.34
CA ILE I 33 41.19 29.94 12.62
C ILE I 33 41.66 30.82 13.76
N TYR I 34 42.94 31.23 13.74
CA TYR I 34 43.45 32.09 14.80
C TYR I 34 42.73 33.44 14.82
N GLY I 35 42.55 34.04 13.65
CA GLY I 35 41.84 35.31 13.58
C GLY I 35 40.40 35.20 14.07
N GLY I 36 39.71 34.14 13.62
CA GLY I 36 38.35 33.92 14.06
C GLY I 36 38.24 33.71 15.56
N LEU I 37 39.21 33.00 16.14
CA LEU I 37 39.20 32.77 17.58
C LEU I 37 39.39 34.06 18.36
N ILE I 38 40.28 34.94 17.89
CA ILE I 38 40.48 36.22 18.56
C ILE I 38 39.19 37.05 18.50
N ILE I 39 38.56 37.10 17.31
CA ILE I 39 37.33 37.86 17.16
C ILE I 39 36.23 37.28 18.05
N ALA I 40 36.19 35.95 18.17
CA ALA I 40 35.18 35.32 19.02
C ALA I 40 35.39 35.67 20.49
N VAL I 41 36.64 35.70 20.94
CA VAL I 41 36.91 36.08 22.32
C VAL I 41 36.45 37.51 22.58
N ILE I 42 36.76 38.42 21.65
CA ILE I 42 36.36 39.81 21.82
C ILE I 42 34.84 39.94 21.87
N ALA I 43 34.15 39.23 20.97
CA ALA I 43 32.69 39.30 20.93
C ALA I 43 32.08 38.75 22.21
N HIS I 44 32.64 37.66 22.74
CA HIS I 44 32.12 37.09 23.98
C HIS I 44 32.31 38.04 25.15
N VAL I 45 33.46 38.71 25.22
CA VAL I 45 33.69 39.68 26.29
C VAL I 45 32.68 40.82 26.19
N LEU I 46 32.47 41.34 24.99
CA LEU I 46 31.52 42.44 24.82
C LEU I 46 30.11 42.02 25.19
N CYS I 47 29.68 40.84 24.77
CA CYS I 47 28.33 40.38 25.09
C CYS I 47 28.16 40.17 26.59
N TRP I 48 29.17 39.62 27.27
CA TRP I 48 29.07 39.48 28.71
C TRP I 48 28.98 40.83 29.39
N ALA I 49 29.76 41.81 28.93
CA ALA I 49 29.67 43.16 29.50
C ALA I 49 28.28 43.74 29.30
N TRP I 50 27.66 43.46 28.15
CA TRP I 50 26.33 43.99 27.88
C TRP I 50 25.29 43.33 28.78
N THR I 51 25.26 42.00 28.84
CA THR I 51 24.26 41.29 29.63
C THR I 51 24.76 39.91 30.03
N PRO I 52 24.98 39.66 31.32
CA PRO I 52 25.39 38.32 31.76
C PRO I 52 24.32 37.29 31.45
N TRP I 53 24.77 36.08 31.08
CA TRP I 53 23.85 35.01 30.70
C TRP I 53 23.79 33.87 31.71
N ILE I 54 24.79 33.72 32.57
CA ILE I 54 24.79 32.66 33.57
C ILE I 54 23.96 33.05 34.79
N ARG I 55 24.25 34.22 35.37
CA ARG I 55 23.53 34.70 36.55
C ARG I 55 23.66 33.73 37.72
N ARG J 4 46.88 19.78 -5.26
CA ARG J 4 46.11 20.57 -4.31
C ARG J 4 44.83 19.85 -3.90
N PRO J 5 44.47 19.95 -2.62
CA PRO J 5 43.29 19.22 -2.13
C PRO J 5 41.99 19.65 -2.79
N PHE J 6 41.85 20.92 -3.15
CA PHE J 6 40.62 21.43 -3.74
C PHE J 6 40.94 22.19 -5.02
N GLU J 7 39.98 22.17 -5.95
CA GLU J 7 40.10 22.88 -7.21
C GLU J 7 39.30 24.18 -7.16
N PHE J 8 39.63 25.08 -8.10
CA PHE J 8 39.01 26.41 -8.10
C PHE J 8 37.50 26.33 -8.33
N ARG J 9 37.07 25.41 -9.19
CA ARG J 9 35.66 25.28 -9.54
C ARG J 9 34.81 24.95 -8.30
N THR J 10 35.23 23.95 -7.53
CA THR J 10 34.47 23.54 -6.36
C THR J 10 34.40 24.66 -5.33
N SER J 11 35.51 25.35 -5.10
CA SER J 11 35.52 26.45 -4.14
C SER J 11 34.58 27.56 -4.57
N VAL J 12 34.61 27.91 -5.86
CA VAL J 12 33.74 28.98 -6.36
C VAL J 12 32.26 28.59 -6.19
N VAL J 13 31.93 27.35 -6.56
CA VAL J 13 30.54 26.90 -6.47
C VAL J 13 30.06 26.92 -5.02
N VAL J 14 30.87 26.36 -4.11
CA VAL J 14 30.47 26.28 -2.71
C VAL J 14 30.32 27.67 -2.11
N SER J 15 31.27 28.56 -2.40
CA SER J 15 31.20 29.91 -1.84
C SER J 15 29.98 30.65 -2.34
N THR J 16 29.68 30.56 -3.65
CA THR J 16 28.52 31.26 -4.20
C THR J 16 27.23 30.73 -3.57
N LEU J 17 27.10 29.41 -3.47
CA LEU J 17 25.89 28.84 -2.89
C LEU J 17 25.73 29.26 -1.43
N LEU J 18 26.82 29.20 -0.66
CA LEU J 18 26.75 29.57 0.76
C LEU J 18 26.37 31.03 0.92
N GLY J 19 26.96 31.91 0.12
CA GLY J 19 26.64 33.32 0.22
C GLY J 19 25.18 33.62 -0.10
N LEU J 20 24.69 33.04 -1.21
CA LEU J 20 23.30 33.27 -1.59
C LEU J 20 22.33 32.74 -0.54
N VAL J 21 22.60 31.53 -0.01
CA VAL J 21 21.72 30.95 0.98
C VAL J 21 21.71 31.80 2.26
N MET J 22 22.89 32.24 2.70
CA MET J 22 22.95 33.05 3.90
C MET J 22 22.23 34.38 3.72
N ALA J 23 22.40 35.03 2.56
CA ALA J 23 21.74 36.31 2.34
C ALA J 23 20.22 36.15 2.33
N LEU J 24 19.72 35.13 1.63
CA LEU J 24 18.28 34.90 1.61
C LEU J 24 17.74 34.60 3.00
N LEU J 25 18.44 33.76 3.77
CA LEU J 25 18.00 33.43 5.11
C LEU J 25 17.97 34.67 6.00
N ILE J 26 19.00 35.53 5.90
CA ILE J 26 19.06 36.70 6.76
C ILE J 26 17.94 37.67 6.41
N HIS J 27 17.68 37.90 5.12
CA HIS J 27 16.55 38.75 4.75
C HIS J 27 15.23 38.18 5.24
N PHE J 28 15.02 36.87 5.11
CA PHE J 28 13.76 36.30 5.58
C PHE J 28 13.59 36.42 7.09
N VAL J 29 14.65 36.16 7.86
CA VAL J 29 14.55 36.31 9.31
C VAL J 29 14.28 37.75 9.71
N VAL J 30 14.97 38.69 9.06
CA VAL J 30 14.78 40.11 9.39
C VAL J 30 13.37 40.55 9.03
N LEU J 31 12.85 40.09 7.90
CA LEU J 31 11.48 40.45 7.53
C LEU J 31 10.46 39.85 8.49
N SER J 32 10.68 38.59 8.91
CA SER J 32 9.71 37.94 9.77
C SER J 32 9.75 38.47 11.20
N SER J 33 10.90 39.00 11.64
CA SER J 33 11.01 39.47 13.01
C SER J 33 10.05 40.61 13.31
N GLY J 34 9.79 41.46 12.32
CA GLY J 34 8.88 42.59 12.52
C GLY J 34 9.40 43.60 13.51
N ALA J 35 10.69 43.97 13.41
CA ALA J 35 11.30 44.91 14.34
C ALA J 35 11.91 46.12 13.64
N PHE J 36 11.67 46.30 12.34
CA PHE J 36 12.25 47.40 11.57
C PHE J 36 11.25 48.29 10.86
N ASN J 37 9.98 47.91 10.74
CA ASN J 37 8.99 48.68 9.98
C ASN J 37 9.38 48.75 8.51
N TRP J 38 9.54 47.58 7.90
CA TRP J 38 9.91 47.44 6.49
C TRP J 38 8.86 46.57 5.82
N LEU J 39 8.32 47.05 4.70
CA LEU J 39 7.22 46.39 4.01
C LEU J 39 5.99 46.33 4.91
N ARG J 40 5.59 47.51 5.41
CA ARG J 40 4.52 47.63 6.40
C ARG J 40 4.89 46.92 7.70
N ARG K 4 40.63 26.62 -18.21
CA ARG K 4 39.85 27.63 -17.50
C ARG K 4 38.69 26.99 -16.73
N PRO K 5 38.43 27.50 -15.53
CA PRO K 5 37.54 26.79 -14.59
C PRO K 5 36.12 26.58 -15.10
N PHE K 6 35.53 27.57 -15.76
CA PHE K 6 34.13 27.51 -16.15
C PHE K 6 33.97 27.90 -17.62
N GLU K 7 32.98 27.28 -18.26
CA GLU K 7 32.62 27.60 -19.63
C GLU K 7 31.61 28.73 -19.68
N PHE K 8 31.57 29.43 -20.80
CA PHE K 8 30.63 30.54 -20.97
C PHE K 8 29.19 30.05 -20.88
N ARG K 9 28.93 28.82 -21.36
CA ARG K 9 27.57 28.28 -21.31
C ARG K 9 27.07 28.15 -19.88
N THR K 10 27.89 27.57 -19.00
CA THR K 10 27.47 27.36 -17.61
C THR K 10 27.20 28.70 -16.92
N SER K 11 28.09 29.67 -17.13
CA SER K 11 27.90 30.99 -16.53
C SER K 11 26.63 31.64 -17.01
N VAL K 12 26.36 31.59 -18.32
CA VAL K 12 25.17 32.24 -18.86
C VAL K 12 23.91 31.57 -18.31
N VAL K 13 23.90 30.23 -18.30
CA VAL K 13 22.71 29.50 -17.83
C VAL K 13 22.44 29.81 -16.36
N VAL K 14 23.49 29.75 -15.53
CA VAL K 14 23.32 29.98 -14.11
C VAL K 14 22.85 31.40 -13.84
N SER K 15 23.46 32.38 -14.53
CA SER K 15 23.07 33.77 -14.31
C SER K 15 21.62 34.02 -14.72
N THR K 16 21.22 33.50 -15.88
CA THR K 16 19.85 33.71 -16.34
C THR K 16 18.84 33.08 -15.39
N LEU K 17 19.11 31.84 -14.97
CA LEU K 17 18.19 31.16 -14.06
C LEU K 17 18.10 31.89 -12.72
N LEU K 18 19.25 32.31 -12.18
CA LEU K 18 19.23 33.03 -10.91
C LEU K 18 18.47 34.33 -11.02
N GLY K 19 18.67 35.09 -12.09
CA GLY K 19 17.95 36.34 -12.26
C GLY K 19 16.45 36.13 -12.36
N LEU K 20 16.03 35.14 -13.15
CA LEU K 20 14.61 34.87 -13.31
C LEU K 20 13.97 34.45 -11.98
N VAL K 21 14.64 33.55 -11.25
CA VAL K 21 14.08 33.08 -9.98
C VAL K 21 14.00 34.20 -8.97
N MET K 22 15.05 35.03 -8.89
CA MET K 22 15.04 36.14 -7.95
C MET K 22 13.94 37.15 -8.27
N ALA K 23 13.76 37.47 -9.56
CA ALA K 23 12.71 38.40 -9.94
C ALA K 23 11.33 37.85 -9.59
N LEU K 24 11.09 36.57 -9.88
CA LEU K 24 9.79 35.98 -9.58
C LEU K 24 9.54 35.98 -8.07
N LEU K 25 10.56 35.61 -7.28
CA LEU K 25 10.38 35.57 -5.83
C LEU K 25 10.11 36.96 -5.26
N ILE K 26 10.83 37.98 -5.73
CA ILE K 26 10.64 39.33 -5.22
C ILE K 26 9.25 39.84 -5.58
N HIS K 27 8.81 39.59 -6.83
CA HIS K 27 7.47 40.00 -7.22
C HIS K 27 6.40 39.30 -6.38
N PHE K 28 6.57 38.01 -6.12
CA PHE K 28 5.61 37.27 -5.29
C PHE K 28 5.55 37.83 -3.88
N VAL K 29 6.71 38.08 -3.27
CA VAL K 29 6.74 38.58 -1.89
C VAL K 29 6.12 39.96 -1.81
N VAL K 30 6.44 40.84 -2.76
CA VAL K 30 5.87 42.19 -2.75
C VAL K 30 4.36 42.14 -2.94
N LEU K 31 3.87 41.25 -3.81
CA LEU K 31 2.43 41.13 -4.00
C LEU K 31 1.75 40.62 -2.74
N SER K 32 2.35 39.62 -2.08
CA SER K 32 1.71 39.02 -0.91
C SER K 32 1.75 39.96 0.30
N SER K 33 2.76 40.83 0.40
CA SER K 33 2.84 41.72 1.54
C SER K 33 1.65 42.69 1.59
N GLY K 34 1.13 43.10 0.44
CA GLY K 34 0.01 44.03 0.41
C GLY K 34 0.33 45.38 1.00
N ALA K 35 1.52 45.90 0.74
CA ALA K 35 1.96 47.17 1.29
C ALA K 35 2.07 48.26 0.25
N PHE K 36 1.55 48.05 -0.96
CA PHE K 36 1.71 49.01 -2.03
C PHE K 36 0.40 49.45 -2.68
N ASN K 37 -0.73 48.85 -2.34
CA ASN K 37 -2.01 49.20 -2.95
C ASN K 37 -1.95 48.98 -4.47
N TRP K 38 -1.71 47.73 -4.86
CA TRP K 38 -1.51 47.36 -6.24
C TRP K 38 -2.22 46.06 -6.56
N LEU K 39 -3.03 46.08 -7.61
CA LEU K 39 -3.76 44.94 -8.16
C LEU K 39 -4.87 44.46 -7.23
N ARG K 40 -5.12 45.17 -6.14
CA ARG K 40 -6.19 44.88 -5.20
C ARG K 40 -6.20 45.97 -4.14
N ALA K 41 -7.38 46.26 -3.61
CA ALA K 41 -7.53 47.29 -2.59
C ALA K 41 -6.67 47.01 -1.35
N ASN L 7 40.59 33.05 -32.34
CA ASN L 7 40.46 34.05 -31.29
C ASN L 7 41.15 35.37 -31.64
N ASP L 8 41.23 35.66 -32.93
CA ASP L 8 41.90 36.89 -33.37
C ASP L 8 41.17 38.14 -32.88
N LEU L 9 39.83 38.11 -32.86
CA LEU L 9 39.07 39.28 -32.44
C LEU L 9 39.14 39.53 -30.95
N VAL L 10 39.52 38.53 -30.15
CA VAL L 10 39.58 38.67 -28.70
C VAL L 10 40.79 39.52 -28.32
N PRO L 11 40.68 40.35 -27.28
CA PRO L 11 41.85 41.12 -26.83
C PRO L 11 42.94 40.20 -26.29
N ASP L 12 44.15 40.76 -26.20
CA ASP L 12 45.31 39.95 -25.85
C ASP L 12 45.21 39.39 -24.44
N GLN L 13 44.71 40.17 -23.48
CA GLN L 13 44.69 39.72 -22.10
C GLN L 13 43.74 38.57 -21.87
N TRP L 14 42.67 38.48 -22.66
CA TRP L 14 41.61 37.50 -22.44
C TRP L 14 41.67 36.34 -23.43
N LYS L 15 42.82 36.13 -24.06
CA LYS L 15 42.97 34.99 -24.97
C LYS L 15 42.74 33.64 -24.29
N PRO L 16 43.35 33.34 -23.12
CA PRO L 16 43.19 31.98 -22.56
C PRO L 16 41.84 31.71 -21.92
N LEU L 17 40.86 32.60 -22.10
CA LEU L 17 39.55 32.44 -21.49
C LEU L 17 38.38 32.56 -22.44
N PHE L 18 38.57 33.05 -23.66
CA PHE L 18 37.46 33.36 -24.55
C PHE L 18 37.71 32.82 -25.94
N ASN L 19 36.62 32.55 -26.64
CA ASN L 19 36.64 32.08 -28.02
C ASN L 19 36.42 33.26 -28.97
N ASN L 20 36.41 32.97 -30.27
CA ASN L 20 36.06 34.00 -31.24
C ASN L 20 34.56 34.27 -31.28
N ALA L 21 33.73 33.24 -31.12
CA ALA L 21 32.29 33.39 -31.17
C ALA L 21 31.69 33.74 -29.81
N GLN L 22 32.39 33.48 -28.72
CA GLN L 22 31.89 33.80 -27.39
C GLN L 22 32.05 35.27 -27.03
N TRP L 23 32.99 35.97 -27.67
CA TRP L 23 33.17 37.40 -27.44
C TRP L 23 31.91 38.17 -27.83
N LEU L 24 31.31 37.80 -28.97
CA LEU L 24 30.11 38.50 -29.45
C LEU L 24 28.94 38.29 -28.50
N VAL L 25 28.71 37.05 -28.08
CA VAL L 25 27.61 36.76 -27.16
C VAL L 25 27.84 37.44 -25.82
N HIS L 26 29.09 37.48 -25.37
CA HIS L 26 29.40 38.18 -24.12
C HIS L 26 29.09 39.66 -24.24
N ASP L 27 29.44 40.28 -25.38
CA ASP L 27 29.12 41.69 -25.58
C ASP L 27 27.61 41.93 -25.55
N ILE L 28 26.85 41.05 -26.20
CA ILE L 28 25.39 41.17 -26.19
C ILE L 28 24.86 41.09 -24.75
N VAL L 29 25.39 40.14 -23.97
CA VAL L 29 24.93 39.98 -22.59
C VAL L 29 25.25 41.22 -21.75
N VAL L 30 26.45 41.78 -21.92
CA VAL L 30 26.81 42.97 -21.16
C VAL L 30 25.90 44.14 -21.50
N LYS L 31 25.63 44.35 -22.79
CA LYS L 31 24.74 45.44 -23.17
C LYS L 31 23.34 45.24 -22.61
N THR L 32 22.83 44.00 -22.66
CA THR L 32 21.52 43.72 -22.11
C THR L 32 21.49 43.99 -20.60
N ILE L 33 22.55 43.62 -19.89
CA ILE L 33 22.60 43.84 -18.44
C ILE L 33 22.62 45.33 -18.13
N TYR L 34 23.37 46.11 -18.90
CA TYR L 34 23.41 47.55 -18.67
C TYR L 34 22.03 48.18 -18.89
N GLY L 35 21.36 47.80 -19.97
CA GLY L 35 20.03 48.34 -20.22
C GLY L 35 19.04 47.95 -19.13
N GLY L 36 19.09 46.69 -18.69
CA GLY L 36 18.22 46.26 -17.62
C GLY L 36 18.48 47.00 -16.32
N LEU L 37 19.75 47.27 -16.02
CA LEU L 37 20.08 48.01 -14.81
C LEU L 37 19.52 49.43 -14.86
N ILE L 38 19.64 50.10 -16.02
CA ILE L 38 19.10 51.44 -16.15
C ILE L 38 17.59 51.44 -15.96
N ILE L 39 16.91 50.49 -16.60
CA ILE L 39 15.45 50.41 -16.48
C ILE L 39 15.04 50.12 -15.03
N ALA L 40 15.78 49.24 -14.36
CA ALA L 40 15.47 48.91 -12.97
C ALA L 40 15.65 50.14 -12.07
N VAL L 41 16.70 50.93 -12.30
CA VAL L 41 16.91 52.12 -11.49
C VAL L 41 15.75 53.11 -11.69
N ILE L 42 15.32 53.30 -12.94
CA ILE L 42 14.21 54.21 -13.19
C ILE L 42 12.94 53.73 -12.51
N ALA L 43 12.66 52.42 -12.61
CA ALA L 43 11.46 51.87 -11.99
C ALA L 43 11.51 52.02 -10.47
N HIS L 44 12.68 51.80 -9.87
CA HIS L 44 12.82 51.96 -8.43
C HIS L 44 12.58 53.40 -8.00
N VAL L 45 13.11 54.36 -8.76
CA VAL L 45 12.90 55.76 -8.42
C VAL L 45 11.41 56.12 -8.51
N LEU L 46 10.73 55.64 -9.56
CA LEU L 46 9.31 55.92 -9.70
C LEU L 46 8.51 55.31 -8.54
N CYS L 47 8.82 54.06 -8.18
CA CYS L 47 8.09 53.41 -7.11
C CYS L 47 8.33 54.10 -5.77
N TRP L 48 9.56 54.58 -5.52
CA TRP L 48 9.82 55.32 -4.30
C TRP L 48 9.03 56.62 -4.28
N ALA L 49 8.99 57.33 -5.42
CA ALA L 49 8.20 58.55 -5.49
C ALA L 49 6.72 58.28 -5.28
N TRP L 50 6.27 57.06 -5.59
CA TRP L 50 4.87 56.71 -5.38
C TRP L 50 4.60 56.38 -3.92
N THR L 51 5.27 55.35 -3.39
CA THR L 51 5.03 54.90 -2.02
C THR L 51 6.31 54.42 -1.35
N PRO L 52 6.86 55.18 -0.40
CA PRO L 52 8.07 54.73 0.30
C PRO L 52 7.83 53.44 1.07
N TRP L 53 8.85 52.57 1.08
CA TRP L 53 8.75 51.27 1.72
C TRP L 53 9.57 51.15 3.00
N ILE L 54 10.45 52.10 3.29
CA ILE L 54 11.27 52.06 4.49
C ILE L 54 10.67 52.91 5.60
N ARG L 55 10.31 54.15 5.30
CA ARG L 55 9.66 55.03 6.26
C ARG L 55 10.54 55.30 7.48
N PRO M 6 19.75 -53.89 15.87
CA PRO M 6 18.96 -53.79 14.64
C PRO M 6 18.28 -52.43 14.50
N THR M 7 18.56 -51.74 13.39
CA THR M 7 18.00 -50.42 13.15
C THR M 7 17.70 -50.25 11.67
N LEU M 8 16.80 -49.32 11.37
CA LEU M 8 16.44 -48.99 10.00
C LEU M 8 17.13 -47.74 9.48
N PHE M 9 17.76 -46.95 10.36
CA PHE M 9 18.44 -45.73 9.98
C PHE M 9 19.87 -45.79 10.50
N PRO M 10 20.75 -46.54 9.83
CA PRO M 10 22.14 -46.62 10.29
C PRO M 10 22.86 -45.29 10.30
N GLU M 11 22.56 -44.40 9.36
CA GLU M 11 23.20 -43.10 9.33
C GLU M 11 22.81 -42.21 10.51
N ILE M 12 21.72 -42.53 11.20
CA ILE M 12 21.26 -41.71 12.31
C ILE M 12 21.49 -42.37 13.66
N THR M 13 21.47 -43.70 13.74
CA THR M 13 21.60 -44.41 15.00
C THR M 13 22.95 -45.12 15.15
N ASN M 14 23.88 -44.90 14.24
CA ASN M 14 25.21 -45.49 14.32
C ASN M 14 26.31 -44.46 14.42
N THR M 15 26.26 -43.41 13.60
CA THR M 15 27.29 -42.39 13.59
C THR M 15 27.07 -41.38 14.72
N VAL M 16 28.17 -40.86 15.25
CA VAL M 16 28.09 -39.91 16.36
C VAL M 16 27.49 -38.59 15.90
N ARG M 17 27.88 -38.12 14.72
CA ARG M 17 27.39 -36.83 14.24
C ARG M 17 25.87 -36.86 14.04
N GLY M 18 25.36 -37.95 13.47
CA GLY M 18 23.92 -38.10 13.36
C GLY M 18 23.23 -38.45 14.66
N ARG M 19 23.97 -39.03 15.60
CA ARG M 19 23.44 -39.36 16.91
C ARG M 19 23.32 -38.13 17.82
N PHE M 20 24.05 -37.06 17.51
CA PHE M 20 23.99 -35.84 18.30
C PHE M 20 22.72 -35.03 18.02
N TYR M 21 22.17 -35.14 16.80
CA TYR M 21 21.02 -34.34 16.42
C TYR M 21 19.78 -34.67 17.25
N ILE M 22 19.61 -35.94 17.63
CA ILE M 22 18.45 -36.34 18.43
C ILE M 22 18.46 -35.62 19.77
N VAL M 23 19.60 -35.66 20.46
CA VAL M 23 19.71 -34.99 21.75
C VAL M 23 19.59 -33.48 21.59
N ALA M 24 20.15 -32.93 20.49
CA ALA M 24 20.04 -31.50 20.26
C ALA M 24 18.58 -31.07 20.11
N GLY M 25 17.81 -31.83 19.33
CA GLY M 25 16.40 -31.49 19.15
C GLY M 25 15.60 -31.63 20.43
N ILE M 26 15.85 -32.70 21.19
CA ILE M 26 15.13 -32.89 22.45
C ILE M 26 15.43 -31.74 23.40
N ILE M 27 16.71 -31.35 23.51
CA ILE M 27 17.09 -30.25 24.39
C ILE M 27 16.45 -28.96 23.93
N SER M 28 16.39 -28.73 22.61
CA SER M 28 15.77 -27.51 22.10
C SER M 28 14.30 -27.43 22.50
N VAL M 29 13.57 -28.53 22.30
CA VAL M 29 12.15 -28.54 22.66
C VAL M 29 11.96 -28.31 24.15
N VAL M 30 12.77 -28.99 24.97
CA VAL M 30 12.64 -28.85 26.42
C VAL M 30 12.95 -27.42 26.85
N MET M 31 13.98 -26.81 26.27
CA MET M 31 14.34 -25.44 26.64
C MET M 31 13.24 -24.46 26.26
N ALA M 32 12.65 -24.61 25.07
CA ALA M 32 11.58 -23.72 24.66
C ALA M 32 10.38 -23.84 25.60
N VAL M 33 9.97 -25.07 25.90
CA VAL M 33 8.83 -25.28 26.79
C VAL M 33 9.10 -24.70 28.17
N ALA M 34 10.30 -24.96 28.70
CA ALA M 34 10.64 -24.48 30.04
C ALA M 34 10.65 -22.96 30.10
N SER M 35 11.24 -22.31 29.10
CA SER M 35 11.30 -20.85 29.10
C SER M 35 9.91 -20.24 29.03
N ILE M 36 9.05 -20.77 28.14
CA ILE M 36 7.70 -20.23 28.02
C ILE M 36 6.94 -20.40 29.33
N ALA M 37 6.99 -21.60 29.91
CA ALA M 37 6.26 -21.87 31.14
C ALA M 37 6.75 -21.01 32.28
N ILE M 38 8.07 -20.86 32.42
CA ILE M 38 8.60 -20.09 33.54
C ILE M 38 8.24 -18.62 33.40
N PHE M 39 8.36 -18.06 32.18
CA PHE M 39 8.02 -16.65 32.01
C PHE M 39 6.55 -16.40 32.34
N TRP M 40 5.66 -17.27 31.85
CA TRP M 40 4.25 -17.00 32.07
C TRP M 40 3.85 -17.26 33.52
N TRP M 41 4.47 -18.24 34.18
CA TRP M 41 4.22 -18.44 35.61
C TRP M 41 4.65 -17.23 36.43
N ILE M 42 5.85 -16.69 36.13
CA ILE M 42 6.32 -15.52 36.86
C ILE M 42 5.40 -14.33 36.61
N PHE M 43 4.96 -14.15 35.36
CA PHE M 43 4.08 -13.04 35.04
C PHE M 43 2.75 -13.15 35.77
N TYR M 44 2.17 -14.34 35.82
CA TYR M 44 0.86 -14.51 36.43
C TYR M 44 0.92 -14.62 37.94
N THR M 45 2.10 -14.83 38.52
CA THR M 45 2.19 -14.95 39.98
C THR M 45 2.37 -13.60 40.68
N ILE M 46 3.11 -12.67 40.08
CA ILE M 46 3.45 -11.42 40.74
C ILE M 46 2.56 -10.26 40.27
N THR M 47 1.45 -10.56 39.61
CA THR M 47 0.60 -9.48 39.13
C THR M 47 -0.61 -9.28 40.05
N PRO M 48 -1.00 -8.04 40.30
CA PRO M 48 -2.16 -7.79 41.17
C PRO M 48 -3.47 -8.21 40.48
N ALA M 49 -4.53 -8.26 41.28
CA ALA M 49 -5.85 -8.57 40.76
C ALA M 49 -6.27 -7.49 39.77
N PRO M 50 -6.71 -7.86 38.57
CA PRO M 50 -6.93 -6.84 37.52
C PRO M 50 -8.04 -5.85 37.83
N ALA M 51 -9.25 -6.35 38.09
CA ALA M 51 -10.45 -5.50 38.13
C ALA M 51 -11.10 -5.53 39.51
N PRO M 52 -10.83 -4.55 40.37
CA PRO M 52 -11.59 -4.42 41.61
C PRO M 52 -12.84 -3.59 41.39
N PRO M 53 -14.03 -4.19 41.55
CA PRO M 53 -15.26 -3.41 41.39
C PRO M 53 -15.42 -2.37 42.49
N LEU M 54 -16.14 -1.30 42.16
CA LEU M 54 -16.43 -0.24 43.10
C LEU M 54 -17.94 -0.10 43.24
N GLN M 55 -18.43 -0.16 44.47
CA GLN M 55 -19.85 -0.03 44.77
C GLN M 55 -20.06 1.19 45.66
N ASN M 56 -21.06 2.00 45.32
CA ASN M 56 -21.37 3.20 46.05
C ASN M 56 -22.86 3.47 45.84
N PRO M 57 -23.65 3.63 46.90
CA PRO M 57 -25.10 3.74 46.74
C PRO M 57 -25.58 5.02 46.07
N ILE M 58 -24.69 5.97 45.76
CA ILE M 58 -25.12 7.22 45.17
C ILE M 58 -24.39 7.46 43.84
N TYR M 59 -23.06 7.42 43.88
CA TYR M 59 -22.26 7.83 42.74
C TYR M 59 -21.99 6.67 41.80
N VAL M 60 -21.55 7.01 40.59
CA VAL M 60 -21.22 6.01 39.57
C VAL M 60 -19.71 6.07 39.36
N ASN M 61 -18.99 5.22 40.08
CA ASN M 61 -17.52 5.16 40.00
C ASN M 61 -16.89 6.43 40.58
N TYR M 62 -17.48 6.96 41.66
CA TYR M 62 -16.90 8.07 42.41
C TYR M 62 -17.09 7.80 43.88
N THR M 63 -16.14 8.26 44.70
CA THR M 63 -16.07 7.90 46.10
C THR M 63 -15.91 9.15 46.97
N GLN M 64 -16.47 9.09 48.18
CA GLN M 64 -16.23 10.14 49.16
C GLN M 64 -16.08 9.59 50.58
N GLU M 65 -15.94 8.28 50.75
CA GLU M 65 -15.86 7.69 52.08
C GLU M 65 -14.75 8.24 52.95
N PRO M 66 -13.51 8.41 52.48
CA PRO M 66 -12.50 9.07 53.33
C PRO M 66 -12.84 10.54 53.51
N THR M 67 -13.27 10.90 54.72
CA THR M 67 -13.76 12.25 55.01
C THR M 67 -12.87 12.97 56.01
N ASP M 68 -11.55 12.86 55.83
CA ASP M 68 -10.62 13.56 56.70
C ASP M 68 -10.67 15.08 56.53
N TYR M 69 -11.27 15.56 55.44
CA TYR M 69 -11.38 17.01 55.23
C TYR M 69 -12.34 17.66 56.22
N ILE M 70 -13.23 16.88 56.85
CA ILE M 70 -14.10 17.43 57.88
C ILE M 70 -13.29 17.67 59.15
N SER M 71 -13.45 18.86 59.73
CA SER M 71 -12.63 19.25 60.87
C SER M 71 -12.97 18.47 62.13
N ALA M 72 -14.08 17.74 62.14
CA ALA M 72 -14.60 16.92 63.23
C ALA M 72 -15.23 17.77 64.34
N GLU M 73 -15.16 19.10 64.27
CA GLU M 73 -15.91 19.95 65.19
C GLU M 73 -17.19 20.44 64.55
N SER M 74 -17.19 20.65 63.24
CA SER M 74 -18.43 20.94 62.52
C SER M 74 -19.41 19.79 62.66
N LEU M 75 -18.93 18.54 62.63
CA LEU M 75 -19.80 17.40 62.89
C LEU M 75 -20.37 17.46 64.30
N ALA M 76 -19.58 17.94 65.27
CA ALA M 76 -20.07 18.08 66.63
C ALA M 76 -21.19 19.11 66.71
N ALA M 77 -21.02 20.26 66.05
CA ALA M 77 -22.08 21.26 66.03
C ALA M 77 -23.27 20.83 65.19
N MET M 78 -23.08 19.89 64.27
CA MET M 78 -24.15 19.45 63.38
C MET M 78 -25.32 18.88 64.17
N ASN M 79 -25.03 17.98 65.11
CA ASN M 79 -26.08 17.34 65.89
C ASN M 79 -26.80 18.35 66.78
N ALA M 80 -26.07 19.29 67.36
CA ALA M 80 -26.71 20.31 68.18
C ALA M 80 -27.67 21.16 67.36
N TYR M 81 -27.23 21.57 66.16
CA TYR M 81 -28.13 22.33 65.29
C TYR M 81 -29.36 21.53 64.96
N ILE M 82 -29.14 20.29 64.55
CA ILE M 82 -30.26 19.47 64.11
C ILE M 82 -31.27 19.28 65.24
N GLN M 83 -30.78 19.05 66.47
CA GLN M 83 -31.68 18.88 67.61
C GLN M 83 -32.41 20.17 67.93
N ALA M 84 -31.75 21.31 67.79
CA ALA M 84 -32.39 22.58 68.11
C ALA M 84 -33.56 22.87 67.18
N ASN M 85 -33.38 22.65 65.87
CA ASN M 85 -34.37 23.03 64.87
C ASN M 85 -34.83 21.82 64.06
N PRO M 86 -36.02 21.29 64.34
CA PRO M 86 -36.51 20.14 63.54
C PRO M 86 -36.68 20.45 62.06
N GLN M 87 -37.07 21.68 61.72
CA GLN M 87 -37.27 22.09 60.33
C GLN M 87 -36.23 23.13 59.93
N PRO M 88 -35.86 23.20 58.65
CA PRO M 88 -34.90 24.21 58.21
C PRO M 88 -35.50 25.61 58.30
N GLN M 89 -34.62 26.59 58.51
CA GLN M 89 -35.02 27.98 58.59
C GLN M 89 -34.15 28.81 57.66
N ALA M 90 -34.78 29.74 56.94
CA ALA M 90 -34.09 30.61 56.00
C ALA M 90 -33.50 29.81 54.84
N VAL M 91 -34.29 28.89 54.29
CA VAL M 91 -33.90 28.11 53.12
C VAL M 91 -34.70 28.63 51.92
N GLN M 92 -34.02 28.82 50.80
CA GLN M 92 -34.64 29.40 49.61
C GLN M 92 -34.73 28.45 48.43
N VAL M 93 -34.00 27.33 48.43
CA VAL M 93 -34.02 26.41 47.30
C VAL M 93 -34.46 25.03 47.78
N LEU M 94 -33.73 24.46 48.73
CA LEU M 94 -34.02 23.12 49.24
C LEU M 94 -35.33 23.16 50.02
N LYS M 95 -36.40 22.67 49.40
CA LYS M 95 -37.72 22.67 50.01
C LYS M 95 -38.30 21.27 49.99
N GLY M 96 -39.15 20.98 50.96
CA GLY M 96 -39.70 19.65 51.11
C GLY M 96 -38.82 18.68 51.86
N MET M 97 -37.75 19.15 52.50
CA MET M 97 -36.84 18.32 53.24
C MET M 97 -36.68 18.84 54.66
N THR M 98 -36.40 17.93 55.58
CA THR M 98 -36.17 18.30 56.97
C THR M 98 -34.70 18.63 57.18
N THR M 99 -34.35 19.02 58.41
CA THR M 99 -32.97 19.38 58.69
C THR M 99 -32.04 18.17 58.59
N ALA M 100 -32.51 17.00 59.01
CA ALA M 100 -31.68 15.79 58.92
C ALA M 100 -31.37 15.44 57.47
N GLN M 101 -32.39 15.49 56.60
CA GLN M 101 -32.18 15.17 55.19
C GLN M 101 -31.29 16.21 54.52
N ILE M 102 -31.47 17.50 54.85
CA ILE M 102 -30.63 18.53 54.28
C ILE M 102 -29.18 18.35 54.75
N SER M 103 -28.99 17.99 56.01
CA SER M 103 -27.64 17.74 56.52
C SER M 103 -27.00 16.55 55.82
N ALA M 104 -27.77 15.49 55.58
CA ALA M 104 -27.24 14.34 54.86
C ALA M 104 -26.85 14.72 53.43
N TYR M 105 -27.69 15.52 52.78
CA TYR M 105 -27.37 16.00 51.43
C TYR M 105 -26.09 16.82 51.43
N MET M 106 -25.94 17.72 52.42
CA MET M 106 -24.75 18.54 52.51
C MET M 106 -23.50 17.71 52.76
N VAL M 107 -23.60 16.73 53.66
CA VAL M 107 -22.43 15.91 53.98
C VAL M 107 -22.02 15.04 52.80
N ALA M 108 -22.98 14.41 52.13
CA ALA M 108 -22.66 13.45 51.08
C ALA M 108 -22.44 14.12 49.74
N GLN M 109 -23.17 15.18 49.42
CA GLN M 109 -23.18 15.72 48.07
C GLN M 109 -22.39 17.03 47.96
N VAL M 110 -22.74 18.01 48.79
CA VAL M 110 -22.10 19.32 48.70
C VAL M 110 -20.64 19.24 49.14
N SER M 111 -20.38 18.60 50.27
CA SER M 111 -19.01 18.46 50.76
C SER M 111 -18.29 17.26 50.15
N GLY M 112 -19.02 16.18 49.86
CA GLY M 112 -18.40 15.04 49.21
C GLY M 112 -17.95 15.35 47.80
N GLY M 113 -18.73 16.17 47.07
CA GLY M 113 -18.38 16.51 45.70
C GLY M 113 -17.29 17.54 45.55
N LEU M 114 -17.05 18.36 46.59
CA LEU M 114 -16.04 19.39 46.54
C LEU M 114 -14.84 19.14 47.44
N LYS M 115 -14.97 18.25 48.43
CA LYS M 115 -13.88 17.93 49.34
C LYS M 115 -13.47 19.16 50.16
N VAL M 116 -14.46 19.80 50.78
CA VAL M 116 -14.23 20.99 51.57
C VAL M 116 -14.96 20.86 52.91
N ASP M 117 -14.51 21.65 53.87
CA ASP M 117 -15.09 21.65 55.21
C ASP M 117 -16.40 22.43 55.22
N CYS M 118 -17.18 22.24 56.28
CA CYS M 118 -18.46 22.93 56.41
C CYS M 118 -18.27 24.43 56.57
N SER M 119 -17.14 24.86 57.15
CA SER M 119 -16.86 26.28 57.33
C SER M 119 -16.45 26.98 56.04
N TYR M 120 -16.26 26.22 54.96
CA TYR M 120 -15.86 26.83 53.69
C TYR M 120 -16.93 27.79 53.18
N CYS M 121 -18.20 27.41 53.28
CA CYS M 121 -19.29 28.17 52.68
C CYS M 121 -20.06 29.00 53.71
N HIS M 122 -20.48 28.38 54.81
CA HIS M 122 -21.37 29.03 55.76
C HIS M 122 -21.06 28.63 57.19
N ASN M 123 -21.35 29.56 58.11
CA ASN M 123 -20.83 29.51 59.46
C ASN M 123 -21.34 28.30 60.25
N ILE M 124 -20.42 27.66 60.96
CA ILE M 124 -20.77 26.49 61.76
C ILE M 124 -21.53 26.89 63.01
N ALA M 125 -21.24 28.08 63.55
CA ALA M 125 -21.89 28.52 64.78
C ALA M 125 -23.40 28.67 64.60
N ASN M 126 -23.82 29.32 63.51
CA ASN M 126 -25.24 29.45 63.17
C ASN M 126 -25.35 29.15 61.68
N PHE M 127 -25.86 27.96 61.37
CA PHE M 127 -25.89 27.50 59.99
C PHE M 127 -26.83 28.31 59.11
N ALA M 128 -27.72 29.11 59.70
CA ALA M 128 -28.70 29.89 58.96
C ALA M 128 -28.24 31.31 58.64
N GLN M 129 -27.05 31.71 59.07
CA GLN M 129 -26.59 33.06 58.78
C GLN M 129 -26.34 33.23 57.28
N GLN M 130 -26.50 34.46 56.81
CA GLN M 130 -26.43 34.75 55.38
C GLN M 130 -25.20 35.57 55.01
N ASP M 131 -25.04 36.77 55.57
CA ASP M 131 -23.96 37.67 55.16
C ASP M 131 -23.28 38.31 56.36
N GLY M 132 -23.05 37.56 57.42
CA GLY M 132 -22.32 38.03 58.56
C GLY M 132 -20.89 37.54 58.66
N TYR M 133 -20.40 36.84 57.65
CA TYR M 133 -19.09 36.21 57.67
C TYR M 133 -18.41 36.43 56.33
N PRO M 134 -17.10 36.24 56.26
CA PRO M 134 -16.37 36.53 55.01
C PRO M 134 -16.55 35.47 53.92
N ASN M 135 -17.47 34.53 54.12
CA ASN M 135 -17.68 33.44 53.17
C ASN M 135 -19.09 33.40 52.61
N ALA M 136 -19.81 34.53 52.67
CA ALA M 136 -21.18 34.57 52.15
C ALA M 136 -21.20 34.44 50.63
N ALA M 137 -20.17 34.96 49.95
CA ALA M 137 -20.12 34.88 48.50
C ALA M 137 -20.08 33.44 48.03
N LYS M 138 -19.36 32.58 48.75
CA LYS M 138 -19.29 31.18 48.40
C LYS M 138 -20.67 30.53 48.50
N LYS M 139 -21.43 30.86 49.54
CA LYS M 139 -22.76 30.30 49.70
C LYS M 139 -23.70 30.80 48.60
N VAL M 140 -23.59 32.06 48.22
CA VAL M 140 -24.41 32.58 47.12
C VAL M 140 -24.07 31.85 45.83
N THR M 141 -22.77 31.65 45.56
CA THR M 141 -22.36 30.91 44.37
C THR M 141 -22.87 29.47 44.42
N ALA M 142 -22.89 28.87 45.61
CA ALA M 142 -23.42 27.51 45.75
C ALA M 142 -24.91 27.46 45.43
N ARG M 143 -25.66 28.45 45.89
CA ARG M 143 -27.09 28.49 45.56
C ARG M 143 -27.32 28.64 44.06
N LYS M 144 -26.53 29.51 43.42
CA LYS M 144 -26.61 29.66 41.98
C LYS M 144 -26.24 28.35 41.27
N MET M 145 -25.23 27.65 41.79
CA MET M 145 -24.86 26.35 41.24
C MET M 145 -26.00 25.35 41.35
N MET M 146 -26.69 25.33 42.49
CA MET M 146 -27.83 24.43 42.66
C MET M 146 -28.94 24.74 41.67
N LEU M 147 -29.25 26.03 41.49
CA LEU M 147 -30.28 26.39 40.51
C LEU M 147 -29.87 26.00 39.09
N MET M 148 -28.60 26.21 38.74
CA MET M 148 -28.10 25.78 37.43
C MET M 148 -28.22 24.28 37.25
N SER M 149 -27.88 23.51 38.29
CA SER M 149 -27.97 22.06 38.21
C SER M 149 -29.41 21.61 38.01
N ALA M 150 -30.35 22.24 38.73
CA ALA M 150 -31.75 21.91 38.57
C ALA M 150 -32.23 22.22 37.15
N ASP M 151 -31.81 23.38 36.61
CA ASP M 151 -32.18 23.73 35.24
C ASP M 151 -31.65 22.71 34.25
N LEU M 152 -30.37 22.34 34.39
CA LEU M 152 -29.77 21.37 33.47
C LEU M 152 -30.46 20.02 33.56
N ASN M 153 -30.82 19.60 34.78
CA ASN M 153 -31.48 18.31 34.94
C ASN M 153 -32.87 18.30 34.34
N GLN M 154 -33.65 19.35 34.59
CA GLN M 154 -35.05 19.34 34.16
C GLN M 154 -35.24 19.79 32.72
N ASN M 155 -34.22 20.33 32.05
CA ASN M 155 -34.40 20.75 30.67
C ASN M 155 -33.70 19.87 29.64
N TYR M 156 -32.61 19.19 29.99
CA TYR M 156 -31.84 18.45 29.00
C TYR M 156 -31.73 16.96 29.31
N THR M 157 -31.41 16.58 30.55
CA THR M 157 -31.28 15.17 30.87
C THR M 157 -32.60 14.42 30.74
N ALA M 158 -33.73 15.09 30.93
CA ALA M 158 -35.02 14.41 30.84
C ALA M 158 -35.36 13.99 29.41
N LYS M 159 -34.71 14.58 28.41
CA LYS M 159 -34.99 14.22 27.02
C LYS M 159 -34.34 12.92 26.61
N LEU M 160 -33.31 12.47 27.31
CA LEU M 160 -32.65 11.23 26.96
C LEU M 160 -33.56 10.05 27.30
N PRO M 161 -33.53 8.98 26.50
CA PRO M 161 -34.38 7.82 26.79
C PRO M 161 -33.95 7.11 28.06
N ALA M 162 -34.88 6.30 28.58
CA ALA M 162 -34.62 5.51 29.78
C ALA M 162 -33.57 4.42 29.55
N SER M 163 -33.23 4.12 28.30
CA SER M 163 -32.21 3.11 28.01
C SER M 163 -30.85 3.52 28.58
N VAL M 164 -30.52 4.82 28.49
CA VAL M 164 -29.24 5.29 28.99
C VAL M 164 -29.15 5.13 30.51
N GLY M 165 -30.30 5.16 31.19
CA GLY M 165 -30.38 5.08 32.63
C GLY M 165 -31.20 6.23 33.16
N GLY M 166 -30.94 6.60 34.41
CA GLY M 166 -31.60 7.72 35.02
C GLY M 166 -30.63 8.59 35.80
N TYR M 167 -29.38 8.63 35.35
CA TYR M 167 -28.34 9.34 36.07
C TYR M 167 -28.61 10.85 36.06
N GLN M 168 -28.33 11.48 37.19
CA GLN M 168 -28.54 12.91 37.37
C GLN M 168 -27.20 13.64 37.43
N ILE M 169 -27.27 14.96 37.37
CA ILE M 169 -26.10 15.82 37.47
C ILE M 169 -26.04 16.43 38.85
N THR M 170 -24.87 16.38 39.48
CA THR M 170 -24.69 16.86 40.84
C THR M 170 -23.36 17.62 40.87
N CYS M 171 -22.94 18.11 42.04
CA CYS M 171 -21.71 18.89 42.16
C CYS M 171 -20.50 18.09 41.70
N ALA M 172 -20.40 16.82 42.12
CA ALA M 172 -19.24 16.00 41.79
C ALA M 172 -19.14 15.68 40.31
N THR M 173 -20.21 15.86 39.53
CA THR M 173 -20.13 15.62 38.10
C THR M 173 -19.14 16.56 37.43
N CYS M 174 -19.15 17.84 37.81
CA CYS M 174 -18.24 18.82 37.25
C CYS M 174 -17.04 19.11 38.13
N HIS M 175 -17.18 18.99 39.45
CA HIS M 175 -16.08 19.35 40.35
C HIS M 175 -15.12 18.19 40.55
N ASN M 176 -15.63 16.98 40.79
CA ASN M 176 -14.80 15.78 40.91
C ASN M 176 -13.81 15.88 42.06
N GLY M 177 -14.23 16.51 43.16
CA GLY M 177 -13.40 16.57 44.35
C GLY M 177 -12.48 17.76 44.43
N LYS M 178 -12.72 18.81 43.64
CA LYS M 178 -11.94 20.04 43.72
C LYS M 178 -12.89 21.21 43.94
N ALA M 179 -12.53 22.08 44.89
CA ALA M 179 -13.36 23.25 45.17
C ALA M 179 -13.28 24.27 44.04
N ALA M 180 -12.08 24.53 43.55
CA ALA M 180 -11.87 25.49 42.48
C ALA M 180 -10.71 25.04 41.62
N GLY M 181 -10.33 25.86 40.65
CA GLY M 181 -9.25 25.52 39.75
C GLY M 181 -9.55 24.35 38.84
N LEU M 182 -10.79 24.25 38.35
CA LEU M 182 -11.13 23.19 37.42
C LEU M 182 -10.37 23.37 36.11
N GLU M 183 -10.13 22.26 35.42
CA GLU M 183 -9.31 22.24 34.21
C GLU M 183 -10.06 21.58 33.06
N PRO M 184 -10.96 22.31 32.42
CA PRO M 184 -11.42 21.88 31.08
C PRO M 184 -10.29 22.04 30.08
N TYR M 185 -10.21 21.10 29.15
CA TYR M 185 -9.11 21.07 28.19
C TYR M 185 -7.75 20.97 28.87
N PRO M 186 -7.48 19.90 29.62
CA PRO M 186 -6.13 19.72 30.16
C PRO M 186 -5.15 19.30 29.08
N ILE M 187 -3.87 19.36 29.41
CA ILE M 187 -2.82 19.12 28.42
C ILE M 187 -2.82 17.67 27.94
N GLU M 188 -3.21 16.74 28.81
CA GLU M 188 -3.15 15.33 28.42
C GLU M 188 -4.19 14.99 27.36
N ILE M 189 -5.30 15.72 27.29
CA ILE M 189 -6.32 15.48 26.28
C ILE M 189 -6.11 16.31 25.03
N MET M 190 -5.12 17.20 25.01
CA MET M 190 -4.82 18.04 23.87
C MET M 190 -3.69 17.44 23.02
N ASN M 191 -3.62 16.11 22.98
CA ASN M 191 -2.49 15.41 22.41
C ASN M 191 -2.30 15.72 20.92
N THR M 192 -3.26 15.32 20.09
CA THR M 192 -3.13 15.45 18.64
C THR M 192 -3.58 16.82 18.12
N LEU M 193 -4.34 17.57 18.91
CA LEU M 193 -4.92 18.83 18.50
C LEU M 193 -3.98 19.99 18.75
N PRO M 194 -4.20 21.12 18.09
CA PRO M 194 -3.46 22.34 18.46
C PRO M 194 -3.75 22.73 19.90
N ASN M 195 -2.75 23.31 20.56
CA ASN M 195 -2.84 23.54 22.01
C ASN M 195 -3.85 24.61 22.38
N ASP M 196 -4.30 25.43 21.44
CA ASP M 196 -5.24 26.51 21.74
C ASP M 196 -6.62 26.27 21.14
N TRP M 197 -6.95 25.02 20.81
CA TRP M 197 -8.26 24.72 20.23
C TRP M 197 -9.31 24.65 21.32
N ARG M 198 -10.51 25.17 21.01
CA ARG M 198 -11.66 25.10 21.89
C ARG M 198 -12.89 24.69 21.08
N LEU M 199 -13.89 24.17 21.78
CA LEU M 199 -15.10 23.74 21.12
C LEU M 199 -15.82 24.95 20.49
N PRO M 200 -16.35 24.82 19.28
CA PRO M 200 -17.05 25.94 18.61
C PRO M 200 -18.50 26.10 19.08
N LEU M 201 -18.66 26.77 20.22
CA LEU M 201 -19.95 26.85 20.90
C LEU M 201 -20.79 28.04 20.43
N GLU M 202 -20.55 28.55 19.23
CA GLU M 202 -21.32 29.66 18.68
C GLU M 202 -22.14 29.25 17.45
N LEU M 203 -22.35 27.95 17.26
CA LEU M 203 -23.01 27.42 16.09
C LEU M 203 -24.28 26.67 16.47
N ASP M 204 -25.07 26.32 15.47
CA ASP M 204 -26.30 25.55 15.66
C ASP M 204 -26.02 24.09 15.30
N TYR M 205 -25.89 23.25 16.32
CA TYR M 205 -25.40 21.88 16.21
C TYR M 205 -26.29 20.90 15.46
N PRO M 206 -27.60 21.10 15.35
CA PRO M 206 -28.38 20.28 14.41
C PRO M 206 -27.84 20.34 12.98
N GLY M 207 -27.16 21.42 12.61
CA GLY M 207 -26.48 21.47 11.33
C GLY M 207 -25.14 22.19 11.37
N GLY M 208 -24.57 22.33 12.58
CA GLY M 208 -23.36 23.13 12.73
C GLY M 208 -22.14 22.55 12.06
N LEU M 209 -21.92 21.25 12.19
CA LEU M 209 -20.69 20.59 11.74
C LEU M 209 -20.92 19.67 10.55
N VAL M 210 -21.75 20.09 9.60
CA VAL M 210 -22.03 19.32 8.41
C VAL M 210 -21.09 19.74 7.30
N VAL M 211 -20.45 18.77 6.64
CA VAL M 211 -19.47 19.09 5.61
C VAL M 211 -19.69 18.25 4.35
N THR M 212 -20.50 17.20 4.44
CA THR M 212 -20.58 16.22 3.36
C THR M 212 -21.28 16.80 2.15
N GLY M 213 -20.54 16.96 1.05
CA GLY M 213 -21.10 17.42 -0.20
C GLY M 213 -21.61 18.85 -0.20
N ARG M 214 -21.20 19.65 0.78
CA ARG M 214 -21.74 21.00 0.89
C ARG M 214 -21.36 21.86 -0.31
N LYS M 215 -20.10 21.77 -0.73
CA LYS M 215 -19.59 22.44 -1.93
C LYS M 215 -19.42 23.95 -1.73
N ASP M 216 -19.85 24.46 -0.59
CA ASP M 216 -19.53 25.82 -0.17
C ASP M 216 -18.45 25.87 0.91
N VAL M 217 -17.91 24.71 1.29
CA VAL M 217 -16.82 24.63 2.26
C VAL M 217 -15.65 23.92 1.61
N SER M 218 -14.55 23.77 2.34
CA SER M 218 -13.36 23.13 1.80
C SER M 218 -12.64 22.43 2.95
N ASN M 219 -11.36 22.12 2.75
CA ASN M 219 -10.63 21.28 3.70
C ASN M 219 -10.46 21.92 5.07
N HIS M 220 -10.55 23.25 5.18
CA HIS M 220 -10.41 23.88 6.49
C HIS M 220 -11.61 23.56 7.40
N GLU M 221 -12.82 23.62 6.84
CA GLU M 221 -14.00 23.25 7.62
C GLU M 221 -13.97 21.78 8.00
N VAL M 222 -13.48 20.93 7.09
CA VAL M 222 -13.35 19.51 7.41
C VAL M 222 -12.33 19.30 8.53
N GLU M 223 -11.27 20.10 8.53
CA GLU M 223 -10.28 20.01 9.60
C GLU M 223 -10.88 20.40 10.95
N GLN M 224 -11.68 21.47 10.97
CA GLN M 224 -12.34 21.87 12.21
C GLN M 224 -13.30 20.79 12.69
N ASN M 225 -14.07 20.20 11.76
CA ASN M 225 -14.95 19.10 12.10
C ASN M 225 -14.18 17.93 12.69
N GLN M 226 -13.02 17.62 12.11
CA GLN M 226 -12.20 16.51 12.60
C GLN M 226 -11.65 16.79 13.99
N PHE M 227 -11.26 18.04 14.26
CA PHE M 227 -10.82 18.39 15.61
C PHE M 227 -11.93 18.16 16.63
N ALA M 228 -13.15 18.62 16.31
CA ALA M 228 -14.27 18.42 17.23
C ALA M 228 -14.57 16.94 17.42
N MET M 229 -14.52 16.17 16.33
CA MET M 229 -14.84 14.75 16.42
C MET M 229 -13.81 13.98 17.24
N TYR M 230 -12.53 14.30 17.07
CA TYR M 230 -11.52 13.62 17.89
C TYR M 230 -11.62 14.03 19.35
N HIS M 231 -12.00 15.28 19.63
CA HIS M 231 -12.28 15.66 21.01
C HIS M 231 -13.41 14.82 21.59
N MET M 232 -14.46 14.59 20.79
CA MET M 232 -15.56 13.75 21.26
C MET M 232 -15.12 12.32 21.49
N ASN M 233 -14.20 11.81 20.66
CA ASN M 233 -13.64 10.48 20.90
C ASN M 233 -12.87 10.41 22.21
N VAL M 234 -11.99 11.37 22.45
CA VAL M 234 -11.11 11.31 23.62
C VAL M 234 -11.92 11.42 24.91
N SER M 235 -12.99 12.22 24.90
CA SER M 235 -13.83 12.38 26.07
C SER M 235 -14.54 11.10 26.47
N MET M 236 -14.56 10.10 25.59
CA MET M 236 -15.05 8.76 25.90
C MET M 236 -13.93 7.78 25.58
N GLY M 237 -14.21 6.49 25.59
CA GLY M 237 -13.17 5.54 25.25
C GLY M 237 -13.59 4.49 24.25
N GLN M 238 -14.46 4.87 23.31
CA GLN M 238 -15.09 3.90 22.43
C GLN M 238 -14.73 4.02 20.96
N GLY M 239 -13.95 5.03 20.58
CA GLY M 239 -13.55 5.17 19.19
C GLY M 239 -14.61 5.84 18.34
N CYS M 240 -14.27 6.00 17.06
CA CYS M 240 -15.06 6.84 16.17
C CYS M 240 -16.38 6.21 15.78
N THR M 241 -16.54 4.91 15.96
CA THR M 241 -17.77 4.20 15.63
C THR M 241 -18.80 4.24 16.75
N PHE M 242 -18.51 4.89 17.88
CA PHE M 242 -19.46 4.90 18.99
C PHE M 242 -20.79 5.53 18.58
N CYS M 243 -20.74 6.61 17.80
CA CYS M 243 -21.93 7.30 17.34
C CYS M 243 -22.14 7.22 15.84
N HIS M 244 -21.24 6.60 15.08
CA HIS M 244 -21.26 6.70 13.62
C HIS M 244 -21.22 5.30 12.99
N ASN M 245 -21.59 5.27 11.72
CA ASN M 245 -21.28 4.16 10.82
C ASN M 245 -20.36 4.71 9.75
N ALA M 246 -19.16 4.11 9.63
CA ALA M 246 -18.11 4.73 8.82
C ALA M 246 -18.43 4.67 7.33
N ARG M 247 -19.36 3.82 6.92
CA ARG M 247 -19.74 3.76 5.51
C ARG M 247 -20.42 5.04 5.07
N TYR M 248 -21.22 5.64 5.94
CA TYR M 248 -21.90 6.90 5.63
C TYR M 248 -22.00 7.70 6.93
N PHE M 249 -21.19 8.74 7.05
CA PHE M 249 -21.22 9.57 8.26
C PHE M 249 -22.53 10.33 8.47
N PRO M 250 -23.18 10.90 7.45
CA PRO M 250 -24.43 11.64 7.72
C PRO M 250 -25.58 10.81 8.27
N SER M 251 -25.46 9.48 8.29
CA SER M 251 -26.58 8.64 8.72
C SER M 251 -26.86 8.81 10.22
N TYR M 252 -28.14 8.69 10.57
CA TYR M 252 -28.60 8.72 11.96
C TYR M 252 -29.19 7.34 12.26
N GLU M 253 -28.33 6.42 12.70
CA GLU M 253 -28.76 5.05 12.94
C GLU M 253 -28.19 4.39 14.19
N ILE M 254 -27.19 4.99 14.84
CA ILE M 254 -26.54 4.33 15.98
C ILE M 254 -27.19 4.69 17.30
N ALA M 255 -28.00 5.74 17.36
CA ALA M 255 -28.83 6.16 18.47
C ALA M 255 -28.07 6.89 19.57
N GLN M 256 -26.73 6.95 19.52
CA GLN M 256 -25.99 7.84 20.40
C GLN M 256 -25.63 9.16 19.72
N LYS M 257 -26.08 9.37 18.49
CA LYS M 257 -25.82 10.64 17.81
C LYS M 257 -26.87 11.69 18.16
N ASN M 258 -28.13 11.28 18.36
CA ASN M 258 -29.13 12.18 18.90
C ASN M 258 -28.81 12.58 20.34
N HIS M 259 -28.29 11.64 21.12
CA HIS M 259 -27.82 11.95 22.46
C HIS M 259 -26.72 12.99 22.42
N SER M 260 -25.82 12.87 21.43
CA SER M 260 -24.77 13.86 21.26
C SER M 260 -25.33 15.22 20.86
N ILE M 261 -26.41 15.22 20.06
CA ILE M 261 -27.06 16.49 19.72
C ILE M 261 -27.61 17.17 20.98
N ILE M 262 -28.27 16.39 21.84
CA ILE M 262 -28.82 16.96 23.07
C ILE M 262 -27.71 17.46 23.98
N MET M 263 -26.62 16.69 24.08
CA MET M 263 -25.45 17.11 24.85
C MET M 263 -24.85 18.40 24.31
N LEU M 264 -24.74 18.53 22.98
CA LEU M 264 -24.19 19.74 22.39
C LEU M 264 -25.07 20.96 22.69
N GLN M 265 -26.39 20.79 22.58
CA GLN M 265 -27.29 21.89 22.92
C GLN M 265 -27.17 22.27 24.39
N MET M 266 -27.04 21.26 25.26
CA MET M 266 -26.83 21.54 26.68
C MET M 266 -25.55 22.31 26.93
N THR M 267 -24.46 21.92 26.27
CA THR M 267 -23.20 22.62 26.44
C THR M 267 -23.28 24.06 25.95
N LYS M 268 -23.96 24.28 24.82
CA LYS M 268 -24.15 25.64 24.33
C LYS M 268 -24.97 26.48 25.30
N HIS M 269 -26.01 25.89 25.89
CA HIS M 269 -26.80 26.61 26.89
C HIS M 269 -25.93 26.98 28.10
N ILE M 270 -25.10 26.04 28.55
CA ILE M 270 -24.21 26.34 29.68
C ILE M 270 -23.26 27.47 29.32
N GLN M 271 -22.73 27.47 28.10
CA GLN M 271 -21.80 28.52 27.68
C GLN M 271 -22.49 29.88 27.64
N GLU M 272 -23.70 29.95 27.10
CA GLU M 272 -24.34 31.23 26.86
C GLU M 272 -25.22 31.71 28.00
N THR M 273 -25.42 30.91 29.04
CA THR M 273 -26.25 31.35 30.16
C THR M 273 -25.50 31.50 31.48
N TYR M 274 -24.45 30.70 31.71
CA TYR M 274 -23.76 30.73 33.00
C TYR M 274 -22.30 31.10 32.89
N VAL M 275 -21.61 30.65 31.84
CA VAL M 275 -20.19 30.95 31.73
C VAL M 275 -19.98 32.43 31.43
N ALA M 276 -20.76 32.98 30.50
CA ALA M 276 -20.56 34.37 30.10
C ALA M 276 -21.79 34.95 29.42
N PRO M 277 -22.85 35.27 30.17
CA PRO M 277 -23.99 35.97 29.57
C PRO M 277 -23.70 37.46 29.45
N GLY M 278 -23.45 37.91 28.23
CA GLY M 278 -23.13 39.30 27.98
C GLY M 278 -21.88 39.78 28.72
N GLY M 279 -20.83 38.96 28.69
CA GLY M 279 -19.61 39.29 29.40
C GLY M 279 -19.28 38.28 30.47
N ARG M 280 -18.16 37.56 30.32
CA ARG M 280 -17.81 36.53 31.28
C ARG M 280 -17.41 37.14 32.62
N ILE M 281 -16.81 38.34 32.60
CA ILE M 281 -16.30 38.92 33.83
C ILE M 281 -17.44 39.36 34.75
N ALA M 282 -18.47 39.97 34.17
CA ALA M 282 -19.59 40.50 34.95
C ALA M 282 -20.86 39.71 34.66
N ASP M 283 -21.62 39.43 35.71
CA ASP M 283 -22.90 38.73 35.64
C ASP M 283 -22.75 37.27 35.25
N GLY M 284 -21.57 36.69 35.45
CA GLY M 284 -21.36 35.30 35.09
C GLY M 284 -20.60 34.49 36.11
N ILE M 285 -21.21 33.40 36.58
CA ILE M 285 -20.55 32.45 37.46
C ILE M 285 -19.61 31.60 36.61
N MET M 286 -18.76 30.82 37.27
CA MET M 286 -17.76 29.90 36.70
C MET M 286 -16.45 30.60 36.36
N ALA M 287 -16.32 31.90 36.59
CA ALA M 287 -15.05 32.61 36.39
C ALA M 287 -14.59 32.55 34.94
N GLY M 288 -15.54 32.50 34.01
CA GLY M 288 -15.21 32.52 32.60
C GLY M 288 -14.46 31.31 32.10
N LYS M 289 -14.87 30.11 32.52
CA LYS M 289 -14.32 28.87 32.02
C LYS M 289 -15.37 28.16 31.17
N SER M 290 -15.04 27.91 29.91
CA SER M 290 -16.00 27.32 29.00
C SER M 290 -16.16 25.83 29.30
N PRO M 291 -17.36 25.28 29.14
CA PRO M 291 -17.56 23.85 29.41
C PRO M 291 -16.97 22.97 28.31
N SER M 292 -16.80 21.70 28.64
CA SER M 292 -16.25 20.72 27.73
C SER M 292 -16.87 19.36 28.02
N CYS M 293 -16.83 18.48 27.02
CA CYS M 293 -17.32 17.12 27.22
C CYS M 293 -16.45 16.38 28.24
N TRP M 294 -15.13 16.57 28.17
CA TRP M 294 -14.21 15.93 29.10
C TRP M 294 -14.43 16.37 30.53
N LEU M 295 -15.00 17.57 30.75
CA LEU M 295 -15.19 18.07 32.11
C LEU M 295 -16.09 17.14 32.92
N CYS M 296 -17.17 16.65 32.32
CA CYS M 296 -18.08 15.73 32.99
C CYS M 296 -17.75 14.27 32.70
N HIS M 297 -17.51 13.93 31.43
CA HIS M 297 -17.45 12.52 31.06
C HIS M 297 -16.14 11.87 31.48
N GLN M 298 -15.03 12.60 31.38
CA GLN M 298 -13.72 12.17 31.91
C GLN M 298 -13.26 10.85 31.30
N GLY M 299 -13.53 10.65 30.02
CA GLY M 299 -13.10 9.44 29.34
C GLY M 299 -13.97 8.23 29.59
N ALA M 300 -15.27 8.43 29.74
CA ALA M 300 -16.19 7.33 29.97
C ALA M 300 -17.55 7.68 29.37
N ASN M 301 -18.35 6.64 29.11
CA ASN M 301 -19.68 6.86 28.55
C ASN M 301 -20.57 7.61 29.52
N ILE M 302 -20.56 7.21 30.78
CA ILE M 302 -21.34 7.85 31.83
C ILE M 302 -20.37 8.55 32.77
N PRO M 303 -20.62 9.81 33.14
CA PRO M 303 -19.68 10.54 33.99
C PRO M 303 -19.50 9.87 35.34
N PRO M 304 -18.26 9.79 35.83
CA PRO M 304 -18.04 9.22 37.17
C PRO M 304 -18.73 9.99 38.28
N GLY M 305 -18.91 11.29 38.13
CA GLY M 305 -19.60 12.06 39.14
C GLY M 305 -21.10 12.01 39.08
N ALA M 306 -21.67 11.30 38.11
CA ALA M 306 -23.12 11.21 37.99
C ALA M 306 -23.71 10.44 39.17
N ALA M 307 -24.91 10.85 39.56
CA ALA M 307 -25.64 10.21 40.65
C ALA M 307 -26.67 9.24 40.10
N LYS M 308 -26.89 8.16 40.84
CA LYS M 308 -27.87 7.16 40.44
C LYS M 308 -29.29 7.72 40.59
N PRO M 309 -30.26 7.11 39.91
CA PRO M 309 -31.63 7.63 39.97
C PRO M 309 -32.20 7.60 41.39
N GLY M 310 -32.96 8.63 41.71
CA GLY M 310 -33.60 8.75 43.01
C GLY M 310 -32.72 9.25 44.13
N GLN M 311 -31.46 9.61 43.84
CA GLN M 311 -30.52 9.99 44.88
C GLN M 311 -30.60 11.47 45.23
N VAL M 312 -30.64 12.34 44.21
CA VAL M 312 -30.66 13.78 44.44
C VAL M 312 -32.01 14.19 45.03
N PRO M 313 -32.10 15.34 45.69
CA PRO M 313 -33.40 15.80 46.18
C PRO M 313 -34.38 16.02 45.04
N ALA M 314 -35.67 15.80 45.34
CA ALA M 314 -36.69 15.90 44.30
C ALA M 314 -36.80 17.30 43.74
N VAL M 315 -36.43 18.33 44.52
CA VAL M 315 -36.48 19.69 44.02
C VAL M 315 -35.47 19.88 42.88
N LEU M 316 -34.32 19.21 42.98
CA LEU M 316 -33.30 19.26 41.94
C LEU M 316 -33.42 18.11 40.94
N SER M 317 -34.36 17.19 41.15
CA SER M 317 -34.49 16.02 40.29
C SER M 317 -35.08 16.41 38.93
N SER M 318 -34.91 15.51 37.96
CA SER M 318 -35.46 15.74 36.63
C SER M 318 -36.99 15.64 36.64
N THR M 319 -37.56 14.96 37.62
CA THR M 319 -39.02 14.81 37.75
C THR M 319 -39.43 15.16 39.18
N PRO M 320 -39.42 16.47 39.52
CA PRO M 320 -39.76 16.95 40.86
C PRO M 320 -41.17 16.56 41.29
N ARG N 4 30.02 27.01 -31.23
CA ARG N 4 29.29 28.13 -30.64
C ARG N 4 28.68 27.75 -29.30
N PRO N 5 28.35 28.76 -28.49
CA PRO N 5 27.79 28.49 -27.15
C PRO N 5 26.51 27.68 -27.18
N PHE N 6 25.48 28.17 -27.86
CA PHE N 6 24.18 27.53 -27.84
C PHE N 6 23.65 27.36 -29.26
N GLU N 7 22.85 26.32 -29.44
CA GLU N 7 22.18 26.09 -30.71
C GLU N 7 20.94 26.97 -30.82
N PHE N 8 20.55 27.26 -32.07
CA PHE N 8 19.33 28.03 -32.29
C PHE N 8 18.10 27.28 -31.80
N ARG N 9 18.11 25.96 -31.95
CA ARG N 9 16.98 25.14 -31.51
C ARG N 9 16.70 25.31 -30.02
N THR N 10 17.74 25.18 -29.20
CA THR N 10 17.55 25.26 -27.75
C THR N 10 17.05 26.65 -27.35
N SER N 11 17.62 27.70 -27.94
CA SER N 11 17.18 29.06 -27.61
C SER N 11 15.72 29.25 -27.99
N VAL N 12 15.31 28.77 -29.16
CA VAL N 12 13.92 28.91 -29.58
C VAL N 12 12.99 28.17 -28.63
N VAL N 13 13.35 26.93 -28.28
CA VAL N 13 12.49 26.12 -27.41
C VAL N 13 12.34 26.78 -26.04
N VAL N 14 13.45 27.20 -25.44
CA VAL N 14 13.39 27.79 -24.10
C VAL N 14 12.62 29.10 -24.13
N SER N 15 12.86 29.94 -25.14
CA SER N 15 12.15 31.22 -25.21
C SER N 15 10.65 31.01 -25.37
N THR N 16 10.26 30.09 -26.26
CA THR N 16 8.83 29.85 -26.48
C THR N 16 8.16 29.31 -25.23
N LEU N 17 8.80 28.32 -24.57
CA LEU N 17 8.19 27.73 -23.38
C LEU N 17 8.08 28.74 -22.25
N LEU N 18 9.14 29.54 -22.05
CA LEU N 18 9.11 30.56 -21.00
C LEU N 18 8.02 31.59 -21.28
N GLY N 19 7.88 32.01 -22.53
CA GLY N 19 6.83 32.96 -22.87
C GLY N 19 5.44 32.42 -22.62
N LEU N 20 5.19 31.17 -23.02
CA LEU N 20 3.87 30.58 -22.83
C LEU N 20 3.55 30.45 -21.34
N VAL N 21 4.51 29.97 -20.55
CA VAL N 21 4.29 29.80 -19.12
C VAL N 21 4.02 31.15 -18.46
N MET N 22 4.80 32.16 -18.82
CA MET N 22 4.62 33.47 -18.20
C MET N 22 3.29 34.09 -18.59
N ALA N 23 2.88 33.92 -19.85
CA ALA N 23 1.58 34.44 -20.27
C ALA N 23 0.44 33.79 -19.49
N LEU N 24 0.49 32.46 -19.35
CA LEU N 24 -0.55 31.76 -18.59
C LEU N 24 -0.58 32.23 -17.14
N LEU N 25 0.59 32.34 -16.51
CA LEU N 25 0.64 32.72 -15.10
C LEU N 25 0.15 34.15 -14.91
N ILE N 26 0.55 35.07 -15.78
CA ILE N 26 0.15 36.47 -15.63
C ILE N 26 -1.36 36.61 -15.86
N HIS N 27 -1.91 35.93 -16.86
CA HIS N 27 -3.35 35.96 -17.06
C HIS N 27 -4.09 35.45 -15.84
N PHE N 28 -3.65 34.31 -15.29
CA PHE N 28 -4.35 33.73 -14.15
C PHE N 28 -4.27 34.64 -12.93
N VAL N 29 -3.09 35.20 -12.67
CA VAL N 29 -2.93 36.09 -11.51
C VAL N 29 -3.77 37.35 -11.66
N VAL N 30 -3.78 37.95 -12.86
CA VAL N 30 -4.50 39.20 -13.03
C VAL N 30 -6.00 38.97 -12.98
N LEU N 31 -6.49 37.88 -13.59
CA LEU N 31 -7.93 37.67 -13.65
C LEU N 31 -8.48 37.16 -12.31
N SER N 32 -7.70 36.38 -11.57
CA SER N 32 -8.20 35.88 -10.29
C SER N 32 -8.16 36.93 -9.19
N SER N 33 -7.52 38.07 -9.43
CA SER N 33 -7.43 39.12 -8.41
C SER N 33 -8.78 39.75 -8.10
N GLY N 34 -9.75 39.64 -9.00
CA GLY N 34 -11.04 40.28 -8.79
C GLY N 34 -10.94 41.80 -8.72
N ALA N 35 -10.14 42.40 -9.59
CA ALA N 35 -9.94 43.84 -9.59
C ALA N 35 -10.27 44.48 -10.93
N PHE N 36 -10.83 43.72 -11.88
CA PHE N 36 -11.04 44.22 -13.23
C PHE N 36 -12.47 44.08 -13.74
N ASN N 37 -13.33 43.29 -13.10
CA ASN N 37 -14.71 43.11 -13.55
C ASN N 37 -14.76 42.49 -14.96
N TRP N 38 -14.31 41.24 -15.03
CA TRP N 38 -14.22 40.50 -16.29
C TRP N 38 -15.04 39.22 -16.15
N LEU N 39 -16.04 39.07 -17.03
CA LEU N 39 -17.00 37.95 -16.96
C LEU N 39 -17.74 37.94 -15.63
N ARG N 40 -18.56 38.98 -15.44
CA ARG N 40 -19.40 39.10 -14.26
C ARG N 40 -18.56 39.33 -12.99
N ALA N 41 -17.79 40.40 -13.02
CA ALA N 41 -17.00 40.83 -11.86
C ALA N 41 -15.96 39.79 -11.48
N ASN O 7 26.46 29.15 -45.43
CA ASN O 7 26.23 30.48 -44.87
C ASN O 7 26.51 31.58 -45.88
N ASP O 8 26.04 31.39 -47.12
CA ASP O 8 26.21 32.41 -48.15
C ASP O 8 25.46 33.69 -47.79
N LEU O 9 24.22 33.56 -47.31
CA LEU O 9 23.38 34.71 -47.04
C LEU O 9 23.62 35.32 -45.66
N VAL O 10 24.33 34.63 -44.77
CA VAL O 10 24.60 35.20 -43.45
C VAL O 10 25.56 36.37 -43.58
N PRO O 11 25.36 37.46 -42.85
CA PRO O 11 26.31 38.57 -42.91
C PRO O 11 27.69 38.16 -42.40
N ASP O 12 28.69 38.97 -42.76
CA ASP O 12 30.07 38.65 -42.41
C ASP O 12 30.27 38.62 -40.89
N GLN O 13 29.59 39.51 -40.17
CA GLN O 13 29.81 39.64 -38.73
C GLN O 13 29.38 38.38 -37.99
N TRP O 14 28.28 37.76 -38.42
CA TRP O 14 27.67 36.65 -37.68
C TRP O 14 27.86 35.30 -38.37
N LYS O 15 28.82 35.19 -39.29
CA LYS O 15 29.10 33.91 -39.93
C LYS O 15 29.50 32.80 -38.95
N PRO O 16 30.37 33.03 -37.94
CA PRO O 16 30.74 31.90 -37.06
C PRO O 16 29.61 31.42 -36.16
N LEU O 17 28.49 32.13 -36.10
CA LEU O 17 27.41 31.77 -35.19
C LEU O 17 26.13 31.32 -35.90
N PHE O 18 26.00 31.55 -37.20
CA PHE O 18 24.74 31.32 -37.89
C PHE O 18 24.93 30.50 -39.15
N ASN O 19 23.87 29.77 -39.50
CA ASN O 19 23.78 28.95 -40.69
C ASN O 19 22.75 29.57 -41.65
N ASN O 20 22.90 29.26 -42.95
CA ASN O 20 22.01 29.84 -43.96
C ASN O 20 20.54 29.56 -43.66
N ALA O 21 20.23 28.34 -43.25
CA ALA O 21 18.83 27.99 -42.96
C ALA O 21 18.34 28.69 -41.69
N GLN O 22 19.23 28.91 -40.72
CA GLN O 22 18.84 29.50 -39.45
C GLN O 22 18.59 31.00 -39.53
N TRP O 23 19.22 31.69 -40.49
CA TRP O 23 19.00 33.12 -40.67
C TRP O 23 17.53 33.43 -40.95
N LEU O 24 16.90 32.63 -41.81
CA LEU O 24 15.51 32.89 -42.19
C LEU O 24 14.57 32.69 -40.99
N VAL O 25 14.78 31.61 -40.24
CA VAL O 25 13.95 31.37 -39.06
C VAL O 25 14.18 32.46 -38.02
N HIS O 26 15.41 32.94 -37.90
CA HIS O 26 15.69 34.04 -36.98
C HIS O 26 14.94 35.29 -37.38
N ASP O 27 14.92 35.61 -38.69
CA ASP O 27 14.18 36.78 -39.15
C ASP O 27 12.69 36.65 -38.86
N ILE O 28 12.13 35.45 -39.10
CA ILE O 28 10.72 35.22 -38.80
C ILE O 28 10.44 35.43 -37.31
N VAL O 29 11.31 34.89 -36.46
CA VAL O 29 11.12 35.02 -35.01
C VAL O 29 11.19 36.49 -34.59
N VAL O 30 12.14 37.24 -35.13
CA VAL O 30 12.28 38.64 -34.76
C VAL O 30 11.07 39.44 -35.18
N LYS O 31 10.57 39.20 -36.40
CA LYS O 31 9.38 39.92 -36.86
C LYS O 31 8.17 39.58 -35.99
N THR O 32 8.02 38.31 -35.63
CA THR O 32 6.91 37.92 -34.75
C THR O 32 7.01 38.61 -33.40
N ILE O 33 8.22 38.68 -32.84
CA ILE O 33 8.40 39.33 -31.54
C ILE O 33 8.07 40.81 -31.62
N TYR O 34 8.50 41.50 -32.67
CA TYR O 34 8.17 42.92 -32.84
C TYR O 34 6.71 43.19 -33.02
N GLY O 35 6.00 42.35 -33.76
CA GLY O 35 4.56 42.49 -33.86
C GLY O 35 3.86 42.25 -32.55
N GLY O 36 4.26 41.19 -31.83
CA GLY O 36 3.69 40.92 -30.53
C GLY O 36 3.91 42.03 -29.53
N LEU O 37 5.11 42.64 -29.57
CA LEU O 37 5.40 43.75 -28.67
C LEU O 37 4.49 44.95 -28.97
N ILE O 38 4.27 45.25 -30.25
CA ILE O 38 3.39 46.36 -30.60
C ILE O 38 1.97 46.10 -30.10
N ILE O 39 1.46 44.88 -30.33
CA ILE O 39 0.12 44.55 -29.89
C ILE O 39 0.01 44.60 -28.37
N ALA O 40 1.05 44.13 -27.68
CA ALA O 40 1.04 44.16 -26.21
C ALA O 40 1.03 45.59 -25.69
N VAL O 41 1.79 46.48 -26.30
CA VAL O 41 1.78 47.88 -25.90
C VAL O 41 0.39 48.48 -26.08
N ILE O 42 -0.25 48.19 -27.23
CA ILE O 42 -1.58 48.72 -27.47
C ILE O 42 -2.57 48.19 -26.44
N ALA O 43 -2.50 46.89 -26.15
CA ALA O 43 -3.42 46.31 -25.17
C ALA O 43 -3.22 46.91 -23.79
N HIS O 44 -1.97 47.13 -23.39
CA HIS O 44 -1.70 47.75 -22.10
C HIS O 44 -2.26 49.16 -22.03
N VAL O 45 -2.12 49.92 -23.13
CA VAL O 45 -2.64 51.29 -23.15
C VAL O 45 -4.16 51.30 -23.00
N LEU O 46 -4.85 50.43 -23.76
CA LEU O 46 -6.31 50.36 -23.62
C LEU O 46 -6.73 49.91 -22.22
N CYS O 47 -6.02 48.93 -21.64
CA CYS O 47 -6.39 48.47 -20.30
C CYS O 47 -6.21 49.58 -19.27
N TRP O 48 -5.13 50.36 -19.38
CA TRP O 48 -4.95 51.47 -18.45
C TRP O 48 -6.03 52.52 -18.65
N ALA O 49 -6.40 52.82 -19.90
CA ALA O 49 -7.46 53.78 -20.14
C ALA O 49 -8.79 53.28 -19.57
N TRP O 50 -8.99 51.96 -19.56
CA TRP O 50 -10.23 51.40 -19.02
C TRP O 50 -10.27 51.56 -17.51
N THR O 51 -9.30 50.99 -16.81
CA THR O 51 -9.23 51.14 -15.35
C THR O 51 -7.79 51.01 -14.86
N PRO O 52 -7.28 52.05 -14.19
CA PRO O 52 -5.90 51.98 -13.68
C PRO O 52 -5.73 50.88 -12.64
N TRP O 53 -4.54 50.28 -12.64
CA TRP O 53 -4.24 49.19 -11.72
C TRP O 53 -3.26 49.57 -10.62
N ILE O 54 -2.63 50.75 -10.70
CA ILE O 54 -1.70 51.19 -9.67
C ILE O 54 -2.42 52.01 -8.60
N ARG O 55 -3.15 53.04 -9.00
CA ARG O 55 -3.89 53.89 -8.07
C ARG O 55 -2.94 54.59 -7.09
N ARG P 4 17.96 22.21 -41.31
CA ARG P 4 17.02 23.12 -40.65
C ARG P 4 16.87 22.77 -39.18
N PRO P 5 16.59 23.77 -38.35
CA PRO P 5 16.44 23.50 -36.90
C PRO P 5 15.27 22.59 -36.56
N PHE P 6 14.11 22.82 -37.15
CA PHE P 6 12.90 22.10 -36.79
C PHE P 6 12.28 21.46 -38.02
N GLU P 7 11.72 20.27 -37.83
CA GLU P 7 11.00 19.57 -38.87
C GLU P 7 9.55 20.05 -38.91
N PHE P 8 8.93 19.92 -40.09
CA PHE P 8 7.56 20.36 -40.27
C PHE P 8 6.60 19.55 -39.39
N ARG P 9 6.87 18.26 -39.23
CA ARG P 9 5.98 17.37 -38.50
C ARG P 9 5.83 17.79 -37.04
N THR P 10 6.95 18.08 -36.38
CA THR P 10 6.91 18.45 -34.97
C THR P 10 6.14 19.75 -34.75
N SER P 11 6.38 20.74 -35.62
CA SER P 11 5.66 22.01 -35.51
C SER P 11 4.16 21.81 -35.72
N VAL P 12 3.79 20.98 -36.69
CA VAL P 12 2.36 20.72 -36.93
C VAL P 12 1.73 20.07 -35.71
N VAL P 13 2.42 19.07 -35.13
CA VAL P 13 1.87 18.35 -33.99
C VAL P 13 1.69 19.29 -32.80
N VAL P 14 2.72 20.09 -32.49
CA VAL P 14 2.65 20.97 -31.34
C VAL P 14 1.57 22.03 -31.52
N SER P 15 1.47 22.60 -32.73
CA SER P 15 0.45 23.62 -32.97
C SER P 15 -0.95 23.03 -32.84
N THR P 16 -1.18 21.84 -33.40
CA THR P 16 -2.51 21.24 -33.31
C THR P 16 -2.88 20.94 -31.87
N LEU P 17 -1.94 20.36 -31.10
CA LEU P 17 -2.25 20.03 -29.70
C LEU P 17 -2.53 21.29 -28.89
N LEU P 18 -1.70 22.33 -29.06
CA LEU P 18 -1.92 23.57 -28.32
C LEU P 18 -3.26 24.21 -28.67
N GLY P 19 -3.60 24.23 -29.96
CA GLY P 19 -4.87 24.83 -30.35
C GLY P 19 -6.07 24.09 -29.79
N LEU P 20 -6.04 22.76 -29.87
CA LEU P 20 -7.16 21.98 -29.34
C LEU P 20 -7.30 22.16 -27.83
N VAL P 21 -6.18 22.12 -27.10
CA VAL P 21 -6.24 22.29 -25.65
C VAL P 21 -6.78 23.67 -25.29
N MET P 22 -6.31 24.71 -25.98
CA MET P 22 -6.79 26.06 -25.69
C MET P 22 -8.27 26.22 -25.99
N ALA P 23 -8.74 25.63 -27.11
CA ALA P 23 -10.15 25.73 -27.44
C ALA P 23 -11.02 25.08 -26.37
N LEU P 24 -10.65 23.86 -25.96
CA LEU P 24 -11.43 23.17 -24.93
C LEU P 24 -11.40 23.93 -23.61
N LEU P 25 -10.23 24.42 -23.22
CA LEU P 25 -10.12 25.16 -21.96
C LEU P 25 -10.97 26.43 -21.98
N ILE P 26 -10.93 27.18 -23.08
CA ILE P 26 -11.67 28.43 -23.12
C ILE P 26 -13.17 28.17 -23.14
N HIS P 27 -13.62 27.15 -23.88
CA HIS P 27 -15.04 26.82 -23.87
C HIS P 27 -15.50 26.44 -22.46
N PHE P 28 -14.73 25.61 -21.77
CA PHE P 28 -15.16 25.18 -20.44
C PHE P 28 -15.13 26.34 -19.45
N VAL P 29 -14.13 27.21 -19.53
CA VAL P 29 -14.08 28.38 -18.65
C VAL P 29 -15.27 29.29 -18.87
N VAL P 30 -15.60 29.57 -20.14
CA VAL P 30 -16.73 30.44 -20.43
C VAL P 30 -18.04 29.82 -19.97
N LEU P 31 -18.21 28.51 -20.18
CA LEU P 31 -19.44 27.86 -19.75
C LEU P 31 -19.56 27.86 -18.22
N SER P 32 -18.46 27.62 -17.52
CA SER P 32 -18.51 27.57 -16.06
C SER P 32 -18.60 28.96 -15.43
N SER P 33 -18.24 30.01 -16.17
CA SER P 33 -18.36 31.35 -15.61
C SER P 33 -19.83 31.73 -15.38
N GLY P 34 -20.74 31.19 -16.18
CA GLY P 34 -22.16 31.49 -16.03
C GLY P 34 -22.52 32.94 -16.23
N ALA P 35 -21.96 33.59 -17.25
CA ALA P 35 -22.19 35.01 -17.50
C ALA P 35 -22.74 35.26 -18.90
N PHE P 36 -23.31 34.26 -19.55
CA PHE P 36 -23.77 34.42 -20.92
C PHE P 36 -25.18 33.92 -21.19
N ASN P 37 -25.79 33.16 -20.28
CA ASN P 37 -27.11 32.56 -20.51
C ASN P 37 -27.05 31.63 -21.71
N TRP P 38 -26.21 30.61 -21.60
CA TRP P 38 -25.98 29.62 -22.63
C TRP P 38 -26.22 28.24 -22.04
N LEU P 39 -27.10 27.46 -22.65
CA LEU P 39 -27.54 26.18 -22.11
C LEU P 39 -28.14 26.36 -20.71
N ARG P 40 -29.02 27.34 -20.57
CA ARG P 40 -29.69 27.62 -19.30
C ARG P 40 -28.69 28.06 -18.23
N ASN Q 7 12.61 19.26 -54.42
CA ASN Q 7 12.05 20.58 -54.15
C ASN Q 7 11.92 21.42 -55.41
N ASP Q 8 11.52 20.77 -56.50
CA ASP Q 8 11.41 21.46 -57.79
C ASP Q 8 10.32 22.53 -57.75
N LEU Q 9 9.18 22.23 -57.14
CA LEU Q 9 8.08 23.19 -57.05
C LEU Q 9 8.27 24.19 -55.92
N VAL Q 10 9.22 23.96 -55.02
CA VAL Q 10 9.45 24.90 -53.92
C VAL Q 10 10.05 26.19 -54.47
N PRO Q 11 9.67 27.36 -53.95
CA PRO Q 11 10.28 28.60 -54.41
C PRO Q 11 11.78 28.63 -54.11
N ASP Q 12 12.48 29.53 -54.80
CA ASP Q 12 13.93 29.59 -54.68
C ASP Q 12 14.35 29.98 -53.27
N GLN Q 13 13.65 30.95 -52.67
CA GLN Q 13 14.05 31.47 -51.37
C GLN Q 13 13.96 30.42 -50.27
N TRP Q 14 12.90 29.61 -50.29
CA TRP Q 14 12.61 28.69 -49.20
C TRP Q 14 13.04 27.26 -49.49
N LYS Q 15 13.86 27.04 -50.53
CA LYS Q 15 14.31 25.69 -50.85
C LYS Q 15 15.07 25.01 -49.71
N PRO Q 16 16.02 25.64 -49.01
CA PRO Q 16 16.75 24.92 -47.95
C PRO Q 16 15.88 24.51 -46.76
N LEU Q 17 14.67 25.05 -46.62
CA LEU Q 17 13.84 24.73 -45.47
C LEU Q 17 12.67 23.80 -45.78
N PHE Q 18 12.28 23.64 -47.05
CA PHE Q 18 11.08 22.91 -47.39
C PHE Q 18 11.37 21.81 -48.41
N ASN Q 19 10.54 20.78 -48.36
CA ASN Q 19 10.53 19.70 -49.34
C ASN Q 19 9.40 19.92 -50.34
N ASN Q 20 9.38 19.11 -51.40
CA ASN Q 20 8.32 19.25 -52.40
C ASN Q 20 6.97 18.86 -51.82
N ALA Q 21 6.91 17.76 -51.08
CA ALA Q 21 5.64 17.30 -50.50
C ALA Q 21 5.22 18.15 -49.31
N GLN Q 22 6.17 18.76 -48.62
CA GLN Q 22 5.84 19.56 -47.44
C GLN Q 22 5.23 20.90 -47.83
N TRP Q 23 5.57 21.41 -49.02
CA TRP Q 23 5.03 22.68 -49.48
C TRP Q 23 3.51 22.65 -49.59
N LEU Q 24 2.97 21.56 -50.15
CA LEU Q 24 1.52 21.46 -50.32
C LEU Q 24 0.81 21.38 -48.97
N VAL Q 25 1.35 20.60 -48.05
CA VAL Q 25 0.74 20.47 -46.73
C VAL Q 25 0.80 21.81 -45.99
N HIS Q 26 1.91 22.52 -46.11
CA HIS Q 26 2.02 23.84 -45.51
C HIS Q 26 0.98 24.81 -46.08
N ASP Q 27 0.79 24.77 -47.39
CA ASP Q 27 -0.21 25.63 -48.02
C ASP Q 27 -1.62 25.31 -47.52
N ILE Q 28 -1.92 24.02 -47.37
CA ILE Q 28 -3.22 23.61 -46.84
C ILE Q 28 -3.41 24.14 -45.42
N VAL Q 29 -2.39 24.01 -44.58
CA VAL Q 29 -2.47 24.50 -43.21
C VAL Q 29 -2.66 26.02 -43.19
N VAL Q 30 -1.99 26.73 -44.09
CA VAL Q 30 -2.10 28.19 -44.13
C VAL Q 30 -3.52 28.61 -44.47
N LYS Q 31 -4.13 27.98 -45.49
CA LYS Q 31 -5.51 28.30 -45.81
C LYS Q 31 -6.46 27.95 -44.66
N THR Q 32 -6.22 26.81 -44.00
CA THR Q 32 -7.06 26.44 -42.86
C THR Q 32 -6.98 27.49 -41.76
N ILE Q 33 -5.77 27.97 -41.45
CA ILE Q 33 -5.61 28.97 -40.40
C ILE Q 33 -6.29 30.27 -40.80
N TYR Q 34 -6.18 30.68 -42.04
CA TYR Q 34 -6.83 31.90 -42.49
C TYR Q 34 -8.33 31.83 -42.45
N GLY Q 35 -8.93 30.70 -42.81
CA GLY Q 35 -10.36 30.54 -42.68
C GLY Q 35 -10.81 30.53 -41.23
N GLY Q 36 -10.07 29.82 -40.37
CA GLY Q 36 -10.39 29.81 -38.96
C GLY Q 36 -10.31 31.18 -38.33
N LEU Q 37 -9.31 31.97 -38.71
CA LEU Q 37 -9.17 33.32 -38.15
C LEU Q 37 -10.34 34.20 -38.57
N ILE Q 38 -10.76 34.13 -39.84
CA ILE Q 38 -11.90 34.92 -40.29
C ILE Q 38 -13.16 34.52 -39.52
N ILE Q 39 -13.39 33.21 -39.38
CA ILE Q 39 -14.58 32.74 -38.68
C ILE Q 39 -14.56 33.17 -37.22
N ALA Q 40 -13.38 33.08 -36.58
CA ALA Q 40 -13.27 33.48 -35.18
C ALA Q 40 -13.52 34.96 -34.99
N VAL Q 41 -13.03 35.79 -35.92
CA VAL Q 41 -13.29 37.23 -35.84
C VAL Q 41 -14.78 37.51 -35.92
N ILE Q 42 -15.46 36.84 -36.86
CA ILE Q 42 -16.91 37.02 -36.99
C ILE Q 42 -17.62 36.59 -35.71
N ALA Q 43 -17.23 35.44 -35.16
CA ALA Q 43 -17.88 34.92 -33.96
C ALA Q 43 -17.69 35.85 -32.78
N HIS Q 44 -16.49 36.41 -32.62
CA HIS Q 44 -16.23 37.34 -31.54
C HIS Q 44 -17.05 38.61 -31.70
N VAL Q 45 -17.20 39.10 -32.93
CA VAL Q 45 -17.99 40.31 -33.15
C VAL Q 45 -19.45 40.06 -32.79
N LEU Q 46 -20.01 38.93 -33.22
CA LEU Q 46 -21.40 38.62 -32.85
C LEU Q 46 -21.56 38.45 -31.34
N CYS Q 47 -20.60 37.78 -30.69
CA CYS Q 47 -20.71 37.58 -29.25
C CYS Q 47 -20.64 38.90 -28.50
N TRP Q 48 -19.78 39.81 -28.94
CA TRP Q 48 -19.74 41.14 -28.32
C TRP Q 48 -21.05 41.89 -28.54
N ALA Q 49 -21.61 41.81 -29.75
CA ALA Q 49 -22.88 42.46 -30.02
C ALA Q 49 -24.00 41.87 -29.17
N TRP Q 50 -23.87 40.60 -28.79
CA TRP Q 50 -24.91 39.94 -27.99
C TRP Q 50 -24.78 40.29 -26.52
N THR Q 51 -23.60 40.09 -25.93
CA THR Q 51 -23.38 40.37 -24.52
C THR Q 51 -21.93 40.71 -24.24
N PRO Q 52 -21.61 41.96 -23.94
CA PRO Q 52 -20.23 42.33 -23.62
C PRO Q 52 -19.73 41.60 -22.37
N TRP Q 53 -18.46 41.19 -22.40
CA TRP Q 53 -17.85 40.48 -21.29
C TRP Q 53 -16.91 41.36 -20.47
N ILE Q 54 -16.75 42.63 -20.85
CA ILE Q 54 -15.90 43.57 -20.12
C ILE Q 54 -16.73 44.61 -19.39
N ARG Q 55 -17.61 45.31 -20.10
CA ARG Q 55 -18.47 46.32 -19.50
C ARG Q 55 -17.66 47.44 -18.86
N ARG R 4 6.30 12.39 -47.42
CA ARG R 4 5.19 13.13 -46.82
C ARG R 4 5.31 13.13 -45.29
N PRO R 5 4.96 14.26 -44.67
CA PRO R 5 5.11 14.36 -43.21
C PRO R 5 4.29 13.35 -42.43
N PHE R 6 3.09 13.00 -42.89
CA PHE R 6 2.18 12.13 -42.15
C PHE R 6 1.58 11.09 -43.09
N GLU R 7 1.42 9.87 -42.55
CA GLU R 7 0.78 8.78 -43.28
C GLU R 7 -0.74 8.92 -43.22
N PHE R 8 -1.40 8.25 -44.17
CA PHE R 8 -2.86 8.31 -44.24
C PHE R 8 -3.50 7.66 -43.01
N ARG R 9 -2.92 6.55 -42.55
CA ARG R 9 -3.50 5.82 -41.42
C ARG R 9 -3.55 6.68 -40.16
N THR R 10 -2.47 7.41 -39.89
CA THR R 10 -2.43 8.26 -38.70
C THR R 10 -3.52 9.31 -38.74
N SER R 11 -3.66 9.97 -39.90
CA SER R 11 -4.69 11.00 -40.05
C SER R 11 -6.09 10.41 -39.86
N VAL R 12 -6.34 9.26 -40.47
CA VAL R 12 -7.67 8.64 -40.38
C VAL R 12 -7.98 8.25 -38.95
N VAL R 13 -7.01 7.64 -38.27
CA VAL R 13 -7.23 7.16 -36.91
C VAL R 13 -7.49 8.33 -35.97
N VAL R 14 -6.65 9.38 -36.07
CA VAL R 14 -6.81 10.53 -35.19
C VAL R 14 -8.13 11.22 -35.45
N SER R 15 -8.51 11.39 -36.73
CA SER R 15 -9.76 12.05 -37.06
C SER R 15 -10.96 11.28 -36.53
N THR R 16 -10.96 9.95 -36.72
CA THR R 16 -12.09 9.14 -36.27
C THR R 16 -12.21 9.16 -34.75
N LEU R 17 -11.08 9.01 -34.05
CA LEU R 17 -11.13 9.01 -32.60
C LEU R 17 -11.61 10.37 -32.07
N LEU R 18 -11.08 11.46 -32.62
CA LEU R 18 -11.49 12.79 -32.19
C LEU R 18 -12.97 13.02 -32.44
N GLY R 19 -13.46 12.62 -33.62
CA GLY R 19 -14.86 12.82 -33.94
C GLY R 19 -15.77 12.06 -33.01
N LEU R 20 -15.47 10.78 -32.76
CA LEU R 20 -16.32 9.98 -31.89
C LEU R 20 -16.32 10.51 -30.47
N VAL R 21 -15.14 10.86 -29.94
CA VAL R 21 -15.05 11.36 -28.57
C VAL R 21 -15.79 12.68 -28.45
N MET R 22 -15.62 13.58 -29.43
CA MET R 22 -16.31 14.86 -29.39
C MET R 22 -17.82 14.68 -29.45
N ALA R 23 -18.29 13.75 -30.29
CA ALA R 23 -19.72 13.52 -30.40
C ALA R 23 -20.30 13.03 -29.09
N LEU R 24 -19.64 12.05 -28.46
CA LEU R 24 -20.13 11.54 -27.18
C LEU R 24 -20.11 12.63 -26.10
N LEU R 25 -19.03 13.41 -26.04
CA LEU R 25 -18.93 14.45 -25.03
C LEU R 25 -20.00 15.52 -25.23
N ILE R 26 -20.23 15.94 -26.49
CA ILE R 26 -21.23 16.98 -26.74
C ILE R 26 -22.62 16.47 -26.42
N HIS R 27 -22.93 15.22 -26.78
CA HIS R 27 -24.23 14.67 -26.43
C HIS R 27 -24.42 14.63 -24.91
N PHE R 28 -23.39 14.20 -24.18
CA PHE R 28 -23.50 14.15 -22.72
C PHE R 28 -23.71 15.55 -22.13
N VAL R 29 -22.93 16.53 -22.59
CA VAL R 29 -23.02 17.87 -22.02
C VAL R 29 -24.34 18.53 -22.37
N VAL R 30 -24.85 18.31 -23.58
CA VAL R 30 -26.12 18.90 -23.97
C VAL R 30 -27.27 18.25 -23.22
N LEU R 31 -27.24 16.93 -23.07
CA LEU R 31 -28.39 16.24 -22.49
C LEU R 31 -28.39 16.33 -20.97
N SER R 32 -27.22 16.58 -20.36
CA SER R 32 -27.15 16.68 -18.91
C SER R 32 -27.65 18.03 -18.41
N SER R 33 -27.61 19.07 -19.26
CA SER R 33 -27.99 20.40 -18.81
C SER R 33 -29.47 20.49 -18.46
N GLY R 34 -30.30 19.61 -19.00
CA GLY R 34 -31.73 19.66 -18.73
C GLY R 34 -32.39 20.92 -19.25
N ALA R 35 -31.91 21.43 -20.39
CA ALA R 35 -32.46 22.64 -20.99
C ALA R 35 -33.14 22.37 -22.32
N PHE R 36 -33.53 21.12 -22.57
CA PHE R 36 -34.12 20.76 -23.86
C PHE R 36 -35.41 19.97 -23.78
N ASN R 37 -35.73 19.33 -22.64
CA ASN R 37 -36.95 18.53 -22.51
C ASN R 37 -36.92 17.36 -23.50
N TRP R 38 -35.92 16.50 -23.32
CA TRP R 38 -35.73 15.32 -24.15
C TRP R 38 -35.85 14.09 -23.27
N LEU R 39 -36.68 13.13 -23.70
CA LEU R 39 -36.81 11.84 -23.02
C LEU R 39 -37.22 12.01 -21.56
N ARG R 40 -38.44 12.53 -21.38
CA ARG R 40 -38.99 12.81 -20.05
C ARG R 40 -38.16 13.90 -19.36
N ALA R 41 -38.18 15.09 -19.95
CA ALA R 41 -37.51 16.26 -19.39
C ALA R 41 -36.00 16.07 -19.35
N ASN S 7 0.41 4.52 -58.48
CA ASN S 7 -0.13 5.88 -58.42
C ASN S 7 -0.58 6.39 -59.79
N ASP S 8 -1.01 5.46 -60.65
CA ASP S 8 -1.44 5.82 -61.99
C ASP S 8 -2.68 6.71 -61.96
N LEU S 9 -3.66 6.39 -61.11
CA LEU S 9 -4.90 7.15 -61.07
C LEU S 9 -4.77 8.46 -60.31
N VAL S 10 -3.71 8.63 -59.52
CA VAL S 10 -3.56 9.88 -58.76
C VAL S 10 -3.23 11.01 -59.71
N PRO S 11 -3.79 12.21 -59.52
CA PRO S 11 -3.45 13.35 -60.38
C PRO S 11 -1.99 13.73 -60.23
N ASP S 12 -1.52 14.58 -61.16
CA ASP S 12 -0.12 15.00 -61.16
C ASP S 12 0.23 15.79 -59.89
N GLN S 13 -0.69 16.64 -59.44
CA GLN S 13 -0.38 17.52 -58.32
C GLN S 13 -0.14 16.75 -57.03
N TRP S 14 -0.93 15.70 -56.79
CA TRP S 14 -0.90 14.97 -55.52
C TRP S 14 -0.17 13.64 -55.63
N LYS S 15 0.59 13.42 -56.68
CA LYS S 15 1.35 12.18 -56.81
C LYS S 15 2.36 11.97 -55.68
N PRO S 16 3.18 12.95 -55.27
CA PRO S 16 4.12 12.70 -54.17
C PRO S 16 3.45 12.40 -52.83
N LEU S 17 2.18 12.77 -52.65
CA LEU S 17 1.51 12.58 -51.38
C LEU S 17 0.63 11.35 -51.32
N PHE S 18 -0.03 11.00 -52.42
CA PHE S 18 -1.04 9.96 -52.41
C PHE S 18 -0.60 8.73 -53.19
N ASN S 19 -1.26 7.61 -52.91
CA ASN S 19 -1.04 6.34 -53.56
C ASN S 19 -2.32 5.94 -54.29
N ASN S 20 -2.17 5.02 -55.25
CA ASN S 20 -3.31 4.58 -56.03
C ASN S 20 -4.40 3.97 -55.15
N ALA S 21 -4.00 3.26 -54.09
CA ALA S 21 -4.97 2.67 -53.17
C ALA S 21 -5.56 3.70 -52.21
N GLN S 22 -4.76 4.67 -51.76
CA GLN S 22 -5.25 5.63 -50.78
C GLN S 22 -6.16 6.69 -51.39
N TRP S 23 -6.07 6.92 -52.70
CA TRP S 23 -6.92 7.91 -53.35
C TRP S 23 -8.40 7.53 -53.25
N LEU S 24 -8.71 6.25 -53.47
CA LEU S 24 -10.10 5.81 -53.41
C LEU S 24 -10.66 5.94 -52.00
N VAL S 25 -9.88 5.54 -51.00
CA VAL S 25 -10.33 5.64 -49.61
C VAL S 25 -10.49 7.10 -49.22
N HIS S 26 -9.60 7.98 -49.70
CA HIS S 26 -9.74 9.40 -49.43
C HIS S 26 -11.03 9.95 -50.04
N ASP S 27 -11.35 9.52 -51.26
CA ASP S 27 -12.60 9.96 -51.88
C ASP S 27 -13.81 9.50 -51.08
N ILE S 28 -13.78 8.25 -50.59
CA ILE S 28 -14.86 7.74 -49.76
C ILE S 28 -15.02 8.58 -48.51
N VAL S 29 -13.90 8.88 -47.84
CA VAL S 29 -13.94 9.65 -46.60
C VAL S 29 -14.48 11.06 -46.85
N VAL S 30 -14.06 11.68 -47.96
CA VAL S 30 -14.52 13.03 -48.27
C VAL S 30 -16.03 13.05 -48.49
N LYS S 31 -16.53 12.09 -49.25
CA LYS S 31 -17.98 12.03 -49.47
C LYS S 31 -18.74 11.78 -48.16
N THR S 32 -18.20 10.91 -47.31
CA THR S 32 -18.84 10.67 -46.01
C THR S 32 -18.89 11.93 -45.17
N ILE S 33 -17.81 12.70 -45.14
CA ILE S 33 -17.81 13.93 -44.36
C ILE S 33 -18.77 14.95 -44.95
N TYR S 34 -18.89 15.00 -46.27
CA TYR S 34 -19.85 15.92 -46.90
C TYR S 34 -21.28 15.58 -46.49
N GLY S 35 -21.64 14.29 -46.55
CA GLY S 35 -22.97 13.90 -46.12
C GLY S 35 -23.21 14.17 -44.65
N GLY S 36 -22.20 13.90 -43.81
CA GLY S 36 -22.33 14.18 -42.39
C GLY S 36 -22.54 15.66 -42.12
N LEU S 37 -21.83 16.53 -42.84
CA LEU S 37 -22.02 17.96 -42.67
C LEU S 37 -23.42 18.39 -43.06
N ILE S 38 -23.95 17.85 -44.16
CA ILE S 38 -25.31 18.19 -44.58
C ILE S 38 -26.31 17.78 -43.50
N ILE S 39 -26.17 16.56 -42.97
CA ILE S 39 -27.10 16.09 -41.95
C ILE S 39 -26.96 16.92 -40.69
N ALA S 40 -25.73 17.30 -40.32
CA ALA S 40 -25.53 18.09 -39.12
C ALA S 40 -26.17 19.47 -39.24
N VAL S 41 -26.06 20.10 -40.41
CA VAL S 41 -26.70 21.39 -40.61
C VAL S 41 -28.21 21.26 -40.50
N ILE S 42 -28.78 20.22 -41.12
CA ILE S 42 -30.23 20.04 -41.03
C ILE S 42 -30.67 19.83 -39.59
N ALA S 43 -29.93 19.00 -38.85
CA ALA S 43 -30.27 18.73 -37.45
C ALA S 43 -30.18 20.00 -36.61
N HIS S 44 -29.15 20.81 -36.83
CA HIS S 44 -29.01 22.05 -36.07
C HIS S 44 -30.15 23.01 -36.37
N VAL S 45 -30.56 23.12 -37.63
CA VAL S 45 -31.66 24.00 -37.98
C VAL S 45 -32.95 23.52 -37.31
N LEU S 46 -33.20 22.21 -37.33
CA LEU S 46 -34.40 21.68 -36.68
C LEU S 46 -34.39 21.94 -35.18
N CYS S 47 -33.23 21.72 -34.52
CA CYS S 47 -33.15 21.95 -33.08
C CYS S 47 -33.35 23.42 -32.75
N TRP S 48 -32.80 24.32 -33.56
CA TRP S 48 -33.05 25.74 -33.31
C TRP S 48 -34.52 26.08 -33.47
N ALA S 49 -35.18 25.51 -34.49
CA ALA S 49 -36.60 25.74 -34.64
C ALA S 49 -37.40 25.18 -33.47
N TRP S 50 -36.88 24.13 -32.81
CA TRP S 50 -37.59 23.51 -31.70
C TRP S 50 -37.35 24.28 -30.40
N THR S 51 -36.10 24.54 -30.04
CA THR S 51 -35.79 25.24 -28.80
C THR S 51 -34.48 26.02 -28.91
N PRO S 52 -34.55 27.35 -28.99
CA PRO S 52 -33.32 28.15 -29.04
C PRO S 52 -32.47 27.96 -27.80
N TRP S 53 -31.15 28.00 -27.99
CA TRP S 53 -30.20 27.77 -26.90
C TRP S 53 -29.35 28.97 -26.55
N ILE S 54 -29.40 30.05 -27.32
CA ILE S 54 -28.61 31.24 -27.01
C ILE S 54 -29.42 32.19 -26.13
N ARG S 55 -30.56 32.66 -26.65
CA ARG S 55 -31.43 33.57 -25.91
C ARG S 55 -30.71 34.87 -25.55
N ARG T 4 -2.84 -1.42 -48.78
CA ARG T 4 -3.93 -0.51 -48.44
C ARG T 4 -3.83 -0.06 -46.98
N PRO T 5 -4.40 1.11 -46.68
CA PRO T 5 -4.26 1.66 -45.32
C PRO T 5 -4.81 0.77 -44.22
N PHE T 6 -5.96 0.13 -44.44
CA PHE T 6 -6.60 -0.67 -43.41
C PHE T 6 -7.05 -2.00 -44.01
N GLU T 7 -7.07 -3.03 -43.17
CA GLU T 7 -7.47 -4.36 -43.58
C GLU T 7 -8.92 -4.62 -43.21
N PHE T 8 -9.52 -5.61 -43.88
CA PHE T 8 -10.95 -5.87 -43.74
C PHE T 8 -11.30 -6.32 -42.33
N ARG T 9 -10.46 -7.17 -41.73
CA ARG T 9 -10.77 -7.71 -40.41
C ARG T 9 -10.88 -6.61 -39.36
N THR T 10 -9.97 -5.63 -39.40
CA THR T 10 -10.01 -4.55 -38.44
C THR T 10 -11.30 -3.76 -38.56
N SER T 11 -11.71 -3.44 -39.79
CA SER T 11 -12.94 -2.68 -40.00
C SER T 11 -14.15 -3.44 -39.46
N VAL T 12 -14.23 -4.74 -39.77
CA VAL T 12 -15.37 -5.53 -39.30
C VAL T 12 -15.39 -5.58 -37.77
N VAL T 13 -14.22 -5.79 -37.15
CA VAL T 13 -14.17 -5.90 -35.69
C VAL T 13 -14.62 -4.60 -35.04
N VAL T 14 -14.06 -3.47 -35.50
CA VAL T 14 -14.40 -2.18 -34.90
C VAL T 14 -15.89 -1.88 -35.08
N SER T 15 -16.42 -2.12 -36.28
CA SER T 15 -17.82 -1.84 -36.53
C SER T 15 -18.73 -2.69 -35.65
N THR T 16 -18.44 -3.98 -35.54
CA THR T 16 -19.28 -4.88 -34.75
C THR T 16 -19.24 -4.49 -33.28
N LEU T 17 -18.05 -4.20 -32.76
CA LEU T 17 -17.93 -3.82 -31.35
C LEU T 17 -18.70 -2.53 -31.06
N LEU T 18 -18.52 -1.53 -31.93
CA LEU T 18 -19.22 -0.26 -31.72
C LEU T 18 -20.73 -0.44 -31.79
N GLY T 19 -21.21 -1.22 -32.75
CA GLY T 19 -22.64 -1.43 -32.87
C GLY T 19 -23.23 -2.11 -31.64
N LEU T 20 -22.58 -3.17 -31.17
CA LEU T 20 -23.09 -3.89 -30.01
C LEU T 20 -23.09 -3.00 -28.78
N VAL T 21 -22.01 -2.25 -28.56
CA VAL T 21 -21.91 -1.39 -27.37
C VAL T 21 -22.99 -0.33 -27.40
N MET T 22 -23.15 0.34 -28.55
CA MET T 22 -24.15 1.40 -28.65
C MET T 22 -25.57 0.85 -28.48
N ALA T 23 -25.85 -0.32 -29.05
CA ALA T 23 -27.18 -0.90 -28.92
C ALA T 23 -27.52 -1.21 -27.47
N LEU T 24 -26.60 -1.88 -26.76
CA LEU T 24 -26.85 -2.21 -25.36
C LEU T 24 -27.00 -0.94 -24.52
N LEU T 25 -26.12 0.04 -24.75
CA LEU T 25 -26.18 1.28 -23.97
C LEU T 25 -27.51 2.01 -24.21
N ILE T 26 -27.98 2.06 -25.46
CA ILE T 26 -29.19 2.79 -25.77
C ILE T 26 -30.41 2.10 -25.17
N HIS T 27 -30.50 0.76 -25.30
CA HIS T 27 -31.60 0.06 -24.66
C HIS T 27 -31.62 0.27 -23.15
N PHE T 28 -30.45 0.21 -22.50
CA PHE T 28 -30.45 0.35 -21.05
C PHE T 28 -30.78 1.77 -20.62
N VAL T 29 -30.29 2.78 -21.35
CA VAL T 29 -30.61 4.17 -21.02
C VAL T 29 -32.11 4.42 -21.19
N VAL T 30 -32.69 3.92 -22.28
CA VAL T 30 -34.12 4.14 -22.52
C VAL T 30 -34.95 3.43 -21.46
N LEU T 31 -34.55 2.21 -21.08
CA LEU T 31 -35.28 1.50 -20.04
C LEU T 31 -35.21 2.23 -18.71
N SER T 32 -34.03 2.72 -18.35
CA SER T 32 -33.88 3.40 -17.06
C SER T 32 -34.53 4.77 -17.02
N SER T 33 -34.70 5.42 -18.17
CA SER T 33 -35.27 6.77 -18.18
C SER T 33 -36.71 6.77 -17.67
N GLY T 34 -37.44 5.68 -17.88
CA GLY T 34 -38.81 5.60 -17.42
C GLY T 34 -39.74 6.59 -18.10
N ALA T 35 -39.65 6.69 -19.42
CA ALA T 35 -40.44 7.63 -20.20
C ALA T 35 -41.23 6.94 -21.32
N PHE T 36 -41.39 5.62 -21.26
CA PHE T 36 -42.03 4.88 -22.33
C PHE T 36 -43.10 3.91 -21.89
N ASN T 37 -43.17 3.53 -20.62
CA ASN T 37 -44.10 2.50 -20.16
C ASN T 37 -43.77 1.17 -20.84
N TRP T 38 -42.56 0.69 -20.58
CA TRP T 38 -42.04 -0.55 -21.13
C TRP T 38 -41.57 -1.44 -19.97
N LEU T 39 -42.09 -2.65 -19.92
CA LEU T 39 -41.80 -3.59 -18.82
C LEU T 39 -42.19 -2.97 -17.48
N ARG T 40 -43.48 -2.64 -17.37
CA ARG T 40 -44.04 -2.04 -16.16
C ARG T 40 -43.42 -0.69 -15.87
N ASN U 7 -8.15 -11.92 -57.31
CA ASN U 7 -8.47 -10.67 -57.98
C ASN U 7 -9.18 -10.90 -59.30
N ASP U 8 -10.13 -11.84 -59.30
CA ASP U 8 -10.85 -12.21 -60.51
C ASP U 8 -12.34 -11.95 -60.42
N LEU U 9 -12.94 -12.09 -59.24
CA LEU U 9 -14.34 -11.76 -59.05
C LEU U 9 -14.55 -10.31 -58.62
N VAL U 10 -13.49 -9.62 -58.22
CA VAL U 10 -13.58 -8.22 -57.82
C VAL U 10 -13.70 -7.36 -59.07
N PRO U 11 -14.44 -6.26 -59.03
CA PRO U 11 -14.49 -5.35 -60.18
C PRO U 11 -13.13 -4.73 -60.44
N ASP U 12 -12.99 -4.16 -61.64
CA ASP U 12 -11.70 -3.58 -62.04
C ASP U 12 -11.31 -2.41 -61.15
N GLN U 13 -12.27 -1.61 -60.73
CA GLN U 13 -11.97 -0.44 -59.91
C GLN U 13 -11.38 -0.83 -58.56
N TRP U 14 -11.93 -1.87 -57.94
CA TRP U 14 -11.60 -2.23 -56.56
C TRP U 14 -10.60 -3.37 -56.46
N LYS U 15 -9.95 -3.73 -57.57
CA LYS U 15 -8.90 -4.75 -57.50
C LYS U 15 -7.75 -4.41 -56.56
N PRO U 16 -7.18 -3.21 -56.56
CA PRO U 16 -6.07 -2.93 -55.62
C PRO U 16 -6.48 -2.95 -54.16
N LEU U 17 -7.77 -2.84 -53.85
CA LEU U 17 -8.22 -2.76 -52.47
C LEU U 17 -8.86 -4.05 -51.95
N PHE U 18 -9.37 -4.91 -52.82
CA PHE U 18 -10.17 -6.05 -52.40
C PHE U 18 -9.57 -7.36 -52.89
N ASN U 19 -9.76 -8.39 -52.09
CA ASN U 19 -9.32 -9.75 -52.39
C ASN U 19 -10.51 -10.57 -52.87
N ASN U 20 -10.20 -11.62 -53.64
CA ASN U 20 -11.25 -12.45 -54.23
C ASN U 20 -12.09 -13.17 -53.17
N ALA U 21 -11.58 -13.34 -51.96
CA ALA U 21 -12.32 -14.01 -50.91
C ALA U 21 -13.07 -13.04 -50.00
N GLN U 22 -12.60 -11.80 -49.89
CA GLN U 22 -13.24 -10.81 -49.04
C GLN U 22 -14.37 -10.07 -49.73
N TRP U 23 -14.49 -10.17 -51.06
CA TRP U 23 -15.59 -9.54 -51.76
C TRP U 23 -16.93 -10.15 -51.35
N LEU U 24 -16.98 -11.48 -51.21
CA LEU U 24 -18.20 -12.14 -50.79
C LEU U 24 -18.60 -11.73 -49.37
N VAL U 25 -17.63 -11.67 -48.46
CA VAL U 25 -17.90 -11.25 -47.09
C VAL U 25 -18.39 -9.81 -47.07
N HIS U 26 -17.79 -8.95 -47.90
CA HIS U 26 -18.23 -7.57 -47.96
C HIS U 26 -19.67 -7.47 -48.45
N ASP U 27 -20.03 -8.26 -49.46
CA ASP U 27 -21.41 -8.25 -49.94
C ASP U 27 -22.38 -8.71 -48.85
N ILE U 28 -22.01 -9.76 -48.11
CA ILE U 28 -22.86 -10.22 -47.02
C ILE U 28 -23.05 -9.13 -45.98
N VAL U 29 -21.95 -8.45 -45.61
CA VAL U 29 -22.02 -7.38 -44.60
C VAL U 29 -22.90 -6.24 -45.09
N VAL U 30 -22.78 -5.88 -46.37
CA VAL U 30 -23.57 -4.78 -46.91
C VAL U 30 -25.05 -5.11 -46.87
N LYS U 31 -25.40 -6.33 -47.27
CA LYS U 31 -26.81 -6.73 -47.24
C LYS U 31 -27.36 -6.74 -45.81
N THR U 32 -26.56 -7.24 -44.87
CA THR U 32 -26.99 -7.24 -43.47
C THR U 32 -27.22 -5.83 -42.97
N ILE U 33 -26.32 -4.89 -43.30
CA ILE U 33 -26.47 -3.52 -42.83
C ILE U 33 -27.71 -2.88 -43.44
N TYR U 34 -27.98 -3.14 -44.73
CA TYR U 34 -29.17 -2.59 -45.36
C TYR U 34 -30.45 -3.09 -44.67
N GLY U 35 -30.53 -4.40 -44.44
CA GLY U 35 -31.70 -4.94 -43.75
C GLY U 35 -31.87 -4.39 -42.36
N GLY U 36 -30.77 -4.28 -41.61
CA GLY U 36 -30.83 -3.70 -40.28
C GLY U 36 -31.29 -2.26 -40.29
N LEU U 37 -30.82 -1.48 -41.26
CA LEU U 37 -31.25 -0.08 -41.37
C LEU U 37 -32.74 0.01 -41.63
N ILE U 38 -33.26 -0.82 -42.53
CA ILE U 38 -34.70 -0.80 -42.82
C ILE U 38 -35.50 -1.14 -41.58
N ILE U 39 -35.09 -2.20 -40.87
CA ILE U 39 -35.80 -2.60 -39.65
C ILE U 39 -35.74 -1.49 -38.61
N ALA U 40 -34.58 -0.84 -38.47
CA ALA U 40 -34.45 0.23 -37.49
C ALA U 40 -35.35 1.41 -37.83
N VAL U 41 -35.46 1.76 -39.11
CA VAL U 41 -36.34 2.86 -39.51
C VAL U 41 -37.79 2.53 -39.17
N ILE U 42 -38.21 1.30 -39.48
CA ILE U 42 -39.60 0.91 -39.17
C ILE U 42 -39.84 0.96 -37.66
N ALA U 43 -38.88 0.45 -36.88
CA ALA U 43 -39.05 0.45 -35.43
C ALA U 43 -39.12 1.88 -34.87
N HIS U 44 -38.30 2.78 -35.39
CA HIS U 44 -38.34 4.17 -34.94
C HIS U 44 -39.67 4.82 -35.28
N VAL U 45 -40.20 4.54 -36.47
CA VAL U 45 -41.50 5.11 -36.85
C VAL U 45 -42.59 4.60 -35.91
N LEU U 46 -42.58 3.29 -35.62
CA LEU U 46 -43.59 2.73 -34.73
C LEU U 46 -43.48 3.32 -33.33
N CYS U 47 -42.25 3.47 -32.81
CA CYS U 47 -42.07 4.03 -31.48
C CYS U 47 -42.54 5.48 -31.43
N TRP U 48 -42.26 6.26 -32.48
CA TRP U 48 -42.75 7.63 -32.51
C TRP U 48 -44.27 7.68 -32.52
N ALA U 49 -44.90 6.82 -33.33
CA ALA U 49 -46.36 6.79 -33.36
C ALA U 49 -46.93 6.37 -32.01
N TRP U 50 -46.19 5.57 -31.24
CA TRP U 50 -46.64 5.17 -29.92
C TRP U 50 -46.48 6.30 -28.92
N THR U 51 -45.25 6.78 -28.72
CA THR U 51 -44.97 7.82 -27.74
C THR U 51 -43.82 8.71 -28.20
N PRO U 52 -44.08 9.96 -28.54
CA PRO U 52 -42.99 10.87 -28.93
C PRO U 52 -42.01 11.08 -27.78
N TRP U 53 -40.73 11.17 -28.13
CA TRP U 53 -39.68 11.32 -27.13
C TRP U 53 -39.13 12.75 -27.04
N ILE U 54 -39.57 13.64 -27.91
CA ILE U 54 -39.09 15.02 -27.92
C ILE U 54 -40.06 15.97 -27.23
N ARG U 55 -41.32 15.96 -27.66
CA ARG U 55 -42.36 16.77 -27.03
C ARG U 55 -42.04 18.26 -27.12
N ALA V 7 13.64 -16.75 -43.54
CA ALA V 7 13.77 -15.77 -42.47
C ALA V 7 13.51 -16.40 -41.11
N LEU V 8 14.33 -16.02 -40.13
CA LEU V 8 14.23 -16.58 -38.79
C LEU V 8 13.33 -15.72 -37.92
N PRO V 9 12.24 -16.26 -37.37
CA PRO V 9 11.38 -15.46 -36.50
C PRO V 9 11.96 -15.36 -35.09
N LEU V 10 12.07 -14.14 -34.59
CA LEU V 10 12.61 -13.91 -33.25
C LEU V 10 11.51 -13.99 -32.21
N PRO V 11 11.88 -14.23 -30.94
CA PRO V 11 10.86 -14.28 -29.88
C PRO V 11 10.05 -13.01 -29.74
N SER V 12 10.67 -11.85 -29.97
CA SER V 12 9.93 -10.59 -29.90
C SER V 12 8.85 -10.52 -30.98
N GLY V 13 9.17 -10.96 -32.19
CA GLY V 13 8.24 -10.92 -33.29
C GLY V 13 8.90 -10.49 -34.58
N GLU V 14 10.18 -10.14 -34.50
CA GLU V 14 10.92 -9.72 -35.67
C GLU V 14 11.12 -10.87 -36.64
N THR V 15 11.27 -10.53 -37.92
CA THR V 15 11.60 -11.48 -38.98
C THR V 15 12.94 -11.03 -39.57
N LEU V 16 14.02 -11.50 -38.96
CA LEU V 16 15.36 -11.07 -39.34
C LEU V 16 16.01 -12.10 -40.24
N PRO V 17 16.39 -11.75 -41.46
CA PRO V 17 17.15 -12.70 -42.30
C PRO V 17 18.48 -13.06 -41.65
N ALA V 18 18.87 -14.32 -41.79
CA ALA V 18 20.08 -14.83 -41.17
C ALA V 18 21.32 -14.22 -41.85
N ALA V 29 25.33 -17.98 -34.34
CA ALA V 29 24.73 -18.51 -33.13
C ALA V 29 24.33 -19.97 -33.31
N SER V 30 23.97 -20.63 -32.20
CA SER V 30 23.53 -22.01 -32.23
C SER V 30 22.01 -22.14 -32.12
N ALA V 31 21.29 -21.03 -32.27
CA ALA V 31 19.84 -21.05 -32.18
C ALA V 31 19.23 -21.67 -33.43
N GLU V 32 17.96 -22.06 -33.31
CA GLU V 32 17.23 -22.66 -34.42
C GLU V 32 15.75 -22.56 -34.14
N VAL V 33 14.95 -22.74 -35.19
CA VAL V 33 13.50 -22.66 -35.08
C VAL V 33 12.98 -23.99 -34.56
N ILE V 34 12.51 -24.00 -33.31
CA ILE V 34 12.07 -25.21 -32.63
C ILE V 34 10.63 -25.00 -32.20
N PRO V 35 9.70 -25.90 -32.54
CA PRO V 35 8.34 -25.78 -32.01
C PRO V 35 8.30 -26.04 -30.51
N PHE V 36 7.26 -25.48 -29.87
CA PHE V 36 7.10 -25.63 -28.43
C PHE V 36 6.84 -27.08 -28.02
N SER V 37 6.40 -27.92 -28.95
CA SER V 37 6.09 -29.31 -28.62
C SER V 37 7.32 -30.07 -28.14
N ILE V 38 8.46 -29.84 -28.80
CA ILE V 38 9.71 -30.53 -28.42
C ILE V 38 10.11 -30.15 -27.00
N ILE V 39 10.06 -28.85 -26.68
CA ILE V 39 10.41 -28.39 -25.34
C ILE V 39 9.44 -28.97 -24.32
N GLU V 40 8.15 -28.98 -24.63
CA GLU V 40 7.15 -29.49 -23.69
C GLU V 40 7.37 -30.98 -23.43
N GLU V 41 7.69 -31.76 -24.46
CA GLU V 41 7.92 -33.18 -24.27
C GLU V 41 9.23 -33.45 -23.51
N PHE V 42 10.26 -32.64 -23.77
CA PHE V 42 11.58 -32.93 -23.23
C PHE V 42 11.61 -32.83 -21.70
N TYR V 43 10.89 -31.86 -21.13
CA TYR V 43 11.06 -31.48 -19.74
C TYR V 43 10.04 -32.11 -18.79
N LYS V 44 9.30 -33.13 -19.23
CA LYS V 44 8.31 -33.75 -18.35
C LYS V 44 8.96 -34.31 -17.08
N ARG V 45 9.78 -35.35 -17.22
CA ARG V 45 10.51 -35.99 -16.13
C ARG V 45 9.64 -36.25 -14.91
N PRO V 46 8.69 -37.19 -14.98
CA PRO V 46 7.82 -37.43 -13.83
C PRO V 46 8.54 -38.12 -12.69
N GLY V 47 8.09 -37.86 -11.47
CA GLY V 47 8.52 -38.60 -10.30
C GLY V 47 9.44 -37.88 -9.34
N LYS V 48 9.23 -36.58 -9.13
CA LYS V 48 10.09 -35.84 -8.20
C LYS V 48 9.30 -34.87 -7.32
N THR V 49 8.01 -35.11 -7.11
CA THR V 49 7.20 -34.20 -6.32
C THR V 49 7.41 -34.44 -4.83
N LEU V 50 6.81 -33.56 -4.02
CA LEU V 50 6.98 -33.65 -2.58
C LEU V 50 6.29 -34.88 -2.00
N ALA V 51 5.11 -35.22 -2.54
CA ALA V 51 4.37 -36.38 -2.04
C ALA V 51 5.08 -37.69 -2.36
N ALA V 52 5.81 -37.74 -3.48
CA ALA V 52 6.52 -38.95 -3.84
C ALA V 52 7.60 -39.28 -2.82
N ARG V 53 8.29 -38.26 -2.30
CA ARG V 53 9.30 -38.49 -1.29
C ARG V 53 8.69 -39.05 -0.01
N PHE V 54 7.53 -38.53 0.39
CA PHE V 54 6.91 -38.96 1.64
C PHE V 54 6.32 -40.35 1.51
N PHE V 55 5.38 -40.53 0.59
CA PHE V 55 4.65 -41.79 0.48
C PHE V 55 5.33 -42.81 -0.43
N GLY V 56 6.40 -42.42 -1.12
CA GLY V 56 7.04 -43.30 -2.09
C GLY V 56 6.36 -43.33 -3.44
N VAL V 57 5.24 -42.62 -3.61
CA VAL V 57 4.54 -42.59 -4.88
C VAL V 57 3.53 -41.45 -4.82
N ASP V 58 3.33 -40.78 -5.96
CA ASP V 58 2.32 -39.74 -6.06
C ASP V 58 1.06 -40.35 -6.67
N PRO V 59 -0.07 -40.33 -5.96
CA PRO V 59 -1.28 -40.95 -6.52
C PRO V 59 -1.74 -40.32 -7.83
N PHE V 60 -1.60 -39.00 -7.97
CA PHE V 60 -1.94 -38.28 -9.18
C PHE V 60 -0.67 -37.64 -9.69
N ASP V 61 -0.01 -38.29 -10.65
CA ASP V 61 1.25 -37.81 -11.17
C ASP V 61 1.15 -37.68 -12.69
N PHE V 62 0.10 -37.02 -13.17
CA PHE V 62 -0.14 -36.86 -14.59
C PHE V 62 -0.64 -35.45 -14.87
N TRP V 63 -0.90 -35.21 -16.16
CA TRP V 63 -1.39 -33.93 -16.65
C TRP V 63 -2.79 -34.12 -17.22
N ILE V 64 -3.69 -33.18 -16.93
CA ILE V 64 -5.00 -33.16 -17.56
C ILE V 64 -5.12 -31.90 -18.39
N GLY V 65 -4.81 -32.03 -19.68
CA GLY V 65 -4.72 -30.87 -20.55
C GLY V 65 -3.36 -30.21 -20.42
N ARG V 66 -3.36 -28.92 -20.10
CA ARG V 66 -2.13 -28.19 -19.83
C ARG V 66 -1.74 -28.19 -18.36
N PHE V 67 -2.66 -28.58 -17.48
CA PHE V 67 -2.42 -28.55 -16.04
C PHE V 67 -1.79 -29.85 -15.57
N TYR V 68 -0.96 -29.75 -14.54
CA TYR V 68 -0.43 -30.90 -13.84
C TYR V 68 -1.26 -31.11 -12.58
N VAL V 69 -1.75 -32.33 -12.38
CA VAL V 69 -2.55 -32.67 -11.20
C VAL V 69 -1.69 -33.52 -10.28
N GLY V 70 -1.59 -33.11 -9.02
CA GLY V 70 -0.86 -33.87 -8.04
C GLY V 70 -1.73 -34.26 -6.87
N LEU V 71 -1.11 -34.65 -5.75
CA LEU V 71 -1.90 -34.97 -4.56
C LEU V 71 -2.65 -33.74 -4.04
N PHE V 72 -1.97 -32.59 -3.99
CA PHE V 72 -2.60 -31.38 -3.48
C PHE V 72 -3.43 -30.66 -4.53
N GLY V 73 -3.27 -30.97 -5.81
CA GLY V 73 -4.17 -30.43 -6.81
C GLY V 73 -5.60 -30.88 -6.60
N ALA V 74 -5.79 -32.15 -6.25
CA ALA V 74 -7.14 -32.66 -5.95
C ALA V 74 -7.74 -31.95 -4.74
N ILE V 75 -6.94 -31.77 -3.69
CA ILE V 75 -7.43 -31.08 -2.50
C ILE V 75 -7.81 -29.65 -2.83
N SER V 76 -6.97 -28.96 -3.61
CA SER V 76 -7.27 -27.59 -4.00
C SER V 76 -8.56 -27.51 -4.82
N ILE V 77 -8.74 -28.42 -5.77
CA ILE V 77 -9.94 -28.35 -6.61
C ILE V 77 -11.19 -28.66 -5.81
N ILE V 78 -11.10 -29.62 -4.87
CA ILE V 78 -12.23 -29.92 -4.00
C ILE V 78 -12.60 -28.70 -3.17
N GLY V 79 -11.59 -28.05 -2.58
CA GLY V 79 -11.85 -26.86 -1.80
C GLY V 79 -12.46 -25.75 -2.63
N ILE V 80 -11.97 -25.56 -3.86
CA ILE V 80 -12.50 -24.51 -4.74
C ILE V 80 -13.97 -24.76 -5.04
N ILE V 81 -14.31 -25.99 -5.44
CA ILE V 81 -15.68 -26.29 -5.82
C ILE V 81 -16.61 -26.12 -4.62
N LEU V 82 -16.21 -26.66 -3.46
CA LEU V 82 -17.06 -26.57 -2.28
C LEU V 82 -17.23 -25.13 -1.82
N GLY V 83 -16.15 -24.35 -1.84
CA GLY V 83 -16.25 -22.96 -1.43
C GLY V 83 -17.15 -22.15 -2.34
N VAL V 84 -17.03 -22.36 -3.65
CA VAL V 84 -17.89 -21.63 -4.58
C VAL V 84 -19.35 -22.01 -4.38
N ALA V 85 -19.61 -23.31 -4.18
CA ALA V 85 -20.99 -23.75 -3.94
C ALA V 85 -21.58 -23.11 -2.69
N PHE V 86 -20.81 -23.13 -1.59
CA PHE V 86 -21.30 -22.54 -0.35
C PHE V 86 -21.50 -21.04 -0.48
N TYR V 87 -20.58 -20.36 -1.18
CA TYR V 87 -20.70 -18.92 -1.38
C TYR V 87 -21.97 -18.59 -2.16
N LEU V 88 -22.23 -19.32 -3.23
CA LEU V 88 -23.44 -19.06 -4.02
C LEU V 88 -24.70 -19.36 -3.22
N TYR V 89 -24.67 -20.45 -2.42
CA TYR V 89 -25.84 -20.79 -1.61
C TYR V 89 -26.14 -19.71 -0.59
N GLU V 90 -25.11 -19.17 0.06
CA GLU V 90 -25.30 -18.03 0.96
C GLU V 90 -25.18 -16.75 0.13
N GLY V 91 -26.33 -16.24 -0.32
CA GLY V 91 -26.34 -15.11 -1.23
C GLY V 91 -27.40 -15.25 -2.30
N VAL V 92 -27.66 -16.47 -2.75
CA VAL V 92 -28.84 -16.76 -3.57
C VAL V 92 -29.98 -17.30 -2.71
N VAL V 93 -29.67 -18.24 -1.83
CA VAL V 93 -30.63 -18.75 -0.84
C VAL V 93 -30.25 -18.12 0.50
N ASN V 94 -31.24 -17.96 1.37
CA ASN V 94 -31.13 -17.37 2.70
C ASN V 94 -31.01 -15.85 2.65
N GLU V 95 -30.87 -15.25 1.47
CA GLU V 95 -30.82 -13.80 1.35
C GLU V 95 -31.83 -13.32 0.33
N GLY V 96 -32.00 -14.09 -0.74
CA GLY V 96 -32.97 -13.75 -1.77
C GLY V 96 -32.70 -12.44 -2.47
N THR V 97 -31.43 -12.17 -2.79
CA THR V 97 -31.05 -10.93 -3.45
C THR V 97 -30.91 -11.08 -4.97
N LEU V 98 -30.33 -12.18 -5.42
CA LEU V 98 -30.20 -12.58 -6.82
C LEU V 98 -29.15 -11.77 -7.56
N ASN V 99 -28.53 -10.76 -6.95
CA ASN V 99 -27.40 -10.06 -7.55
C ASN V 99 -26.18 -10.16 -6.64
N ILE V 100 -25.00 -10.16 -7.26
CA ILE V 100 -23.76 -10.40 -6.52
C ILE V 100 -23.17 -9.13 -5.89
N LEU V 101 -23.59 -7.95 -6.33
CA LEU V 101 -23.07 -6.71 -5.77
C LEU V 101 -23.82 -6.25 -4.54
N ALA V 102 -24.87 -6.96 -4.14
CA ALA V 102 -25.62 -6.64 -2.92
C ALA V 102 -25.60 -7.79 -1.91
N MET V 103 -24.82 -8.84 -2.17
CA MET V 103 -24.73 -9.95 -1.23
C MET V 103 -23.92 -9.53 0.00
N ARG V 104 -24.20 -10.20 1.12
CA ARG V 104 -23.59 -9.82 2.39
C ARG V 104 -23.44 -11.09 3.23
N ILE V 105 -22.28 -11.74 3.11
CA ILE V 105 -22.03 -13.04 3.73
C ILE V 105 -21.30 -12.79 5.05
N GLU V 106 -22.02 -12.93 6.16
CA GLU V 106 -21.53 -12.54 7.47
C GLU V 106 -21.05 -13.74 8.27
N PRO V 107 -20.10 -13.53 9.18
CA PRO V 107 -19.76 -14.55 10.17
C PRO V 107 -20.78 -14.55 11.30
N PRO V 108 -20.66 -15.48 12.25
CA PRO V 108 -21.58 -15.51 13.39
C PRO V 108 -21.41 -14.28 14.26
N PRO V 109 -22.41 -13.97 15.08
CA PRO V 109 -22.31 -12.79 15.95
C PRO V 109 -21.20 -12.91 16.98
N VAL V 110 -20.71 -11.76 17.43
CA VAL V 110 -19.66 -11.72 18.44
C VAL V 110 -20.11 -12.37 19.74
N SER V 111 -21.40 -12.32 20.04
CA SER V 111 -21.91 -12.90 21.28
C SER V 111 -21.77 -14.42 21.29
N GLN V 112 -21.81 -15.05 20.11
CA GLN V 112 -21.77 -16.51 20.05
C GLN V 112 -20.42 -17.06 20.53
N GLY V 113 -19.33 -16.33 20.30
CA GLY V 113 -18.05 -16.77 20.77
C GLY V 113 -17.27 -17.53 19.71
N LEU V 114 -16.45 -18.48 20.16
CA LEU V 114 -15.60 -19.25 19.30
C LEU V 114 -16.23 -20.56 18.83
N ASN V 115 -17.48 -20.81 19.17
CA ASN V 115 -18.16 -22.06 18.82
C ASN V 115 -19.07 -21.89 17.61
N VAL V 116 -19.31 -23.00 16.92
CA VAL V 116 -20.04 -23.03 15.67
C VAL V 116 -21.24 -23.97 15.82
N ASP V 117 -22.41 -23.52 15.37
CA ASP V 117 -23.61 -24.34 15.42
C ASP V 117 -24.29 -24.29 14.05
N PRO V 118 -24.59 -25.44 13.45
CA PRO V 118 -25.26 -25.43 12.13
C PRO V 118 -26.62 -24.74 12.15
N ALA V 119 -27.37 -24.86 13.24
CA ALA V 119 -28.69 -24.24 13.31
C ALA V 119 -28.61 -22.73 13.24
N GLN V 120 -27.64 -22.14 13.93
CA GLN V 120 -27.53 -20.69 13.99
C GLN V 120 -26.99 -20.14 12.67
N PRO V 121 -27.33 -18.89 12.35
CA PRO V 121 -26.80 -18.27 11.13
C PRO V 121 -25.30 -18.02 11.23
N GLY V 122 -24.66 -18.00 10.07
CA GLY V 122 -23.22 -17.84 9.98
C GLY V 122 -22.44 -19.12 9.83
N PHE V 123 -23.11 -20.26 9.66
CA PHE V 123 -22.41 -21.54 9.52
C PHE V 123 -21.78 -21.68 8.15
N PHE V 124 -22.48 -21.25 7.10
CA PHE V 124 -21.94 -21.35 5.75
C PHE V 124 -20.77 -20.40 5.53
N TRP V 125 -20.69 -19.31 6.30
CA TRP V 125 -19.47 -18.51 6.29
C TRP V 125 -18.29 -19.33 6.78
N PHE V 126 -18.49 -20.10 7.85
CA PHE V 126 -17.47 -21.04 8.31
C PHE V 126 -17.09 -22.03 7.22
N LEU V 127 -18.08 -22.63 6.56
CA LEU V 127 -17.78 -23.61 5.52
C LEU V 127 -16.97 -23.00 4.38
N THR V 128 -17.38 -21.82 3.92
CA THR V 128 -16.67 -21.16 2.83
C THR V 128 -15.26 -20.77 3.23
N MET V 129 -15.09 -20.26 4.45
CA MET V 129 -13.77 -19.83 4.89
C MET V 129 -12.81 -21.02 5.03
N VAL V 130 -13.31 -22.13 5.58
CA VAL V 130 -12.47 -23.34 5.70
C VAL V 130 -12.10 -23.87 4.32
N ALA V 131 -13.08 -23.92 3.40
CA ALA V 131 -12.79 -24.42 2.06
C ALA V 131 -11.78 -23.54 1.35
N ALA V 132 -11.91 -22.21 1.50
CA ALA V 132 -10.96 -21.30 0.87
C ALA V 132 -9.56 -21.48 1.44
N THR V 133 -9.45 -21.66 2.77
CA THR V 133 -8.13 -21.89 3.36
C THR V 133 -7.50 -23.16 2.82
N ILE V 134 -8.29 -24.24 2.72
CA ILE V 134 -7.78 -25.50 2.19
C ILE V 134 -7.32 -25.33 0.76
N ALA V 135 -8.11 -24.64 -0.06
CA ALA V 135 -7.74 -24.42 -1.45
C ALA V 135 -6.45 -23.61 -1.57
N PHE V 136 -6.30 -22.58 -0.74
CA PHE V 136 -5.09 -21.75 -0.82
C PHE V 136 -3.85 -22.54 -0.44
N VAL V 137 -3.92 -23.33 0.64
CA VAL V 137 -2.77 -24.13 1.05
C VAL V 137 -2.45 -25.19 -0.01
N GLY V 138 -3.49 -25.79 -0.60
CA GLY V 138 -3.26 -26.76 -1.65
C GLY V 138 -2.59 -26.15 -2.86
N TRP V 139 -2.98 -24.92 -3.22
CA TRP V 139 -2.33 -24.24 -4.34
C TRP V 139 -0.87 -23.96 -4.04
N LEU V 140 -0.57 -23.56 -2.79
CA LEU V 140 0.82 -23.34 -2.40
C LEU V 140 1.64 -24.62 -2.53
N LEU V 141 1.10 -25.73 -2.04
CA LEU V 141 1.84 -26.99 -2.10
C LEU V 141 2.00 -27.47 -3.53
N ARG V 142 0.99 -27.25 -4.38
CA ARG V 142 1.10 -27.61 -5.78
C ARG V 142 2.19 -26.80 -6.47
N GLN V 143 2.29 -25.51 -6.14
CA GLN V 143 3.37 -24.69 -6.69
C GLN V 143 4.72 -25.22 -6.24
N ILE V 144 4.83 -25.63 -4.98
CA ILE V 144 6.08 -26.23 -4.51
C ILE V 144 6.42 -27.48 -5.31
N ASP V 145 5.42 -28.34 -5.56
CA ASP V 145 5.67 -29.56 -6.32
C ASP V 145 6.14 -29.26 -7.74
N ILE V 146 5.45 -28.33 -8.42
CA ILE V 146 5.82 -28.01 -9.79
C ILE V 146 7.21 -27.39 -9.85
N SER V 147 7.56 -26.57 -8.85
CA SER V 147 8.91 -26.03 -8.79
C SER V 147 9.93 -27.15 -8.57
N LEU V 148 9.59 -28.14 -7.75
CA LEU V 148 10.53 -29.21 -7.45
C LEU V 148 10.71 -30.17 -8.62
N LYS V 149 9.71 -30.27 -9.50
CA LYS V 149 9.85 -31.13 -10.67
C LYS V 149 10.79 -30.53 -11.72
N LEU V 150 10.93 -29.22 -11.75
CA LEU V 150 11.74 -28.54 -12.76
C LEU V 150 13.11 -28.13 -12.26
N ASP V 151 13.48 -28.52 -11.03
CA ASP V 151 14.79 -28.21 -10.48
C ASP V 151 15.02 -26.71 -10.35
N MET V 152 13.96 -25.98 -10.00
CA MET V 152 14.03 -24.54 -9.83
C MET V 152 14.18 -24.19 -8.36
N GLY V 153 14.29 -22.90 -8.07
CA GLY V 153 14.27 -22.41 -6.71
C GLY V 153 12.87 -22.36 -6.16
N MET V 154 12.76 -21.92 -4.91
CA MET V 154 11.51 -21.91 -4.19
C MET V 154 11.08 -20.48 -3.87
N GLU V 155 11.24 -19.57 -4.82
CA GLU V 155 10.99 -18.14 -4.61
C GLU V 155 9.51 -17.80 -4.73
N VAL V 156 8.87 -18.26 -5.80
CA VAL V 156 7.44 -18.06 -5.98
C VAL V 156 6.64 -18.63 -4.80
N PRO V 157 6.94 -19.82 -4.29
CA PRO V 157 6.28 -20.27 -3.06
C PRO V 157 6.50 -19.32 -1.88
N ILE V 158 7.65 -18.68 -1.75
CA ILE V 158 7.85 -17.73 -0.66
C ILE V 158 6.92 -16.53 -0.80
N ALA V 159 6.83 -15.97 -2.01
CA ALA V 159 5.95 -14.82 -2.22
C ALA V 159 4.49 -15.19 -1.97
N PHE V 160 4.05 -16.31 -2.55
CA PHE V 160 2.67 -16.73 -2.34
C PHE V 160 2.42 -17.08 -0.87
N GLY V 161 3.42 -17.61 -0.18
CA GLY V 161 3.26 -17.90 1.23
C GLY V 161 3.10 -16.63 2.06
N ALA V 162 3.78 -15.56 1.65
CA ALA V 162 3.54 -14.26 2.28
C ALA V 162 2.08 -13.85 2.12
N VAL V 163 1.54 -14.03 0.91
CA VAL V 163 0.14 -13.67 0.67
C VAL V 163 -0.80 -14.54 1.51
N VAL V 164 -0.54 -15.84 1.56
CA VAL V 164 -1.40 -16.76 2.31
C VAL V 164 -1.31 -16.48 3.81
N SER V 165 -0.14 -16.11 4.31
CA SER V 165 -0.03 -15.72 5.72
C SER V 165 -0.82 -14.45 5.98
N SER V 166 -0.86 -13.54 5.00
CA SER V 166 -1.71 -12.36 5.13
C SER V 166 -3.19 -12.75 5.27
N TRP V 167 -3.63 -13.74 4.48
CA TRP V 167 -4.99 -14.27 4.63
C TRP V 167 -5.22 -14.89 6.01
N ILE V 168 -4.28 -15.74 6.45
CA ILE V 168 -4.46 -16.45 7.72
C ILE V 168 -4.49 -15.50 8.90
N THR V 169 -3.70 -14.42 8.85
CA THR V 169 -3.75 -13.43 9.92
C THR V 169 -5.13 -12.81 10.04
N LEU V 170 -5.73 -12.45 8.90
CA LEU V 170 -7.03 -11.79 8.94
C LEU V 170 -8.15 -12.73 9.34
N GLN V 171 -8.11 -13.99 8.90
CA GLN V 171 -9.27 -14.86 9.12
C GLN V 171 -9.12 -15.88 10.24
N TRP V 172 -7.90 -16.13 10.74
CA TRP V 172 -7.73 -17.09 11.83
C TRP V 172 -7.13 -16.47 13.09
N LEU V 173 -5.98 -15.81 12.99
CA LEU V 173 -5.24 -15.43 14.19
C LEU V 173 -5.95 -14.31 14.96
N ARG V 174 -6.38 -13.26 14.26
CA ARG V 174 -7.04 -12.14 14.93
C ARG V 174 -8.34 -12.56 15.61
N PRO V 175 -9.27 -13.27 14.95
CA PRO V 175 -10.48 -13.70 15.66
C PRO V 175 -10.21 -14.59 16.86
N ILE V 176 -9.21 -15.46 16.80
CA ILE V 176 -8.90 -16.31 17.95
C ILE V 176 -8.30 -15.49 19.08
N ALA V 177 -7.39 -14.58 18.76
CA ALA V 177 -6.77 -13.75 19.80
C ALA V 177 -7.79 -12.86 20.48
N MET V 178 -8.72 -12.28 19.70
CA MET V 178 -9.78 -11.48 20.29
C MET V 178 -10.88 -12.34 20.91
N GLY V 179 -10.97 -13.61 20.52
CA GLY V 179 -11.72 -14.60 21.28
C GLY V 179 -13.21 -14.65 21.03
N ALA V 180 -13.76 -13.80 20.16
CA ALA V 180 -15.19 -13.81 19.91
C ALA V 180 -15.57 -14.32 18.52
N TRP V 181 -14.64 -14.30 17.57
CA TRP V 181 -14.79 -14.97 16.27
C TRP V 181 -15.75 -14.23 15.34
N GLY V 182 -16.38 -13.16 15.82
CA GLY V 182 -17.13 -12.26 14.99
C GLY V 182 -16.29 -11.17 14.37
N HIS V 183 -15.00 -11.30 14.57
CA HIS V 183 -14.02 -10.35 14.16
C HIS V 183 -13.30 -10.73 12.88
N GLY V 184 -13.98 -11.39 11.95
CA GLY V 184 -13.40 -11.79 10.68
C GLY V 184 -14.22 -11.08 9.65
N PHE V 185 -13.74 -10.95 8.43
CA PHE V 185 -14.45 -10.20 7.41
C PHE V 185 -15.59 -10.83 6.61
N PRO V 186 -16.74 -10.09 6.38
CA PRO V 186 -17.74 -10.69 5.50
C PRO V 186 -17.21 -10.85 4.08
N LEU V 187 -17.62 -11.93 3.43
CA LEU V 187 -17.17 -12.26 2.08
C LEU V 187 -18.21 -11.81 1.07
N GLY V 188 -18.29 -10.50 0.88
CA GLY V 188 -19.24 -9.92 -0.06
C GLY V 188 -18.58 -8.87 -0.93
N ILE V 189 -18.92 -8.89 -2.22
CA ILE V 189 -18.37 -7.91 -3.15
C ILE V 189 -18.97 -6.55 -2.83
N THR V 190 -18.12 -5.55 -2.64
CA THR V 190 -18.44 -4.20 -2.19
C THR V 190 -18.81 -4.17 -0.70
N HIS V 191 -18.91 -5.31 -0.03
CA HIS V 191 -19.26 -5.35 1.38
C HIS V 191 -18.09 -5.62 2.30
N HIS V 192 -16.97 -6.17 1.81
CA HIS V 192 -15.81 -6.24 2.68
C HIS V 192 -15.21 -4.85 2.86
N LEU V 193 -15.54 -3.93 1.95
CA LEU V 193 -15.10 -2.54 2.07
C LEU V 193 -15.78 -1.87 3.26
N ASP V 194 -17.02 -2.23 3.55
CA ASP V 194 -17.69 -1.72 4.74
C ASP V 194 -16.96 -2.13 6.01
N TRP V 195 -16.55 -3.40 6.07
CA TRP V 195 -15.77 -3.88 7.21
C TRP V 195 -14.44 -3.14 7.31
N VAL V 196 -13.76 -2.95 6.19
CA VAL V 196 -12.48 -2.23 6.21
C VAL V 196 -12.67 -0.82 6.73
N SER V 197 -13.70 -0.13 6.24
CA SER V 197 -13.94 1.26 6.67
C SER V 197 -14.27 1.34 8.15
N ASN V 198 -15.14 0.45 8.64
CA ASN V 198 -15.51 0.50 10.05
C ASN V 198 -14.35 0.13 10.96
N ILE V 199 -13.56 -0.87 10.59
CA ILE V 199 -12.39 -1.23 11.38
C ILE V 199 -11.37 -0.10 11.37
N GLY V 200 -11.16 0.53 10.22
CA GLY V 200 -10.20 1.61 10.14
C GLY V 200 -10.59 2.82 10.96
N TYR V 201 -11.88 3.15 10.99
CA TYR V 201 -12.32 4.29 11.78
C TYR V 201 -12.55 3.96 13.25
N GLN V 202 -12.64 2.67 13.62
CA GLN V 202 -12.72 2.33 15.02
C GLN V 202 -11.42 2.68 15.75
N TYR V 203 -10.28 2.43 15.10
CA TYR V 203 -8.97 2.82 15.62
C TYR V 203 -8.51 4.04 14.82
N TYR V 204 -8.97 5.21 15.24
CA TYR V 204 -8.94 6.39 14.37
C TYR V 204 -7.53 6.89 14.10
N ASN V 205 -7.35 7.42 12.89
CA ASN V 205 -6.05 7.62 12.25
C ASN V 205 -5.30 6.30 12.14
N PHE V 206 -5.82 5.44 11.27
CA PHE V 206 -5.11 4.25 10.86
C PHE V 206 -3.96 4.59 9.92
N PHE V 207 -3.97 5.80 9.34
CA PHE V 207 -2.77 6.38 8.73
C PHE V 207 -1.60 6.44 9.71
N TYR V 208 -1.88 6.77 10.97
CA TYR V 208 -0.81 7.00 11.93
C TYR V 208 -0.21 5.70 12.45
N ASN V 209 -0.77 4.56 12.07
CA ASN V 209 -0.14 3.28 12.33
C ASN V 209 1.17 3.17 11.55
N PRO V 210 2.30 2.92 12.21
CA PRO V 210 3.59 2.90 11.49
C PRO V 210 3.70 1.82 10.43
N PHE V 211 3.22 0.61 10.71
CA PHE V 211 3.38 -0.48 9.75
C PHE V 211 2.47 -0.30 8.55
N HIS V 212 1.30 0.32 8.72
CA HIS V 212 0.45 0.65 7.57
C HIS V 212 1.19 1.61 6.64
N ALA V 213 1.86 2.61 7.22
CA ALA V 213 2.63 3.56 6.42
C ALA V 213 3.79 2.88 5.70
N ILE V 214 4.48 1.95 6.37
CA ILE V 214 5.56 1.22 5.71
C ILE V 214 5.00 0.37 4.57
N GLY V 215 3.84 -0.26 4.77
CA GLY V 215 3.24 -1.04 3.71
C GLY V 215 2.83 -0.20 2.51
N ILE V 216 2.27 0.98 2.76
CA ILE V 216 1.91 1.88 1.66
C ILE V 216 3.15 2.33 0.91
N THR V 217 4.22 2.64 1.64
CA THR V 217 5.49 3.00 1.00
C THR V 217 5.99 1.89 0.11
N LEU V 218 5.94 0.65 0.60
CA LEU V 218 6.41 -0.49 -0.19
C LEU V 218 5.53 -0.73 -1.41
N LEU V 219 4.22 -0.55 -1.27
CA LEU V 219 3.32 -0.73 -2.42
C LEU V 219 3.62 0.29 -3.51
N PHE V 220 3.75 1.56 -3.13
CA PHE V 220 4.03 2.60 -4.11
C PHE V 220 5.40 2.39 -4.75
N ALA V 221 6.40 2.01 -3.95
CA ALA V 221 7.72 1.71 -4.51
C ALA V 221 7.67 0.53 -5.47
N SER V 222 6.87 -0.48 -5.15
CA SER V 222 6.73 -1.63 -6.04
C SER V 222 6.14 -1.22 -7.38
N THR V 223 5.09 -0.40 -7.37
CA THR V 223 4.50 0.06 -8.62
C THR V 223 5.49 0.89 -9.43
N LEU V 224 6.22 1.78 -8.78
CA LEU V 224 7.20 2.60 -9.47
C LEU V 224 8.31 1.74 -10.06
N PHE V 225 8.79 0.75 -9.32
CA PHE V 225 9.85 -0.13 -9.80
C PHE V 225 9.38 -0.95 -10.99
N LEU V 226 8.14 -1.45 -10.93
CA LEU V 226 7.60 -2.20 -12.05
C LEU V 226 7.54 -1.35 -13.32
N HIS V 227 7.06 -0.10 -13.18
CA HIS V 227 6.99 0.77 -14.35
C HIS V 227 8.38 1.07 -14.90
N MET V 228 9.34 1.33 -14.02
CA MET V 228 10.69 1.63 -14.48
C MET V 228 11.32 0.45 -15.19
N HIS V 229 11.18 -0.75 -14.64
CA HIS V 229 11.77 -1.94 -15.27
C HIS V 229 11.10 -2.24 -16.61
N GLY V 230 9.78 -2.13 -16.68
CA GLY V 230 9.09 -2.35 -17.94
C GLY V 230 9.53 -1.36 -19.01
N SER V 231 9.63 -0.08 -18.64
CA SER V 231 10.10 0.93 -19.59
C SER V 231 11.51 0.64 -20.06
N ALA V 232 12.41 0.31 -19.12
CA ALA V 232 13.81 0.08 -19.49
C ALA V 232 13.95 -1.11 -20.43
N VAL V 233 13.25 -2.21 -20.15
CA VAL V 233 13.38 -3.38 -21.00
C VAL V 233 12.72 -3.13 -22.36
N LEU V 234 11.57 -2.46 -22.38
CA LEU V 234 10.89 -2.21 -23.64
C LEU V 234 11.62 -1.20 -24.52
N SER V 235 12.47 -0.34 -23.94
CA SER V 235 13.15 0.69 -24.70
C SER V 235 14.33 0.18 -25.51
N GLU V 236 14.62 -1.13 -25.48
CA GLU V 236 15.77 -1.66 -26.20
C GLU V 236 15.47 -2.96 -26.91
N ALA V 237 14.20 -3.29 -27.15
CA ALA V 237 13.85 -4.63 -27.61
C ALA V 237 14.24 -4.85 -29.07
N LYS V 238 14.03 -3.87 -29.93
CA LYS V 238 14.10 -4.07 -31.37
C LYS V 238 15.05 -3.06 -32.01
N ARG V 239 16.24 -2.92 -31.44
CA ARG V 239 17.23 -1.96 -31.92
C ARG V 239 18.60 -2.62 -31.99
N ASN V 240 19.44 -2.09 -32.89
CA ASN V 240 20.82 -2.54 -33.01
C ASN V 240 21.66 -1.78 -32.00
N ILE V 241 21.76 -2.33 -30.79
CA ILE V 241 22.51 -1.72 -29.70
C ILE V 241 23.43 -2.78 -29.10
N SER V 242 24.36 -2.32 -28.26
CA SER V 242 25.48 -3.14 -27.80
C SER V 242 25.26 -3.77 -26.43
N ASP V 243 24.05 -3.68 -25.87
CA ASP V 243 23.65 -4.22 -24.58
C ASP V 243 24.18 -3.38 -23.41
N GLN V 244 25.07 -2.42 -23.66
CA GLN V 244 25.57 -1.54 -22.61
C GLN V 244 24.99 -0.14 -22.68
N ASN V 245 24.08 0.10 -23.63
CA ASN V 245 23.42 1.40 -23.71
C ASN V 245 22.53 1.65 -22.50
N ILE V 246 21.85 0.61 -22.03
CA ILE V 246 20.93 0.77 -20.91
C ILE V 246 21.70 1.13 -19.63
N HIS V 247 22.89 0.57 -19.44
CA HIS V 247 23.69 0.89 -18.26
C HIS V 247 24.15 2.35 -18.29
N VAL V 248 24.59 2.82 -19.45
CA VAL V 248 25.01 4.22 -19.57
C VAL V 248 23.80 5.14 -19.37
N PHE V 249 22.64 4.75 -19.88
CA PHE V 249 21.44 5.55 -19.70
C PHE V 249 21.06 5.64 -18.21
N TRP V 250 21.20 4.53 -17.49
CA TRP V 250 20.80 4.53 -16.08
C TRP V 250 21.87 5.13 -15.17
N ARG V 251 23.12 5.23 -15.64
CA ARG V 251 24.12 5.94 -14.85
C ARG V 251 24.10 7.44 -15.13
N ASN V 252 23.72 7.84 -16.33
CA ASN V 252 23.63 9.27 -16.63
C ASN V 252 22.45 9.91 -15.90
N ILE V 253 21.37 9.16 -15.70
CA ILE V 253 20.22 9.61 -14.93
C ILE V 253 20.20 8.84 -13.61
N LEU V 254 20.25 9.57 -12.51
CA LEU V 254 20.30 9.10 -11.12
C LEU V 254 21.69 8.59 -10.73
N GLY V 255 22.64 8.46 -11.65
CA GLY V 255 23.99 8.05 -11.30
C GLY V 255 24.10 6.70 -10.63
N TYR V 256 23.36 5.71 -11.11
CA TYR V 256 23.50 4.35 -10.61
C TYR V 256 22.68 3.40 -11.47
N SER V 257 23.26 2.26 -11.80
CA SER V 257 22.55 1.18 -12.49
C SER V 257 22.67 -0.09 -11.66
N ILE V 258 21.52 -0.66 -11.30
CA ILE V 258 21.52 -1.80 -10.38
C ILE V 258 22.09 -3.05 -11.05
N GLY V 259 21.78 -3.26 -12.33
CA GLY V 259 22.18 -4.45 -13.05
C GLY V 259 21.00 -5.35 -13.34
N GLU V 260 21.29 -6.44 -14.05
CA GLU V 260 20.22 -7.34 -14.47
C GLU V 260 19.68 -8.17 -13.31
N ILE V 261 20.56 -8.71 -12.47
CA ILE V 261 20.10 -9.62 -11.41
C ILE V 261 19.58 -8.88 -10.19
N GLY V 262 19.95 -7.62 -9.99
CA GLY V 262 19.52 -6.91 -8.80
C GLY V 262 18.07 -6.44 -8.85
N ILE V 263 17.57 -6.12 -10.04
CA ILE V 263 16.22 -5.56 -10.15
C ILE V 263 15.17 -6.59 -9.75
N HIS V 264 15.34 -7.85 -10.17
CA HIS V 264 14.37 -8.88 -9.81
C HIS V 264 14.43 -9.21 -8.32
N ARG V 265 15.63 -9.23 -7.74
CA ARG V 265 15.75 -9.42 -6.30
C ARG V 265 15.03 -8.32 -5.53
N VAL V 266 15.24 -7.07 -5.96
CA VAL V 266 14.60 -5.94 -5.29
C VAL V 266 13.09 -6.04 -5.42
N ALA V 267 12.60 -6.42 -6.61
CA ALA V 267 11.17 -6.56 -6.82
C ALA V 267 10.56 -7.59 -5.87
N PHE V 268 11.18 -8.78 -5.81
CA PHE V 268 10.66 -9.85 -4.96
C PHE V 268 10.67 -9.41 -3.49
N TRP V 269 11.78 -8.81 -3.05
CA TRP V 269 11.88 -8.42 -1.64
C TRP V 269 10.86 -7.35 -1.27
N THR V 270 10.70 -6.33 -2.11
CA THR V 270 9.74 -5.28 -1.80
C THR V 270 8.33 -5.81 -1.78
N GLY V 271 7.98 -6.66 -2.76
CA GLY V 271 6.65 -7.24 -2.79
C GLY V 271 6.32 -8.03 -1.54
N ALA V 272 7.25 -8.90 -1.11
CA ALA V 272 6.99 -9.67 0.10
C ALA V 272 6.90 -8.79 1.33
N ALA V 273 7.83 -7.81 1.45
CA ALA V 273 7.91 -7.01 2.67
C ALA V 273 6.66 -6.18 2.89
N SER V 274 6.06 -5.67 1.80
CA SER V 274 4.85 -4.86 1.95
C SER V 274 3.73 -5.64 2.65
N VAL V 275 3.44 -6.84 2.16
CA VAL V 275 2.37 -7.64 2.75
C VAL V 275 2.73 -8.07 4.16
N LEU V 276 4.01 -8.38 4.41
CA LEU V 276 4.39 -8.78 5.76
C LEU V 276 4.12 -7.67 6.78
N PHE V 277 4.56 -6.45 6.47
CA PHE V 277 4.32 -5.35 7.39
C PHE V 277 2.83 -5.03 7.51
N SER V 278 2.07 -5.20 6.43
CA SER V 278 0.63 -4.94 6.50
C SER V 278 -0.06 -5.93 7.44
N ASN V 279 0.27 -7.21 7.35
CA ASN V 279 -0.38 -8.15 8.26
C ASN V 279 0.07 -7.91 9.70
N LEU V 280 1.32 -7.49 9.89
CA LEU V 280 1.78 -7.13 11.23
C LEU V 280 0.96 -5.98 11.80
N CYS V 281 0.70 -4.94 11.00
CA CYS V 281 -0.02 -3.80 11.54
C CYS V 281 -1.46 -4.15 11.84
N ILE V 282 -2.11 -4.95 10.98
CA ILE V 282 -3.49 -5.32 11.25
C ILE V 282 -3.61 -6.13 12.54
N PHE V 283 -2.71 -7.11 12.73
CA PHE V 283 -2.79 -7.90 13.95
C PHE V 283 -2.51 -7.05 15.18
N LEU V 284 -1.50 -6.17 15.10
CA LEU V 284 -1.16 -5.37 16.26
C LEU V 284 -2.28 -4.40 16.61
N SER V 285 -2.92 -3.83 15.58
CA SER V 285 -4.05 -2.92 15.80
C SER V 285 -5.24 -3.65 16.43
N GLY V 286 -5.40 -4.94 16.11
CA GLY V 286 -6.53 -5.66 16.68
C GLY V 286 -6.49 -5.75 18.20
N THR V 287 -5.35 -6.15 18.76
CA THR V 287 -5.29 -6.60 20.14
C THR V 287 -4.48 -5.69 21.07
N PHE V 288 -3.23 -5.41 20.73
CA PHE V 288 -2.35 -4.71 21.68
C PHE V 288 -2.56 -3.20 21.71
N VAL V 289 -3.25 -2.63 20.73
CA VAL V 289 -3.43 -1.18 20.65
C VAL V 289 -4.91 -0.88 20.48
N LYS V 290 -5.32 0.28 20.99
CA LYS V 290 -6.69 0.76 20.96
C LYS V 290 -6.86 2.04 20.17
N ASP V 291 -5.93 2.97 20.28
CA ASP V 291 -5.99 4.25 19.58
C ASP V 291 -4.63 4.57 19.02
N TRP V 292 -4.57 4.96 17.75
CA TRP V 292 -3.30 5.29 17.11
C TRP V 292 -2.92 6.75 17.26
N ASN V 293 -3.83 7.61 17.75
CA ASN V 293 -3.43 8.96 18.12
C ASN V 293 -2.78 8.99 19.50
N ALA V 294 -3.29 8.17 20.42
CA ALA V 294 -2.69 8.08 21.75
C ALA V 294 -1.35 7.35 21.74
N PHE V 295 -1.07 6.58 20.69
CA PHE V 295 0.21 5.90 20.59
C PHE V 295 1.39 6.87 20.50
N TRP V 296 1.16 8.07 20.00
CA TRP V 296 2.22 9.07 19.80
C TRP V 296 2.32 10.06 20.95
N GLY V 297 1.63 9.80 22.06
CA GLY V 297 1.74 10.68 23.22
C GLY V 297 3.06 10.59 23.95
N PHE V 298 3.87 9.58 23.65
CA PHE V 298 5.19 9.42 24.25
C PHE V 298 6.22 10.35 23.64
N TRP V 299 5.96 10.87 22.45
CA TRP V 299 6.99 11.56 21.68
C TRP V 299 7.38 12.88 22.35
N ASP V 300 6.40 13.75 22.60
CA ASP V 300 6.68 15.09 23.09
C ASP V 300 7.13 15.12 24.55
N LYS V 301 7.04 14.01 25.27
CA LYS V 301 7.38 13.95 26.68
C LYS V 301 8.79 13.43 26.94
N MET V 302 9.57 13.15 25.89
CA MET V 302 10.93 12.67 26.09
C MET V 302 11.81 13.78 26.63
N PRO V 303 12.75 13.45 27.53
CA PRO V 303 13.47 14.50 28.27
C PRO V 303 14.62 15.14 27.51
N ILE V 304 14.39 15.50 26.25
CA ILE V 304 15.32 16.30 25.48
C ILE V 304 14.73 17.64 25.07
N TRP V 305 13.40 17.73 25.00
CA TRP V 305 12.67 18.92 24.66
C TRP V 305 11.42 19.21 25.48
N ASN V 306 11.14 18.44 26.54
CA ASN V 306 9.90 18.67 27.27
C ASN V 306 9.88 19.98 28.04
N GLY V 307 10.95 20.74 28.04
CA GLY V 307 10.90 22.03 28.70
C GLY V 307 11.40 23.19 27.89
N VAL V 308 11.16 23.21 26.59
CA VAL V 308 11.73 24.29 25.77
C VAL V 308 10.78 25.30 25.16
N GLY V 309 9.48 25.20 25.42
CA GLY V 309 8.57 26.09 24.73
C GLY V 309 7.60 26.89 25.59
N GLN V 310 6.88 27.85 25.00
CA GLN V 310 5.87 28.60 25.74
C GLN V 310 4.57 28.80 24.96
N GLY V 311 3.45 28.93 25.66
CA GLY V 311 2.16 29.09 25.01
C GLY V 311 1.71 27.94 24.17
N ALA V 312 1.33 28.18 22.93
CA ALA V 312 0.94 27.10 22.01
C ALA V 312 2.12 26.23 21.60
N LEU V 313 3.32 26.71 21.86
CA LEU V 313 4.51 25.96 21.51
C LEU V 313 5.05 25.23 22.71
N VAL V 314 4.22 25.00 23.71
CA VAL V 314 4.63 24.21 24.85
C VAL V 314 4.52 22.71 24.58
N ALA V 315 5.13 21.87 25.43
CA ALA V 315 5.10 20.39 25.33
C ALA V 315 6.23 19.82 24.52
N PRO W 1 26.88 4.44 -34.27
CA PRO W 1 27.02 5.90 -34.40
C PRO W 1 27.04 6.61 -33.05
N ILE W 2 26.90 5.86 -31.97
CA ILE W 2 26.89 6.39 -30.61
C ILE W 2 28.10 5.82 -29.87
N ASP W 3 28.94 6.70 -29.36
CA ASP W 3 30.13 6.31 -28.59
C ASP W 3 29.78 6.44 -27.11
N LEU W 4 29.69 5.31 -26.42
CA LEU W 4 29.30 5.33 -25.02
C LEU W 4 30.37 5.98 -24.15
N HIS W 5 31.64 5.82 -24.53
CA HIS W 5 32.73 6.43 -23.78
C HIS W 5 32.61 7.95 -23.77
N ASP W 6 32.23 8.53 -24.91
CA ASP W 6 32.01 9.97 -24.96
C ASP W 6 30.79 10.38 -24.13
N GLU W 7 29.68 9.64 -24.28
CA GLU W 7 28.47 9.98 -23.54
C GLU W 7 28.62 9.78 -22.04
N GLU W 8 29.65 9.07 -21.59
CA GLU W 8 29.88 8.87 -20.16
C GLU W 8 31.06 9.66 -19.62
N TYR W 9 31.95 10.17 -20.47
CA TYR W 9 33.19 10.80 -20.02
C TYR W 9 33.46 12.11 -20.76
N ARG W 10 32.47 12.98 -20.86
CA ARG W 10 32.70 14.35 -21.32
C ARG W 10 32.89 15.29 -20.13
N ASP W 11 33.27 16.52 -20.44
CA ASP W 11 33.60 17.52 -19.43
C ASP W 11 32.78 18.78 -19.64
N GLY W 12 32.63 19.56 -18.56
CA GLY W 12 31.92 20.82 -18.63
C GLY W 12 30.41 20.62 -18.71
N LEU W 13 29.72 21.72 -18.99
CA LEU W 13 28.30 21.64 -19.28
C LEU W 13 28.10 20.81 -20.53
N GLU W 14 27.00 20.06 -20.57
CA GLU W 14 26.75 19.00 -21.56
C GLU W 14 27.67 17.82 -21.31
N GLY W 15 28.20 17.68 -20.09
CA GLY W 15 29.07 16.57 -19.75
C GLY W 15 28.65 15.88 -18.47
N THR W 16 29.62 15.33 -17.75
CA THR W 16 29.35 14.59 -16.52
C THR W 16 30.27 15.07 -15.40
N ILE W 17 29.83 14.80 -14.18
CA ILE W 17 30.61 15.05 -12.98
C ILE W 17 30.64 13.79 -12.14
N ALA W 18 31.41 13.84 -11.05
CA ALA W 18 31.72 12.64 -10.25
C ALA W 18 32.42 11.60 -11.12
N LYS W 19 33.34 12.07 -11.96
CA LYS W 19 33.90 11.23 -13.02
C LYS W 19 34.62 9.99 -12.49
N PRO W 20 35.49 10.07 -11.49
CA PRO W 20 36.07 8.85 -10.91
C PRO W 20 35.02 8.09 -10.13
N PRO W 21 34.58 6.92 -10.62
CA PRO W 21 33.48 6.22 -9.97
C PRO W 21 33.85 5.74 -8.57
N GLY W 22 32.83 5.66 -7.71
CA GLY W 22 33.01 5.10 -6.39
C GLY W 22 32.68 3.61 -6.35
N HIS W 23 32.81 3.05 -5.15
CA HIS W 23 32.48 1.65 -4.92
C HIS W 23 31.98 1.50 -3.49
N VAL W 24 30.86 0.79 -3.32
CA VAL W 24 30.22 0.66 -2.02
C VAL W 24 30.52 -0.69 -1.37
N GLY W 25 30.68 -1.73 -2.18
CA GLY W 25 31.03 -3.03 -1.62
C GLY W 25 29.83 -3.91 -1.29
N TRP W 26 29.06 -3.52 -0.27
CA TRP W 26 27.94 -4.35 0.13
C TRP W 26 26.82 -4.36 -0.90
N MET W 27 26.65 -3.26 -1.65
CA MET W 27 25.72 -3.31 -2.77
C MET W 27 26.20 -4.24 -3.87
N GLN W 28 27.52 -4.38 -4.03
CA GLN W 28 28.03 -5.35 -4.98
C GLN W 28 27.78 -6.77 -4.51
N ARG W 29 27.80 -7.01 -3.19
CA ARG W 29 27.56 -8.35 -2.66
C ARG W 29 26.08 -8.72 -2.70
N LEU W 30 25.20 -7.77 -2.40
CA LEU W 30 23.78 -8.07 -2.30
C LEU W 30 23.00 -7.87 -3.59
N LEU W 31 23.39 -6.88 -4.41
CA LEU W 31 22.65 -6.53 -5.61
C LEU W 31 23.39 -6.87 -6.89
N GLY W 32 24.68 -7.19 -6.82
CA GLY W 32 25.45 -7.58 -7.98
C GLY W 32 26.24 -6.48 -8.65
N GLU W 33 26.04 -5.23 -8.25
CA GLU W 33 26.82 -4.12 -8.80
C GLU W 33 26.89 -3.00 -7.78
N GLY W 34 28.07 -2.38 -7.68
CA GLY W 34 28.28 -1.34 -6.67
C GLY W 34 29.06 -0.13 -7.17
N GLN W 35 28.91 0.19 -8.46
CA GLN W 35 29.56 1.36 -9.04
C GLN W 35 28.65 2.58 -8.89
N VAL W 36 29.15 3.60 -8.18
CA VAL W 36 28.41 4.85 -8.09
C VAL W 36 28.43 5.58 -9.43
N GLY W 37 29.58 5.63 -10.09
CA GLY W 37 29.66 6.12 -11.45
C GLY W 37 29.36 7.60 -11.59
N PRO W 38 29.69 8.16 -12.75
CA PRO W 38 29.47 9.59 -12.99
C PRO W 38 27.99 9.89 -13.27
N ILE W 39 27.66 11.17 -13.17
CA ILE W 39 26.29 11.65 -13.39
C ILE W 39 26.32 12.81 -14.38
N TYR W 40 25.35 12.81 -15.29
CA TYR W 40 25.28 13.79 -16.36
C TYR W 40 24.63 15.09 -15.89
N VAL W 41 25.09 16.21 -16.46
CA VAL W 41 24.48 17.52 -16.24
C VAL W 41 24.47 18.30 -17.55
N GLY W 42 23.28 18.56 -18.09
CA GLY W 42 23.19 19.11 -19.43
C GLY W 42 22.17 20.21 -19.67
N LEU W 43 21.96 21.07 -18.68
CA LEU W 43 21.03 22.20 -18.77
C LEU W 43 19.57 21.77 -18.64
N TRP W 44 19.32 20.47 -18.66
CA TRP W 44 18.04 19.89 -18.27
C TRP W 44 18.32 19.10 -17.01
N GLY W 45 18.24 19.77 -15.85
CA GLY W 45 18.68 19.19 -14.61
C GLY W 45 19.36 20.22 -13.72
N VAL W 46 20.01 21.20 -14.34
CA VAL W 46 20.44 22.38 -13.58
C VAL W 46 19.22 23.22 -13.22
N ILE W 47 18.31 23.40 -14.17
CA ILE W 47 17.06 24.11 -13.89
C ILE W 47 16.24 23.37 -12.85
N SER W 48 16.15 22.04 -12.99
CA SER W 48 15.42 21.23 -12.02
C SER W 48 16.02 21.36 -10.63
N PHE W 49 17.36 21.27 -10.56
CA PHE W 49 18.06 21.43 -9.29
C PHE W 49 17.74 22.77 -8.64
N ILE W 50 17.89 23.86 -9.40
CA ILE W 50 17.72 25.19 -8.85
C ILE W 50 16.28 25.41 -8.39
N THR W 51 15.32 25.03 -9.22
CA THR W 51 13.91 25.26 -8.89
C THR W 51 13.47 24.41 -7.71
N PHE W 52 13.86 23.13 -7.69
CA PHE W 52 13.48 22.27 -6.57
C PHE W 52 14.07 22.77 -5.27
N PHE W 53 15.34 23.22 -5.29
CA PHE W 53 15.92 23.67 -4.04
C PHE W 53 15.42 25.05 -3.64
N ALA W 54 14.99 25.87 -4.58
CA ALA W 54 14.29 27.11 -4.21
C ALA W 54 12.99 26.80 -3.48
N SER W 55 12.22 25.85 -4.01
CA SER W 55 10.97 25.46 -3.33
C SER W 55 11.26 24.89 -1.94
N ALA W 56 12.26 24.02 -1.83
CA ALA W 56 12.60 23.43 -0.54
C ALA W 56 13.06 24.49 0.45
N PHE W 57 13.85 25.47 -0.01
CA PHE W 57 14.29 26.54 0.87
C PHE W 57 13.11 27.36 1.38
N ILE W 58 12.16 27.68 0.49
CA ILE W 58 10.98 28.43 0.91
C ILE W 58 10.22 27.66 1.99
N ILE W 59 10.00 26.36 1.75
CA ILE W 59 9.21 25.56 2.71
C ILE W 59 9.94 25.46 4.05
N LEU W 60 11.25 25.23 4.02
CA LEU W 60 12.00 25.07 5.26
C LEU W 60 12.06 26.38 6.05
N VAL W 61 12.18 27.51 5.35
CA VAL W 61 12.21 28.79 6.05
C VAL W 61 10.85 29.09 6.68
N ASP W 62 9.76 28.73 5.99
CA ASP W 62 8.45 28.89 6.60
C ASP W 62 8.29 27.99 7.82
N TYR W 63 8.80 26.76 7.73
CA TYR W 63 8.80 25.86 8.89
C TYR W 63 9.52 26.51 10.07
N GLY W 64 10.68 27.10 9.81
CA GLY W 64 11.43 27.76 10.87
C GLY W 64 10.67 28.93 11.47
N ARG W 65 10.02 29.73 10.62
CA ARG W 65 9.27 30.88 11.12
C ARG W 65 8.07 30.43 11.96
N GLN W 66 7.48 29.28 11.65
CA GLN W 66 6.30 28.84 12.38
C GLN W 66 6.60 28.43 13.82
N VAL W 67 7.86 28.12 14.15
CA VAL W 67 8.22 27.68 15.49
C VAL W 67 8.95 28.76 16.27
N GLY W 68 8.95 30.00 15.79
CA GLY W 68 9.66 31.05 16.48
C GLY W 68 11.16 30.99 16.35
N TRP W 69 11.66 30.29 15.34
CA TRP W 69 13.10 30.15 15.10
C TRP W 69 13.80 29.42 16.24
N ASN W 70 13.11 28.45 16.85
CA ASN W 70 13.69 27.64 17.91
C ASN W 70 14.16 26.32 17.32
N PRO W 71 15.46 26.06 17.23
CA PRO W 71 15.91 24.80 16.61
C PRO W 71 15.47 23.55 17.35
N ILE W 72 15.42 23.59 18.68
CA ILE W 72 15.02 22.42 19.45
C ILE W 72 13.56 22.09 19.17
N ILE W 73 12.69 23.10 19.17
CA ILE W 73 11.30 22.88 18.80
C ILE W 73 11.18 22.51 17.33
N TYR W 74 12.12 22.99 16.50
CA TYR W 74 12.17 22.58 15.10
C TYR W 74 12.34 21.07 14.98
N LEU W 75 13.28 20.51 15.74
CA LEU W 75 13.41 19.05 15.77
C LEU W 75 12.21 18.38 16.43
N ARG W 76 11.61 19.05 17.42
CA ARG W 76 10.45 18.49 18.10
C ARG W 76 9.28 18.26 17.15
N GLU W 77 8.92 19.28 16.39
CA GLU W 77 7.66 19.30 15.64
C GLU W 77 7.89 19.27 14.14
N PHE W 78 8.98 18.66 13.69
CA PHE W 78 9.30 18.66 12.27
C PHE W 78 8.27 17.88 11.45
N TRP W 79 7.82 16.74 11.97
CA TRP W 79 6.98 15.84 11.19
C TRP W 79 5.51 16.25 11.19
N ASN W 80 5.12 17.22 12.00
CA ASN W 80 3.76 17.74 12.02
C ASN W 80 3.72 19.23 11.67
N LEU W 81 4.71 19.68 10.90
CA LEU W 81 4.74 21.04 10.38
C LEU W 81 4.34 21.03 8.91
N ALA W 82 3.65 22.08 8.48
CA ALA W 82 3.16 22.14 7.12
C ALA W 82 2.97 23.59 6.69
N VAL W 83 2.87 23.79 5.39
CA VAL W 83 2.63 25.10 4.79
C VAL W 83 1.36 24.98 3.96
N TYR W 84 0.23 25.33 4.56
CA TYR W 84 -1.07 25.08 3.94
C TYR W 84 -1.41 26.13 2.88
N PRO W 85 -2.30 25.80 1.96
CA PRO W 85 -2.75 26.79 0.97
C PRO W 85 -3.66 27.83 1.61
N PRO W 86 -4.07 28.83 0.84
CA PRO W 86 -4.92 29.87 1.41
C PRO W 86 -6.27 29.30 1.83
N PRO W 87 -6.91 29.90 2.83
CA PRO W 87 -8.21 29.41 3.29
C PRO W 87 -9.28 29.51 2.21
N THR W 88 -10.46 28.99 2.54
CA THR W 88 -11.52 28.85 1.54
C THR W 88 -12.03 30.20 1.05
N GLU W 89 -12.04 31.22 1.91
CA GLU W 89 -12.31 32.56 1.45
C GLU W 89 -11.19 33.01 0.51
N TYR W 90 -11.51 33.97 -0.36
CA TYR W 90 -10.63 34.40 -1.46
C TYR W 90 -10.06 33.20 -2.20
N GLY W 91 -10.98 32.45 -2.83
CA GLY W 91 -10.72 31.16 -3.44
C GLY W 91 -9.46 30.99 -4.26
N LEU W 92 -9.35 31.69 -5.39
CA LEU W 92 -8.22 31.52 -6.29
C LEU W 92 -7.34 32.76 -6.38
N SER W 93 -7.48 33.70 -5.45
CA SER W 93 -6.71 34.94 -5.49
C SER W 93 -5.28 34.69 -5.01
N TRP W 94 -4.36 35.53 -5.51
CA TRP W 94 -2.95 35.45 -5.13
C TRP W 94 -2.54 36.55 -4.16
N ASN W 95 -3.39 37.54 -3.92
CA ASN W 95 -3.09 38.61 -2.96
C ASN W 95 -3.37 38.07 -1.56
N VAL W 96 -2.43 37.27 -1.08
CA VAL W 96 -2.60 36.57 0.19
C VAL W 96 -1.40 36.86 1.08
N PRO W 97 -1.57 36.93 2.40
CA PRO W 97 -0.40 37.09 3.28
C PRO W 97 0.54 35.91 3.18
N TRP W 98 1.82 36.17 3.42
CA TRP W 98 2.84 35.13 3.29
C TRP W 98 2.60 33.99 4.27
N ASP W 99 2.07 34.29 5.45
CA ASP W 99 1.78 33.27 6.45
C ASP W 99 0.38 32.69 6.33
N LYS W 100 -0.40 33.13 5.34
CA LYS W 100 -1.76 32.66 5.13
C LYS W 100 -1.92 32.02 3.76
N GLY W 101 -0.83 31.48 3.21
CA GLY W 101 -0.86 30.82 1.92
C GLY W 101 0.00 31.44 0.85
N GLY W 102 0.71 32.53 1.15
CA GLY W 102 1.56 33.15 0.15
C GLY W 102 2.72 32.28 -0.27
N ALA W 103 3.33 31.57 0.68
CA ALA W 103 4.50 30.76 0.38
C ALA W 103 4.13 29.48 -0.37
N TRP W 104 2.94 28.95 -0.11
CA TRP W 104 2.49 27.73 -0.77
C TRP W 104 2.42 27.90 -2.28
N LEU W 105 1.91 29.05 -2.74
CA LEU W 105 1.77 29.29 -4.17
C LEU W 105 3.12 29.32 -4.86
N ALA W 106 4.08 30.05 -4.28
CA ALA W 106 5.42 30.13 -4.88
C ALA W 106 6.10 28.77 -4.90
N ALA W 107 6.05 28.04 -3.79
CA ALA W 107 6.67 26.73 -3.74
C ALA W 107 6.07 25.78 -4.77
N THR W 108 4.74 25.82 -4.91
CA THR W 108 4.07 24.95 -5.87
C THR W 108 4.46 25.30 -7.30
N PHE W 109 4.57 26.60 -7.60
CA PHE W 109 4.99 27.01 -8.94
C PHE W 109 6.39 26.50 -9.27
N PHE W 110 7.33 26.67 -8.34
CA PHE W 110 8.69 26.18 -8.59
C PHE W 110 8.72 24.66 -8.72
N LEU W 111 7.88 23.96 -7.94
CA LEU W 111 7.84 22.51 -8.05
C LEU W 111 7.31 22.06 -9.41
N HIS W 112 6.30 22.76 -9.93
CA HIS W 112 5.81 22.46 -11.28
C HIS W 112 6.92 22.61 -12.31
N ILE W 113 7.65 23.73 -12.24
CA ILE W 113 8.74 23.96 -13.19
C ILE W 113 9.78 22.84 -13.07
N SER W 114 10.09 22.43 -11.84
CA SER W 114 11.09 21.40 -11.62
C SER W 114 10.67 20.07 -12.23
N VAL W 115 9.41 19.66 -12.05
CA VAL W 115 8.99 18.36 -12.57
C VAL W 115 8.96 18.38 -14.10
N LEU W 116 8.53 19.50 -14.69
CA LEU W 116 8.53 19.57 -16.15
C LEU W 116 9.95 19.50 -16.71
N THR W 117 10.89 20.20 -16.08
CA THR W 117 12.26 20.13 -16.56
C THR W 117 12.86 18.75 -16.36
N TRP W 118 12.46 18.03 -15.30
CA TRP W 118 12.93 16.66 -15.13
C TRP W 118 12.41 15.75 -16.23
N TRP W 119 11.15 15.92 -16.64
CA TRP W 119 10.65 15.14 -17.77
C TRP W 119 11.45 15.44 -19.03
N ALA W 120 11.77 16.72 -19.26
CA ALA W 120 12.58 17.08 -20.42
C ALA W 120 13.95 16.40 -20.36
N ARG W 121 14.55 16.37 -19.17
CA ARG W 121 15.84 15.70 -18.99
C ARG W 121 15.76 14.22 -19.37
N LEU W 122 14.72 13.54 -18.87
CA LEU W 122 14.55 12.12 -19.18
C LEU W 122 14.42 11.89 -20.67
N TYR W 123 13.57 12.68 -21.34
CA TYR W 123 13.35 12.54 -22.77
C TYR W 123 14.64 12.76 -23.55
N THR W 124 15.36 13.83 -23.22
CA THR W 124 16.57 14.15 -23.98
C THR W 124 17.64 13.08 -23.79
N ARG W 125 17.80 12.56 -22.57
CA ARG W 125 18.83 11.56 -22.38
C ARG W 125 18.46 10.24 -23.03
N ALA W 126 17.18 9.89 -23.03
CA ALA W 126 16.76 8.70 -23.75
C ALA W 126 17.04 8.83 -25.25
N LYS W 127 16.80 10.02 -25.81
CA LYS W 127 17.13 10.23 -27.22
C LYS W 127 18.63 10.16 -27.46
N ALA W 128 19.44 10.73 -26.57
CA ALA W 128 20.87 10.82 -26.77
C ALA W 128 21.61 9.50 -26.53
N THR W 129 21.01 8.56 -25.80
CA THR W 129 21.64 7.28 -25.55
C THR W 129 21.31 6.22 -26.59
N GLY W 130 20.32 6.44 -27.45
CA GLY W 130 19.94 5.50 -28.47
C GLY W 130 18.78 4.60 -28.12
N VAL W 131 18.31 4.62 -26.88
CA VAL W 131 17.19 3.80 -26.44
C VAL W 131 15.88 4.52 -26.71
N GLY W 132 14.77 3.81 -26.59
CA GLY W 132 13.45 4.40 -26.73
C GLY W 132 13.10 5.29 -25.55
N THR W 133 11.91 5.88 -25.63
CA THR W 133 11.46 6.90 -24.69
C THR W 133 10.19 6.49 -23.95
N GLN W 134 10.11 5.21 -23.54
CA GLN W 134 8.93 4.75 -22.80
C GLN W 134 8.87 5.36 -21.41
N LEU W 135 10.03 5.53 -20.77
CA LEU W 135 10.08 6.07 -19.42
C LEU W 135 9.50 7.47 -19.37
N ALA W 136 9.73 8.26 -20.42
CA ALA W 136 9.19 9.62 -20.48
C ALA W 136 7.66 9.60 -20.45
N TRP W 137 7.03 8.69 -21.20
CA TRP W 137 5.57 8.65 -21.22
C TRP W 137 5.00 8.07 -19.93
N GLY W 138 5.69 7.11 -19.30
CA GLY W 138 5.26 6.68 -17.98
C GLY W 138 5.29 7.80 -16.97
N PHE W 139 6.38 8.57 -16.97
CA PHE W 139 6.45 9.75 -16.11
C PHE W 139 5.38 10.77 -16.47
N ALA W 140 5.01 10.85 -17.76
CA ALA W 140 3.93 11.75 -18.17
C ALA W 140 2.60 11.34 -17.56
N SER W 141 2.33 10.04 -17.52
CA SER W 141 1.14 9.46 -16.93
C SER W 141 1.03 9.60 -15.43
N ALA W 142 2.15 9.82 -14.76
CA ALA W 142 2.17 10.05 -13.35
C ALA W 142 2.06 11.54 -13.14
N LEU W 143 2.72 12.35 -13.97
CA LEU W 143 2.53 13.79 -13.90
C LEU W 143 1.10 14.19 -14.17
N SER W 144 0.37 13.41 -14.98
CA SER W 144 -1.04 13.69 -15.17
C SER W 144 -1.78 13.58 -13.85
N LEU W 145 -1.52 12.50 -13.10
CA LEU W 145 -2.13 12.38 -11.78
C LEU W 145 -1.69 13.52 -10.85
N TYR W 146 -0.41 13.85 -10.87
CA TYR W 146 0.12 14.91 -10.01
C TYR W 146 -0.55 16.26 -10.31
N PHE W 147 -0.69 16.60 -11.59
CA PHE W 147 -1.27 17.88 -11.97
C PHE W 147 -2.76 17.91 -11.71
N VAL W 148 -3.45 16.77 -11.80
CA VAL W 148 -4.85 16.74 -11.37
C VAL W 148 -4.93 17.03 -9.87
N ILE W 149 -4.05 16.44 -9.08
CA ILE W 149 -4.09 16.66 -7.63
C ILE W 149 -3.81 18.12 -7.29
N TYR W 150 -2.81 18.73 -7.93
CA TYR W 150 -2.31 20.01 -7.46
C TYR W 150 -2.83 21.22 -8.23
N LEU W 151 -3.20 21.07 -9.49
CA LEU W 151 -3.58 22.21 -10.30
C LEU W 151 -5.01 22.15 -10.81
N PHE W 152 -5.40 21.06 -11.47
CA PHE W 152 -6.66 21.04 -12.21
C PHE W 152 -7.87 20.83 -11.30
N HIS W 153 -7.70 20.21 -10.14
CA HIS W 153 -8.81 19.99 -9.22
C HIS W 153 -9.14 21.23 -8.39
N PRO W 154 -8.14 21.91 -7.80
CA PRO W 154 -8.44 23.20 -7.16
C PRO W 154 -9.07 24.20 -8.11
N LEU W 155 -8.63 24.23 -9.35
CA LEU W 155 -9.39 24.89 -10.41
C LEU W 155 -10.63 24.07 -10.71
N ALA W 156 -11.70 24.76 -11.11
CA ALA W 156 -13.03 24.21 -11.35
C ALA W 156 -13.77 23.91 -10.05
N LEU W 157 -13.13 24.04 -8.89
CA LEU W 157 -13.82 24.07 -7.60
C LEU W 157 -13.91 25.46 -7.01
N GLY W 158 -12.99 26.35 -7.35
CA GLY W 158 -13.05 27.74 -6.93
C GLY W 158 -12.20 28.11 -5.74
N ASN W 159 -11.31 27.24 -5.28
CA ASN W 159 -10.47 27.57 -4.12
C ASN W 159 -9.17 26.80 -4.19
N TRP W 160 -8.15 27.35 -3.54
CA TRP W 160 -6.86 26.68 -3.40
C TRP W 160 -6.83 25.68 -2.25
N SER W 161 -7.83 25.70 -1.38
CA SER W 161 -7.84 24.84 -0.20
C SER W 161 -8.05 23.37 -0.53
N ALA W 162 -8.39 23.04 -1.78
CA ALA W 162 -8.58 21.66 -2.20
C ALA W 162 -7.28 20.94 -2.53
N ALA W 163 -6.14 21.47 -2.11
CA ALA W 163 -4.84 20.92 -2.41
C ALA W 163 -4.06 20.62 -1.13
N PRO W 164 -3.09 19.71 -1.19
CA PRO W 164 -2.35 19.34 0.02
C PRO W 164 -1.48 20.48 0.53
N GLY W 165 -1.07 20.35 1.79
CA GLY W 165 -0.39 21.43 2.49
C GLY W 165 1.12 21.33 2.66
N HIS W 166 1.79 20.48 1.89
CA HIS W 166 3.25 20.41 1.87
C HIS W 166 3.81 20.05 3.26
N GLY W 167 3.49 18.83 3.70
CA GLY W 167 4.00 18.36 4.97
C GLY W 167 4.01 16.84 5.04
N PHE W 168 4.81 16.33 5.97
CA PHE W 168 4.87 14.88 6.18
C PHE W 168 3.52 14.32 6.61
N ARG W 169 2.85 15.01 7.54
CA ARG W 169 1.54 14.59 8.02
C ARG W 169 0.40 15.23 7.25
N ALA W 170 0.68 16.22 6.41
CA ALA W 170 -0.37 16.94 5.69
C ALA W 170 -0.97 16.14 4.54
N ILE W 171 -0.20 15.24 3.91
CA ILE W 171 -0.74 14.43 2.82
C ILE W 171 -1.75 13.42 3.35
N LEU W 172 -1.45 12.81 4.50
CA LEU W 172 -2.38 11.87 5.11
C LEU W 172 -3.67 12.58 5.49
N ASP W 173 -3.56 13.76 6.09
CA ASP W 173 -4.73 14.55 6.43
C ASP W 173 -5.52 14.93 5.19
N TRP W 174 -4.82 15.29 4.11
CA TRP W 174 -5.53 15.64 2.87
C TRP W 174 -6.31 14.46 2.34
N THR W 175 -5.72 13.26 2.36
CA THR W 175 -6.43 12.07 1.89
C THR W 175 -7.69 11.82 2.71
N ASN W 176 -7.55 11.88 4.04
CA ASN W 176 -8.70 11.65 4.92
C ASN W 176 -9.78 12.70 4.70
N TYR W 177 -9.39 13.97 4.61
CA TYR W 177 -10.35 15.05 4.45
C TYR W 177 -11.09 14.96 3.13
N VAL W 178 -10.37 14.63 2.05
CA VAL W 178 -11.03 14.51 0.75
C VAL W 178 -11.97 13.32 0.73
N SER W 179 -11.62 12.24 1.44
CA SER W 179 -12.55 11.12 1.52
C SER W 179 -13.82 11.52 2.28
N ILE W 180 -13.67 12.24 3.39
CA ILE W 180 -14.84 12.60 4.19
C ILE W 180 -15.71 13.61 3.46
N HIS W 181 -15.10 14.54 2.71
CA HIS W 181 -15.85 15.61 2.07
C HIS W 181 -16.84 15.06 1.05
N TRP W 182 -16.39 14.20 0.16
CA TRP W 182 -17.17 13.79 -1.01
C TRP W 182 -17.80 12.43 -0.84
N GLY W 183 -18.25 12.10 0.35
CA GLY W 183 -18.90 10.82 0.60
C GLY W 183 -17.88 9.77 1.02
N ASN W 184 -17.72 8.74 0.18
CA ASN W 184 -16.82 7.64 0.47
C ASN W 184 -16.22 7.15 -0.83
N PHE W 185 -14.90 7.28 -0.99
CA PHE W 185 -14.22 6.75 -2.18
C PHE W 185 -14.25 5.24 -2.28
N TYR W 186 -14.67 4.52 -1.25
CA TYR W 186 -14.90 3.09 -1.43
C TYR W 186 -16.01 2.82 -2.45
N TYR W 187 -16.90 3.78 -2.69
CA TYR W 187 -17.94 3.66 -3.69
C TYR W 187 -17.65 4.49 -4.93
N ASN W 188 -16.41 4.94 -5.09
CA ASN W 188 -15.97 5.59 -6.32
C ASN W 188 -15.49 4.52 -7.30
N PRO W 189 -16.15 4.35 -8.45
CA PRO W 189 -15.73 3.27 -9.37
C PRO W 189 -14.31 3.41 -9.87
N PHE W 190 -13.82 4.63 -10.06
CA PHE W 190 -12.47 4.82 -10.54
C PHE W 190 -11.44 4.57 -9.44
N HIS W 191 -11.80 4.82 -8.18
CA HIS W 191 -10.98 4.36 -7.08
C HIS W 191 -10.87 2.84 -7.09
N MET W 192 -11.98 2.14 -7.36
CA MET W 192 -11.95 0.69 -7.43
C MET W 192 -11.05 0.21 -8.57
N LEU W 193 -11.16 0.83 -9.74
CA LEU W 193 -10.32 0.44 -10.87
C LEU W 193 -8.84 0.70 -10.58
N SER W 194 -8.54 1.84 -9.95
CA SER W 194 -7.16 2.16 -9.59
C SER W 194 -6.60 1.15 -8.60
N ILE W 195 -7.41 0.75 -7.61
CA ILE W 195 -6.96 -0.25 -6.65
C ILE W 195 -6.71 -1.59 -7.33
N PHE W 196 -7.61 -1.97 -8.25
CA PHE W 196 -7.43 -3.20 -9.01
C PHE W 196 -6.10 -3.19 -9.76
N PHE W 197 -5.81 -2.08 -10.45
CA PHE W 197 -4.57 -2.01 -11.22
C PHE W 197 -3.34 -1.96 -10.31
N LEU W 198 -3.43 -1.26 -9.18
CA LEU W 198 -2.30 -1.16 -8.25
C LEU W 198 -1.95 -2.53 -7.67
N LEU W 199 -2.96 -3.24 -7.17
CA LEU W 199 -2.70 -4.56 -6.59
C LEU W 199 -2.24 -5.55 -7.65
N GLY W 200 -2.79 -5.44 -8.87
CA GLY W 200 -2.29 -6.26 -9.96
C GLY W 200 -0.83 -5.98 -10.29
N SER W 201 -0.44 -4.70 -10.23
CA SER W 201 0.95 -4.33 -10.47
C SER W 201 1.87 -4.95 -9.44
N THR W 202 1.48 -4.87 -8.15
CA THR W 202 2.31 -5.48 -7.11
C THR W 202 2.41 -6.99 -7.28
N LEU W 203 1.28 -7.64 -7.60
CA LEU W 203 1.27 -9.08 -7.83
C LEU W 203 2.19 -9.46 -8.99
N LEU W 204 2.11 -8.72 -10.09
CA LEU W 204 2.92 -9.03 -11.26
C LEU W 204 4.40 -8.81 -10.98
N LEU W 205 4.74 -7.74 -10.25
CA LEU W 205 6.14 -7.50 -9.91
C LEU W 205 6.69 -8.64 -9.07
N ALA W 206 5.94 -9.08 -8.07
CA ALA W 206 6.40 -10.18 -7.22
C ALA W 206 6.58 -11.46 -8.04
N MET W 207 5.60 -11.78 -8.89
CA MET W 207 5.69 -12.98 -9.70
C MET W 207 6.90 -12.96 -10.63
N HIS W 208 7.11 -11.83 -11.33
CA HIS W 208 8.23 -11.75 -12.27
C HIS W 208 9.57 -11.85 -11.56
N GLY W 209 9.71 -11.15 -10.43
CA GLY W 209 10.97 -11.21 -9.70
C GLY W 209 11.27 -12.60 -9.20
N ALA W 210 10.28 -13.26 -8.61
CA ALA W 210 10.49 -14.63 -8.12
C ALA W 210 10.80 -15.57 -9.26
N THR W 211 10.10 -15.43 -10.39
CA THR W 211 10.32 -16.33 -11.53
C THR W 211 11.73 -16.19 -12.08
N ILE W 212 12.21 -14.95 -12.22
CA ILE W 212 13.54 -14.75 -12.78
C ILE W 212 14.62 -15.20 -11.79
N VAL W 213 14.43 -14.93 -10.49
CA VAL W 213 15.43 -15.33 -9.52
C VAL W 213 15.51 -16.85 -9.41
N ALA W 214 14.37 -17.53 -9.54
CA ALA W 214 14.36 -18.98 -9.40
C ALA W 214 15.15 -19.66 -10.51
N THR W 215 15.11 -19.11 -11.72
CA THR W 215 15.80 -19.69 -12.87
C THR W 215 17.10 -18.98 -13.22
N SER W 216 17.70 -18.25 -12.28
CA SER W 216 18.92 -17.50 -12.55
C SER W 216 20.15 -18.37 -12.66
N LYS W 217 20.04 -19.67 -12.36
CA LYS W 217 21.17 -20.58 -12.53
C LYS W 217 21.50 -20.82 -14.00
N TRP W 218 20.58 -20.49 -14.92
CA TRP W 218 20.80 -20.64 -16.35
C TRP W 218 20.86 -19.30 -17.06
N LYS W 219 21.13 -18.22 -16.33
CA LYS W 219 21.31 -16.88 -16.91
C LYS W 219 20.01 -16.38 -17.54
N SER W 220 18.93 -16.44 -16.78
CA SER W 220 17.63 -15.98 -17.24
C SER W 220 17.44 -14.48 -17.06
N GLU W 221 18.32 -13.80 -16.33
CA GLU W 221 18.18 -12.37 -16.05
C GLU W 221 18.70 -11.50 -17.18
N MET W 222 19.38 -12.08 -18.17
CA MET W 222 19.89 -11.34 -19.32
C MET W 222 18.77 -11.20 -20.35
N GLU W 223 17.89 -10.24 -20.10
CA GLU W 223 16.70 -10.06 -20.94
C GLU W 223 17.08 -9.72 -22.37
N PHE W 224 18.13 -8.91 -22.55
CA PHE W 224 18.50 -8.46 -23.89
C PHE W 224 18.92 -9.63 -24.77
N THR W 225 19.64 -10.60 -24.21
CA THR W 225 20.07 -11.76 -24.98
C THR W 225 18.94 -12.77 -25.20
N GLU W 226 18.05 -12.93 -24.22
CA GLU W 226 16.98 -13.92 -24.36
C GLU W 226 15.97 -13.51 -25.43
N MET W 227 15.85 -12.21 -25.71
CA MET W 227 14.95 -11.76 -26.76
C MET W 227 15.41 -12.17 -28.15
N MET W 228 16.66 -12.59 -28.30
CA MET W 228 17.20 -13.07 -29.56
C MET W 228 16.98 -14.57 -29.73
N ALA W 229 17.24 -15.34 -28.68
CA ALA W 229 17.00 -16.78 -28.68
C ALA W 229 16.76 -17.25 -27.26
N GLU W 230 15.73 -18.09 -27.08
CA GLU W 230 15.38 -18.56 -25.75
C GLU W 230 16.43 -19.54 -25.22
N GLY W 231 16.59 -19.55 -23.89
CA GLY W 231 17.50 -20.46 -23.24
C GLY W 231 16.80 -21.38 -22.27
N PRO W 232 17.55 -22.23 -21.58
CA PRO W 232 16.94 -23.19 -20.64
C PRO W 232 16.16 -22.53 -19.51
N GLY W 233 16.64 -21.40 -18.99
CA GLY W 233 15.93 -20.75 -17.90
C GLY W 233 14.57 -20.21 -18.31
N THR W 234 14.51 -19.55 -19.47
CA THR W 234 13.25 -19.05 -19.99
C THR W 234 12.30 -20.20 -20.30
N GLN W 235 12.83 -21.29 -20.85
CA GLN W 235 12.00 -22.46 -21.12
C GLN W 235 11.42 -23.04 -19.85
N ARG W 236 12.22 -23.12 -18.78
CA ARG W 236 11.73 -23.63 -17.51
C ARG W 236 10.67 -22.71 -16.92
N ALA W 237 10.87 -21.39 -17.03
CA ALA W 237 9.87 -20.46 -16.51
C ALA W 237 8.55 -20.58 -17.27
N GLN W 238 8.62 -20.69 -18.59
CA GLN W 238 7.42 -20.87 -19.39
C GLN W 238 6.70 -22.17 -19.02
N LEU W 239 7.45 -23.25 -18.86
CA LEU W 239 6.83 -24.53 -18.50
C LEU W 239 6.20 -24.46 -17.12
N PHE W 240 6.86 -23.81 -16.16
CA PHE W 240 6.31 -23.69 -14.82
C PHE W 240 4.99 -22.96 -14.84
N TRP W 241 4.96 -21.79 -15.49
CA TRP W 241 3.73 -21.02 -15.48
C TRP W 241 2.65 -21.60 -16.39
N ARG W 242 3.03 -22.44 -17.36
CA ARG W 242 2.03 -23.16 -18.14
C ARG W 242 1.41 -24.29 -17.34
N TRP W 243 2.21 -25.00 -16.55
CA TRP W 243 1.69 -26.11 -15.75
C TRP W 243 0.96 -25.65 -14.49
N VAL W 244 1.21 -24.42 -14.02
CA VAL W 244 0.47 -23.92 -12.86
C VAL W 244 -0.93 -23.46 -13.25
N MET W 245 -1.03 -22.51 -14.17
CA MET W 245 -2.31 -21.91 -14.50
C MET W 245 -2.77 -22.14 -15.93
N GLY W 246 -2.04 -22.89 -16.73
CA GLY W 246 -2.49 -23.28 -18.06
C GLY W 246 -2.12 -22.36 -19.19
N TRP W 247 -1.56 -21.18 -18.90
CA TRP W 247 -1.11 -20.28 -19.95
C TRP W 247 0.08 -19.49 -19.44
N ASN W 248 0.89 -18.99 -20.38
CA ASN W 248 2.14 -18.32 -20.02
C ASN W 248 2.46 -17.29 -21.09
N ALA W 249 3.62 -16.65 -20.96
CA ALA W 249 4.10 -15.68 -21.94
C ALA W 249 5.58 -15.96 -22.19
N ASN W 250 6.19 -15.11 -23.02
CA ASN W 250 7.63 -15.17 -23.24
C ASN W 250 8.31 -14.03 -22.49
N SER W 251 9.61 -13.85 -22.73
CA SER W 251 10.39 -12.84 -22.03
C SER W 251 10.24 -11.44 -22.64
N TYR W 252 9.18 -11.20 -23.39
CA TYR W 252 8.98 -9.90 -24.02
C TYR W 252 7.60 -9.34 -23.73
N ASN W 253 6.61 -10.22 -23.54
CA ASN W 253 5.23 -9.77 -23.32
C ASN W 253 5.01 -9.27 -21.89
N ILE W 254 5.73 -9.86 -20.93
CA ILE W 254 5.51 -9.54 -19.52
C ILE W 254 5.82 -8.08 -19.24
N HIS W 255 6.78 -7.51 -19.97
CA HIS W 255 7.13 -6.11 -19.79
C HIS W 255 6.03 -5.19 -20.30
N ILE W 256 5.40 -5.56 -21.42
CA ILE W 256 4.23 -4.82 -21.89
C ILE W 256 3.11 -4.88 -20.86
N TRP W 257 2.88 -6.06 -20.27
CA TRP W 257 1.85 -6.21 -19.25
C TRP W 257 2.12 -5.28 -18.07
N ALA W 258 3.35 -5.26 -17.58
CA ALA W 258 3.70 -4.41 -16.44
C ALA W 258 3.55 -2.93 -16.76
N TRP W 259 4.04 -2.52 -17.92
CA TRP W 259 3.95 -1.11 -18.32
C TRP W 259 2.50 -0.66 -18.36
N TRP W 260 1.62 -1.48 -18.94
CA TRP W 260 0.23 -1.07 -19.06
C TRP W 260 -0.51 -1.11 -17.74
N PHE W 261 -0.17 -2.05 -16.84
CA PHE W 261 -0.72 -1.98 -15.48
C PHE W 261 -0.40 -0.65 -14.80
N ALA W 262 0.88 -0.25 -14.82
CA ALA W 262 1.24 1.00 -14.14
C ALA W 262 0.57 2.21 -14.79
N ALA W 263 0.55 2.26 -16.12
CA ALA W 263 -0.07 3.39 -16.80
C ALA W 263 -1.55 3.49 -16.51
N PHE W 264 -2.26 2.34 -16.51
CA PHE W 264 -3.68 2.35 -16.21
C PHE W 264 -3.94 2.77 -14.79
N THR W 265 -3.08 2.35 -13.85
CA THR W 265 -3.21 2.80 -12.46
C THR W 265 -3.20 4.32 -12.38
N ALA W 266 -2.18 4.94 -12.98
CA ALA W 266 -2.07 6.40 -12.89
C ALA W 266 -3.25 7.10 -13.56
N ILE W 267 -3.63 6.64 -14.76
CA ILE W 267 -4.66 7.34 -15.52
C ILE W 267 -6.02 7.22 -14.84
N THR W 268 -6.38 6.02 -14.39
CA THR W 268 -7.66 5.84 -13.72
C THR W 268 -7.71 6.62 -12.41
N GLY W 269 -6.60 6.67 -11.67
CA GLY W 269 -6.57 7.49 -10.47
C GLY W 269 -6.82 8.95 -10.76
N ALA W 270 -6.17 9.48 -11.80
CA ALA W 270 -6.37 10.88 -12.15
C ALA W 270 -7.82 11.16 -12.53
N ILE W 271 -8.41 10.28 -13.35
CA ILE W 271 -9.78 10.50 -13.80
C ILE W 271 -10.74 10.47 -12.61
N GLY W 272 -10.57 9.49 -11.72
CA GLY W 272 -11.44 9.40 -10.56
C GLY W 272 -11.32 10.60 -9.65
N LEU W 273 -10.09 11.06 -9.38
CA LEU W 273 -9.90 12.22 -8.53
C LEU W 273 -10.56 13.46 -9.14
N PHE W 274 -10.39 13.66 -10.45
CA PHE W 274 -11.03 14.82 -11.07
C PHE W 274 -12.55 14.73 -11.01
N LEU W 275 -13.09 13.54 -11.28
CA LEU W 275 -14.54 13.39 -11.33
C LEU W 275 -15.18 13.43 -9.94
N SER W 276 -14.37 13.27 -8.89
CA SER W 276 -14.91 13.14 -7.54
C SER W 276 -15.75 14.35 -7.12
N GLY W 277 -15.25 15.56 -7.35
CA GLY W 277 -15.90 16.72 -6.77
C GLY W 277 -16.83 17.50 -7.67
N THR W 278 -16.52 17.56 -8.97
CA THR W 278 -17.25 18.45 -9.86
C THR W 278 -18.62 17.89 -10.26
N LEU W 279 -18.74 16.58 -10.41
CA LEU W 279 -19.97 16.00 -10.94
C LEU W 279 -20.75 15.15 -9.94
N VAL W 280 -20.10 14.48 -9.01
CA VAL W 280 -20.77 13.62 -8.05
C VAL W 280 -20.44 14.13 -6.64
N PRO W 281 -21.32 14.93 -6.04
CA PRO W 281 -21.02 15.47 -4.71
C PRO W 281 -21.04 14.44 -3.59
N ASP W 282 -21.62 13.26 -3.82
CA ASP W 282 -21.76 12.26 -2.77
C ASP W 282 -21.70 10.89 -3.43
N TRP W 283 -20.66 10.11 -3.12
CA TRP W 283 -20.44 8.83 -3.79
C TRP W 283 -21.35 7.74 -3.23
N TYR W 284 -21.66 7.78 -1.93
CA TYR W 284 -22.54 6.77 -1.35
C TYR W 284 -23.95 6.89 -1.91
N ALA W 285 -24.46 8.12 -2.05
CA ALA W 285 -25.79 8.31 -2.62
C ALA W 285 -25.84 7.83 -4.07
N TRP W 286 -24.79 8.12 -4.84
CA TRP W 286 -24.72 7.62 -6.21
C TRP W 286 -24.70 6.11 -6.24
N GLY W 287 -23.93 5.48 -5.35
CA GLY W 287 -23.91 4.02 -5.31
C GLY W 287 -25.26 3.43 -4.93
N GLU W 288 -25.97 4.08 -4.02
CA GLU W 288 -27.32 3.63 -3.68
C GLU W 288 -28.24 3.72 -4.88
N THR W 289 -28.16 4.83 -5.63
CA THR W 289 -28.98 4.97 -6.83
C THR W 289 -28.56 4.01 -7.95
N ALA W 290 -27.33 3.51 -7.92
CA ALA W 290 -26.84 2.59 -8.94
C ALA W 290 -27.01 1.13 -8.58
N LYS W 291 -27.55 0.83 -7.40
CA LYS W 291 -27.83 -0.55 -6.97
C LYS W 291 -26.55 -1.35 -6.75
N ILE W 292 -25.48 -0.68 -6.31
CA ILE W 292 -24.24 -1.34 -5.98
C ILE W 292 -23.94 -1.25 -4.49
N VAL W 293 -24.95 -0.98 -3.67
CA VAL W 293 -24.82 -0.86 -2.23
C VAL W 293 -25.69 -1.94 -1.58
N ALA W 294 -25.08 -2.75 -0.72
CA ALA W 294 -25.76 -3.87 -0.09
C ALA W 294 -26.69 -3.38 1.01
N PRO W 295 -27.90 -3.95 1.12
CA PRO W 295 -28.78 -3.61 2.23
C PRO W 295 -28.17 -4.04 3.56
N TRP W 296 -28.53 -3.31 4.61
CA TRP W 296 -27.88 -3.43 5.91
C TRP W 296 -28.85 -3.04 7.02
N PRO W 297 -29.97 -3.77 7.17
CA PRO W 297 -31.03 -3.34 8.12
C PRO W 297 -30.68 -3.55 9.58
N ASN W 298 -30.17 -4.73 9.94
CA ASN W 298 -30.05 -5.16 11.33
C ASN W 298 -28.59 -5.53 11.61
N PRO W 299 -27.74 -4.54 11.84
CA PRO W 299 -26.33 -4.83 12.12
C PRO W 299 -26.15 -5.49 13.48
N ASP W 300 -24.99 -6.13 13.63
CA ASP W 300 -24.48 -6.59 14.91
C ASP W 300 -23.36 -5.65 15.30
N TRP W 301 -23.65 -4.71 16.19
CA TRP W 301 -22.75 -3.58 16.34
C TRP W 301 -21.76 -3.80 17.48
N ALA W 302 -21.92 -4.88 18.26
CA ALA W 302 -21.03 -5.16 19.37
C ALA W 302 -19.58 -5.35 18.95
N GLN W 303 -19.33 -5.67 17.67
CA GLN W 303 -17.96 -5.75 17.19
C GLN W 303 -17.23 -4.41 17.29
N TYR W 304 -17.96 -3.30 17.16
CA TYR W 304 -17.34 -2.00 16.94
C TYR W 304 -17.35 -1.11 18.17
N VAL W 305 -17.52 -1.68 19.36
CA VAL W 305 -17.56 -0.94 20.61
C VAL W 305 -16.52 -1.50 21.57
N PHE W 306 -15.92 -0.62 22.36
CA PHE W 306 -14.93 -1.04 23.34
C PHE W 306 -15.59 -1.31 24.69
N ARG X 4 -9.42 -16.19 -46.35
CA ARG X 4 -10.57 -15.60 -45.67
C ARG X 4 -10.14 -14.83 -44.44
N PRO X 5 -10.87 -13.76 -44.12
CA PRO X 5 -10.51 -12.96 -42.93
C PRO X 5 -10.68 -13.73 -41.63
N PHE X 6 -11.82 -14.36 -41.41
CA PHE X 6 -12.13 -15.02 -40.15
C PHE X 6 -12.32 -16.51 -40.38
N GLU X 7 -11.74 -17.32 -39.50
CA GLU X 7 -11.93 -18.76 -39.56
C GLU X 7 -13.30 -19.15 -39.02
N PHE X 8 -13.73 -20.36 -39.36
CA PHE X 8 -15.04 -20.84 -38.93
C PHE X 8 -15.10 -21.00 -37.41
N ARG X 9 -14.01 -21.47 -36.80
CA ARG X 9 -14.01 -21.70 -35.36
C ARG X 9 -14.19 -20.41 -34.58
N THR X 10 -13.53 -19.33 -35.03
CA THR X 10 -13.68 -18.04 -34.35
C THR X 10 -15.12 -17.54 -34.42
N SER X 11 -15.74 -17.65 -35.60
CA SER X 11 -17.12 -17.23 -35.76
C SER X 11 -18.05 -18.04 -34.87
N VAL X 12 -17.84 -19.36 -34.82
CA VAL X 12 -18.69 -20.22 -34.00
C VAL X 12 -18.55 -19.84 -32.53
N VAL X 13 -17.31 -19.65 -32.07
CA VAL X 13 -17.08 -19.32 -30.66
C VAL X 13 -17.74 -18.00 -30.31
N VAL X 14 -17.53 -16.97 -31.14
CA VAL X 14 -18.06 -15.65 -30.85
C VAL X 14 -19.59 -15.68 -30.84
N SER X 15 -20.19 -16.30 -31.86
CA SER X 15 -21.64 -16.34 -31.93
C SER X 15 -22.26 -17.11 -30.77
N THR X 16 -21.68 -18.27 -30.42
CA THR X 16 -22.25 -19.07 -29.34
C THR X 16 -22.14 -18.34 -28.01
N LEU X 17 -20.97 -17.76 -27.72
CA LEU X 17 -20.81 -17.04 -26.46
C LEU X 17 -21.73 -15.84 -26.38
N LEU X 18 -21.85 -15.07 -27.47
CA LEU X 18 -22.73 -13.91 -27.46
C LEU X 18 -24.19 -14.33 -27.26
N GLY X 19 -24.62 -15.39 -27.94
CA GLY X 19 -25.99 -15.85 -27.78
C GLY X 19 -26.29 -16.29 -26.35
N LEU X 20 -25.37 -17.06 -25.76
CA LEU X 20 -25.58 -17.51 -24.39
C LEU X 20 -25.64 -16.34 -23.42
N VAL X 21 -24.71 -15.39 -23.57
CA VAL X 21 -24.67 -14.24 -22.66
C VAL X 21 -25.94 -13.41 -22.79
N MET X 22 -26.39 -13.15 -24.02
CA MET X 22 -27.60 -12.36 -24.21
C MET X 22 -28.82 -13.08 -23.67
N ALA X 23 -28.90 -14.39 -23.85
CA ALA X 23 -30.05 -15.14 -23.33
C ALA X 23 -30.11 -15.06 -21.81
N LEU X 24 -28.96 -15.26 -21.15
CA LEU X 24 -28.93 -15.17 -19.69
C LEU X 24 -29.30 -13.76 -19.22
N LEU X 25 -28.77 -12.74 -19.90
CA LEU X 25 -29.05 -11.36 -19.49
C LEU X 25 -30.52 -11.02 -19.66
N ILE X 26 -31.13 -11.45 -20.77
CA ILE X 26 -32.54 -11.15 -21.00
C ILE X 26 -33.42 -11.87 -19.99
N HIS X 27 -33.12 -13.14 -19.70
CA HIS X 27 -33.89 -13.84 -18.68
C HIS X 27 -33.77 -13.16 -17.32
N PHE X 28 -32.56 -12.74 -16.95
CA PHE X 28 -32.38 -12.08 -15.65
C PHE X 28 -33.12 -10.75 -15.61
N VAL X 29 -33.07 -9.97 -16.69
CA VAL X 29 -33.76 -8.68 -16.71
C VAL X 29 -35.27 -8.87 -16.64
N VAL X 30 -35.81 -9.84 -17.38
CA VAL X 30 -37.26 -10.05 -17.36
C VAL X 30 -37.71 -10.55 -15.99
N LEU X 31 -36.89 -11.38 -15.34
CA LEU X 31 -37.24 -11.83 -14.00
C LEU X 31 -37.17 -10.68 -13.00
N SER X 32 -36.16 -9.81 -13.13
CA SER X 32 -35.96 -8.72 -12.19
C SER X 32 -36.96 -7.58 -12.38
N SER X 33 -37.58 -7.47 -13.57
CA SER X 33 -38.54 -6.39 -13.79
C SER X 33 -39.76 -6.55 -12.91
N GLY X 34 -40.22 -7.77 -12.66
CA GLY X 34 -41.43 -7.98 -11.91
C GLY X 34 -42.67 -7.48 -12.62
N ALA X 35 -42.79 -7.77 -13.91
CA ALA X 35 -43.91 -7.29 -14.72
C ALA X 35 -44.66 -8.42 -15.40
N PHE X 36 -44.37 -9.67 -15.08
CA PHE X 36 -44.97 -10.80 -15.77
C PHE X 36 -45.73 -11.75 -14.86
N ASN X 37 -45.54 -11.69 -13.55
CA ASN X 37 -46.16 -12.65 -12.63
C ASN X 37 -45.65 -14.06 -12.96
N TRP X 38 -44.35 -14.24 -12.77
CA TRP X 38 -43.68 -15.51 -13.01
C TRP X 38 -42.76 -15.80 -11.83
N LEU X 39 -42.84 -17.01 -11.31
CA LEU X 39 -42.10 -17.40 -10.11
C LEU X 39 -42.48 -16.53 -8.92
N ARG X 40 -43.78 -16.45 -8.66
CA ARG X 40 -44.31 -15.64 -7.56
C ARG X 40 -43.97 -14.17 -7.75
N ASN Y 7 -12.44 -29.44 -51.02
CA ASN Y 7 -13.69 -28.71 -51.23
C ASN Y 7 -14.51 -29.28 -52.39
N ASP Y 8 -14.47 -30.60 -52.55
CA ASP Y 8 -15.23 -31.25 -53.61
C ASP Y 8 -16.73 -31.06 -53.40
N LEU Y 9 -17.21 -31.19 -52.17
CA LEU Y 9 -18.62 -31.05 -51.88
C LEU Y 9 -19.07 -29.61 -51.76
N VAL Y 10 -18.15 -28.67 -51.63
CA VAL Y 10 -18.53 -27.26 -51.50
C VAL Y 10 -19.00 -26.74 -52.85
N PRO Y 11 -19.98 -25.84 -52.91
CA PRO Y 11 -20.38 -25.24 -54.18
C PRO Y 11 -19.26 -24.40 -54.77
N ASP Y 12 -19.36 -24.15 -56.07
CA ASP Y 12 -18.32 -23.40 -56.77
C ASP Y 12 -18.24 -21.96 -56.27
N GLN Y 13 -19.37 -21.37 -55.92
CA GLN Y 13 -19.38 -19.98 -55.46
C GLN Y 13 -18.63 -19.83 -54.14
N TRP Y 14 -18.76 -20.82 -53.25
CA TRP Y 14 -18.24 -20.73 -51.90
C TRP Y 14 -16.96 -21.54 -51.70
N LYS Y 15 -16.36 -22.02 -52.78
CA LYS Y 15 -15.12 -22.80 -52.66
C LYS Y 15 -13.98 -22.03 -51.99
N PRO Y 16 -13.70 -20.76 -52.34
CA PRO Y 16 -12.56 -20.07 -51.69
C PRO Y 16 -12.74 -19.85 -50.20
N LEU Y 17 -13.96 -19.97 -49.66
CA LEU Y 17 -14.21 -19.64 -48.27
C LEU Y 17 -14.43 -20.84 -47.36
N PHE Y 18 -14.79 -21.99 -47.90
CA PHE Y 18 -15.20 -23.12 -47.07
C PHE Y 18 -14.39 -24.36 -47.40
N ASN Y 19 -14.18 -25.19 -46.38
CA ASN Y 19 -13.51 -26.47 -46.50
C ASN Y 19 -14.54 -27.56 -46.78
N ASN Y 20 -14.08 -28.81 -46.88
CA ASN Y 20 -14.99 -29.92 -47.08
C ASN Y 20 -15.58 -30.42 -45.77
N ALA Y 21 -14.82 -30.36 -44.68
CA ALA Y 21 -15.30 -30.77 -43.37
C ALA Y 21 -16.05 -29.66 -42.64
N GLN Y 22 -16.04 -28.43 -43.15
CA GLN Y 22 -16.74 -27.32 -42.51
C GLN Y 22 -18.12 -27.08 -43.09
N TRP Y 23 -18.39 -27.53 -44.32
CA TRP Y 23 -19.72 -27.41 -44.90
C TRP Y 23 -20.76 -28.15 -44.07
N LEU Y 24 -20.43 -29.35 -43.60
CA LEU Y 24 -21.37 -30.13 -42.80
C LEU Y 24 -21.67 -29.44 -41.48
N VAL Y 25 -20.63 -28.94 -40.80
CA VAL Y 25 -20.84 -28.24 -39.53
C VAL Y 25 -21.66 -26.98 -39.74
N HIS Y 26 -21.42 -26.27 -40.84
CA HIS Y 26 -22.22 -25.09 -41.16
C HIS Y 26 -23.68 -25.45 -41.37
N ASP Y 27 -23.94 -26.57 -42.06
CA ASP Y 27 -25.32 -27.00 -42.26
C ASP Y 27 -26.00 -27.31 -40.94
N ILE Y 28 -25.29 -28.00 -40.04
CA ILE Y 28 -25.87 -28.31 -38.73
C ILE Y 28 -26.19 -27.03 -37.96
N VAL Y 29 -25.26 -26.07 -37.98
CA VAL Y 29 -25.47 -24.82 -37.25
C VAL Y 29 -26.66 -24.05 -37.82
N VAL Y 30 -26.77 -24.01 -39.15
CA VAL Y 30 -27.87 -23.29 -39.79
C VAL Y 30 -29.21 -23.91 -39.44
N LYS Y 31 -29.29 -25.24 -39.48
CA LYS Y 31 -30.54 -25.90 -39.13
C LYS Y 31 -30.92 -25.65 -37.67
N THR Y 32 -29.93 -25.70 -36.78
CA THR Y 32 -30.18 -25.41 -35.37
C THR Y 32 -30.70 -23.98 -35.19
N ILE Y 33 -30.10 -23.02 -35.89
CA ILE Y 33 -30.53 -21.63 -35.76
C ILE Y 33 -31.96 -21.46 -36.28
N TYR Y 34 -32.30 -22.14 -37.38
CA TYR Y 34 -33.66 -22.03 -37.90
C TYR Y 34 -34.68 -22.58 -36.89
N GLY Y 35 -34.39 -23.74 -36.30
CA GLY Y 35 -35.26 -24.28 -35.27
C GLY Y 35 -35.39 -23.35 -34.08
N GLY Y 36 -34.28 -22.75 -33.65
CA GLY Y 36 -34.32 -21.79 -32.57
C GLY Y 36 -35.19 -20.59 -32.88
N LEU Y 37 -35.09 -20.06 -34.11
CA LEU Y 37 -35.93 -18.93 -34.50
C LEU Y 37 -37.41 -19.29 -34.48
N ILE Y 38 -37.76 -20.48 -34.98
CA ILE Y 38 -39.17 -20.88 -34.98
C ILE Y 38 -39.70 -21.01 -33.56
N ILE Y 39 -38.94 -21.66 -32.68
CA ILE Y 39 -39.38 -21.82 -31.29
C ILE Y 39 -39.48 -20.48 -30.60
N ALA Y 40 -38.53 -19.57 -30.87
CA ALA Y 40 -38.57 -18.25 -30.26
C ALA Y 40 -39.80 -17.46 -30.72
N VAL Y 41 -40.15 -17.57 -32.00
CA VAL Y 41 -41.35 -16.89 -32.50
C VAL Y 41 -42.60 -17.40 -31.80
N ILE Y 42 -42.70 -18.73 -31.66
CA ILE Y 42 -43.87 -19.29 -30.97
C ILE Y 42 -43.92 -18.83 -29.53
N ALA Y 43 -42.77 -18.86 -28.84
CA ALA Y 43 -42.75 -18.44 -27.44
C ALA Y 43 -43.14 -16.98 -27.29
N HIS Y 44 -42.65 -16.11 -28.18
CA HIS Y 44 -43.01 -14.70 -28.11
C HIS Y 44 -44.50 -14.50 -28.34
N VAL Y 45 -45.07 -15.24 -29.29
CA VAL Y 45 -46.51 -15.11 -29.57
C VAL Y 45 -47.33 -15.51 -28.35
N LEU Y 46 -47.00 -16.65 -27.72
CA LEU Y 46 -47.75 -17.07 -26.54
C LEU Y 46 -47.57 -16.09 -25.39
N CYS Y 47 -46.35 -15.58 -25.18
CA CYS Y 47 -46.14 -14.64 -24.09
C CYS Y 47 -46.91 -13.35 -24.31
N TRP Y 48 -46.97 -12.86 -25.55
CA TRP Y 48 -47.79 -11.67 -25.82
C TRP Y 48 -49.26 -11.95 -25.61
N ALA Y 49 -49.73 -13.14 -26.02
CA ALA Y 49 -51.12 -13.50 -25.78
C ALA Y 49 -51.44 -13.60 -24.30
N TRP Y 50 -50.43 -13.90 -23.47
CA TRP Y 50 -50.66 -14.02 -22.04
C TRP Y 50 -50.65 -12.65 -21.35
N THR Y 51 -49.59 -11.87 -21.58
CA THR Y 51 -49.47 -10.56 -20.94
C THR Y 51 -48.65 -9.60 -21.81
N PRO Y 52 -49.27 -8.58 -22.39
CA PRO Y 52 -48.52 -7.62 -23.19
C PRO Y 52 -47.50 -6.86 -22.35
N TRP Y 53 -46.35 -6.55 -22.97
CA TRP Y 53 -45.27 -5.88 -22.28
C TRP Y 53 -45.06 -4.44 -22.72
N ILE Y 54 -45.74 -4.00 -23.78
CA ILE Y 54 -45.62 -2.61 -24.24
C ILE Y 54 -46.74 -1.79 -23.63
N ARG Y 55 -47.98 -2.15 -23.92
CA ARG Y 55 -49.14 -1.46 -23.38
C ARG Y 55 -49.18 0.01 -23.81
N ARG Z 4 -11.13 -30.82 -39.24
CA ARG Z 4 -12.32 -30.31 -38.58
C ARG Z 4 -11.98 -29.17 -37.65
N PRO Z 5 -12.92 -28.24 -37.46
CA PRO Z 5 -12.64 -27.09 -36.59
C PRO Z 5 -12.61 -27.42 -35.11
N PHE Z 6 -13.45 -28.34 -34.65
CA PHE Z 6 -13.55 -28.66 -33.23
C PHE Z 6 -13.41 -30.17 -33.03
N GLU Z 7 -12.74 -30.54 -31.94
CA GLU Z 7 -12.56 -31.95 -31.59
C GLU Z 7 -13.71 -32.45 -30.75
N PHE Z 8 -13.87 -33.78 -30.72
CA PHE Z 8 -14.91 -34.39 -29.91
C PHE Z 8 -14.70 -34.12 -28.42
N ARG Z 9 -13.45 -34.19 -27.97
CA ARG Z 9 -13.15 -34.03 -26.55
C ARG Z 9 -13.52 -32.64 -26.06
N THR Z 10 -13.16 -31.61 -26.83
CA THR Z 10 -13.49 -30.24 -26.45
C THR Z 10 -14.99 -30.03 -26.37
N SER Z 11 -15.73 -30.56 -27.36
CA SER Z 11 -17.19 -30.44 -27.36
C SER Z 11 -17.79 -31.12 -26.15
N VAL Z 12 -17.32 -32.33 -25.82
CA VAL Z 12 -17.87 -33.06 -24.68
C VAL Z 12 -17.60 -32.30 -23.38
N VAL Z 13 -16.37 -31.78 -23.22
CA VAL Z 13 -16.02 -31.07 -21.99
C VAL Z 13 -16.88 -29.82 -21.84
N VAL Z 14 -17.00 -29.04 -22.91
CA VAL Z 14 -17.76 -27.79 -22.84
C VAL Z 14 -19.23 -28.07 -22.55
N SER Z 15 -19.80 -29.07 -23.24
CA SER Z 15 -21.21 -29.38 -23.04
C SER Z 15 -21.47 -29.86 -21.62
N THR Z 16 -20.61 -30.73 -21.08
CA THR Z 16 -20.82 -31.25 -19.74
C THR Z 16 -20.72 -30.14 -18.70
N LEU Z 17 -19.71 -29.27 -18.82
CA LEU Z 17 -19.57 -28.18 -17.87
C LEU Z 17 -20.76 -27.24 -17.93
N LEU Z 18 -21.20 -26.89 -19.14
CA LEU Z 18 -22.34 -25.99 -19.28
C LEU Z 18 -23.61 -26.60 -18.67
N GLY Z 19 -23.85 -27.88 -18.96
CA GLY Z 19 -25.04 -28.52 -18.40
C GLY Z 19 -25.03 -28.58 -16.89
N LEU Z 20 -23.88 -28.93 -16.30
CA LEU Z 20 -23.80 -29.03 -14.85
C LEU Z 20 -24.01 -27.66 -14.20
N VAL Z 21 -23.36 -26.63 -14.74
CA VAL Z 21 -23.50 -25.28 -14.18
C VAL Z 21 -24.95 -24.80 -14.31
N MET Z 22 -25.59 -25.07 -15.46
CA MET Z 22 -26.96 -24.64 -15.64
C MET Z 22 -27.90 -25.35 -14.68
N ALA Z 23 -27.69 -26.65 -14.45
CA ALA Z 23 -28.54 -27.38 -13.51
C ALA Z 23 -28.40 -26.81 -12.10
N LEU Z 24 -27.16 -26.56 -11.67
CA LEU Z 24 -26.96 -26.00 -10.33
C LEU Z 24 -27.62 -24.63 -10.20
N LEU Z 25 -27.44 -23.76 -11.22
CA LEU Z 25 -28.02 -22.43 -11.17
C LEU Z 25 -29.54 -22.48 -11.12
N ILE Z 26 -30.15 -23.35 -11.94
CA ILE Z 26 -31.62 -23.42 -11.98
C ILE Z 26 -32.17 -23.94 -10.66
N HIS Z 27 -31.55 -24.98 -10.10
CA HIS Z 27 -32.00 -25.48 -8.80
C HIS Z 27 -31.87 -24.40 -7.72
N PHE Z 28 -30.74 -23.68 -7.69
CA PHE Z 28 -30.57 -22.65 -6.66
C PHE Z 28 -31.58 -21.51 -6.81
N VAL Z 29 -31.83 -21.08 -8.05
CA VAL Z 29 -32.79 -20.00 -8.26
C VAL Z 29 -34.20 -20.44 -7.87
N VAL Z 30 -34.59 -21.65 -8.25
CA VAL Z 30 -35.93 -22.13 -7.90
C VAL Z 30 -36.08 -22.27 -6.40
N LEU Z 31 -35.03 -22.73 -5.71
CA LEU Z 31 -35.08 -22.79 -4.25
C LEU Z 31 -35.18 -21.40 -3.64
N SER Z 32 -34.46 -20.43 -4.20
CA SER Z 32 -34.45 -19.09 -3.63
C SER Z 32 -35.79 -18.39 -3.81
N SER Z 33 -36.47 -18.63 -4.93
CA SER Z 33 -37.70 -17.88 -5.23
C SER Z 33 -38.79 -18.13 -4.20
N GLY Z 34 -38.81 -19.30 -3.58
CA GLY Z 34 -39.81 -19.59 -2.56
C GLY Z 34 -41.23 -19.61 -3.07
N ALA Z 35 -41.46 -20.22 -4.23
CA ALA Z 35 -42.77 -20.27 -4.86
C ALA Z 35 -43.31 -21.69 -4.96
N PHE Z 36 -42.71 -22.65 -4.26
CA PHE Z 36 -43.08 -24.05 -4.42
C PHE Z 36 -43.44 -24.77 -3.13
N ASN Z 37 -43.05 -24.26 -1.96
CA ASN Z 37 -43.27 -24.96 -0.70
C ASN Z 37 -42.51 -26.28 -0.69
N TRP Z 38 -41.20 -26.18 -0.90
CA TRP Z 38 -40.31 -27.32 -0.96
C TRP Z 38 -39.17 -27.18 0.04
N LEU Z 39 -38.89 -28.25 0.76
CA LEU Z 39 -37.83 -28.27 1.78
C LEU Z 39 -38.13 -27.25 2.88
N ARG Z 40 -39.31 -27.35 3.47
CA ARG Z 40 -39.78 -26.41 4.47
C ARG Z 40 -39.85 -25.00 3.89
N ASN AA 7 -11.38 -45.88 -39.72
CA ASN AA 7 -12.74 -45.36 -39.64
C ASN AA 7 -13.69 -46.09 -40.58
N ASP AA 8 -13.64 -47.42 -40.56
CA ASP AA 8 -14.50 -48.22 -41.42
C ASP AA 8 -15.94 -48.25 -40.91
N LEU AA 9 -16.11 -48.18 -39.59
CA LEU AA 9 -17.46 -48.26 -39.03
C LEU AA 9 -18.25 -46.98 -39.27
N VAL AA 10 -17.58 -45.84 -39.34
CA VAL AA 10 -18.29 -44.57 -39.51
C VAL AA 10 -18.97 -44.56 -40.88
N PRO AA 11 -20.19 -44.03 -41.01
CA PRO AA 11 -20.87 -44.01 -42.30
C PRO AA 11 -20.10 -43.19 -43.33
N ASP AA 12 -20.56 -43.30 -44.58
CA ASP AA 12 -19.86 -42.65 -45.69
C ASP AA 12 -19.88 -41.14 -45.54
N GLN AA 13 -21.00 -40.57 -45.12
CA GLN AA 13 -21.14 -39.12 -45.09
C GLN AA 13 -20.30 -38.48 -43.99
N TRP AA 14 -20.10 -39.17 -42.87
CA TRP AA 14 -19.47 -38.58 -41.70
C TRP AA 14 -18.02 -38.98 -41.52
N LYS AA 15 -17.42 -39.63 -42.54
CA LYS AA 15 -16.01 -40.00 -42.44
C LYS AA 15 -15.06 -38.82 -42.21
N PRO AA 16 -15.17 -37.68 -42.91
CA PRO AA 16 -14.18 -36.61 -42.72
C PRO AA 16 -14.20 -35.99 -41.32
N LEU AA 17 -15.27 -36.17 -40.55
CA LEU AA 17 -15.39 -35.53 -39.25
C LEU AA 17 -15.28 -36.48 -38.08
N PHE AA 18 -15.31 -37.79 -38.30
CA PHE AA 18 -15.41 -38.75 -37.20
C PHE AA 18 -14.35 -39.83 -37.33
N ASN AA 19 -13.87 -40.27 -36.17
CA ASN AA 19 -12.93 -41.38 -36.05
C ASN AA 19 -13.70 -42.65 -35.68
N ASN AA 20 -13.05 -43.80 -35.89
CA ASN AA 20 -13.70 -45.08 -35.61
C ASN AA 20 -14.06 -45.21 -34.14
N ALA AA 21 -13.17 -44.79 -33.24
CA ALA AA 21 -13.40 -44.93 -31.81
C ALA AA 21 -14.41 -43.93 -31.27
N GLN AA 22 -14.56 -42.77 -31.91
CA GLN AA 22 -15.44 -41.73 -31.40
C GLN AA 22 -16.90 -41.93 -31.79
N TRP AA 23 -17.18 -42.76 -32.79
CA TRP AA 23 -18.56 -43.07 -33.14
C TRP AA 23 -19.31 -43.74 -31.99
N LEU AA 24 -18.66 -44.68 -31.31
CA LEU AA 24 -19.29 -45.38 -30.19
C LEU AA 24 -19.57 -44.42 -29.04
N VAL AA 25 -18.60 -43.56 -28.72
CA VAL AA 25 -18.79 -42.58 -27.65
C VAL AA 25 -19.91 -41.61 -28.01
N HIS AA 26 -19.98 -41.22 -29.28
CA HIS AA 26 -21.06 -40.33 -29.72
C HIS AA 26 -22.41 -40.99 -29.54
N ASP AA 27 -22.53 -42.27 -29.90
CA ASP AA 27 -23.80 -42.97 -29.70
C ASP AA 27 -24.17 -43.04 -28.23
N ILE AA 28 -23.20 -43.32 -27.37
CA ILE AA 28 -23.47 -43.37 -25.93
C ILE AA 28 -23.96 -42.02 -25.42
N VAL AA 29 -23.30 -40.94 -25.85
CA VAL AA 29 -23.68 -39.60 -25.41
C VAL AA 29 -25.09 -39.26 -25.90
N VAL AA 30 -25.41 -39.62 -27.15
CA VAL AA 30 -26.73 -39.33 -27.69
C VAL AA 30 -27.81 -40.07 -26.91
N LYS AA 31 -27.58 -41.35 -26.61
CA LYS AA 31 -28.55 -42.11 -25.83
C LYS AA 31 -28.74 -41.51 -24.43
N THR AA 32 -27.64 -41.11 -23.79
CA THR AA 32 -27.74 -40.49 -22.48
C THR AA 32 -28.56 -39.20 -22.53
N ILE AA 33 -28.33 -38.37 -23.56
CA ILE AA 33 -29.06 -37.12 -23.68
C ILE AA 33 -30.55 -37.38 -23.91
N TYR AA 34 -30.88 -38.37 -24.74
CA TYR AA 34 -32.29 -38.67 -24.98
C TYR AA 34 -32.99 -39.15 -23.72
N GLY AA 35 -32.33 -40.03 -22.96
CA GLY AA 35 -32.91 -40.47 -21.70
C GLY AA 35 -33.11 -39.33 -20.72
N GLY AA 36 -32.11 -38.45 -20.62
CA GLY AA 36 -32.25 -37.28 -19.76
C GLY AA 36 -33.39 -36.38 -20.19
N LEU AA 37 -33.58 -36.21 -21.50
CA LEU AA 37 -34.67 -35.38 -21.99
C LEU AA 37 -36.02 -35.97 -21.62
N ILE AA 38 -36.18 -37.30 -21.77
CA ILE AA 38 -37.44 -37.92 -21.41
C ILE AA 38 -37.72 -37.75 -19.92
N ILE AA 39 -36.70 -37.98 -19.08
CA ILE AA 39 -36.88 -37.83 -17.64
C ILE AA 39 -37.22 -36.38 -17.29
N ALA AA 40 -36.57 -35.42 -17.94
CA ALA AA 40 -36.83 -34.01 -17.67
C ALA AA 40 -38.25 -33.63 -18.06
N VAL AA 41 -38.74 -34.15 -19.19
CA VAL AA 41 -40.12 -33.88 -19.60
C VAL AA 41 -41.10 -34.41 -18.56
N ILE AA 42 -40.87 -35.64 -18.09
CA ILE AA 42 -41.76 -36.22 -17.09
C ILE AA 42 -41.73 -35.41 -15.80
N ALA AA 43 -40.54 -34.98 -15.38
CA ALA AA 43 -40.41 -34.20 -14.15
C ALA AA 43 -41.12 -32.86 -14.28
N HIS AA 44 -40.99 -32.20 -15.43
CA HIS AA 44 -41.66 -30.92 -15.64
C HIS AA 44 -43.17 -31.08 -15.62
N VAL AA 45 -43.68 -32.14 -16.24
CA VAL AA 45 -45.12 -32.38 -16.23
C VAL AA 45 -45.62 -32.62 -14.81
N LEU AA 46 -44.87 -33.42 -14.03
CA LEU AA 46 -45.26 -33.68 -12.65
C LEU AA 46 -45.24 -32.40 -11.82
N CYS AA 47 -44.22 -31.56 -12.00
CA CYS AA 47 -44.13 -30.32 -11.24
C CYS AA 47 -45.27 -29.38 -11.60
N TRP AA 48 -45.65 -29.30 -12.88
CA TRP AA 48 -46.80 -28.48 -13.25
C TRP AA 48 -48.08 -29.03 -12.63
N ALA AA 49 -48.24 -30.35 -12.61
CA ALA AA 49 -49.41 -30.94 -11.96
C ALA AA 49 -49.43 -30.58 -10.48
N TRP AA 50 -48.26 -30.49 -9.85
CA TRP AA 50 -48.18 -30.11 -8.45
C TRP AA 50 -48.61 -28.66 -8.25
N THR AA 51 -47.91 -27.72 -8.87
CA THR AA 51 -48.31 -26.32 -8.81
C THR AA 51 -47.84 -25.55 -10.04
N PRO AA 52 -48.75 -24.86 -10.74
CA PRO AA 52 -48.33 -24.06 -11.90
C PRO AA 52 -47.41 -22.92 -11.48
N TRP AA 53 -46.46 -22.60 -12.35
CA TRP AA 53 -45.48 -21.57 -12.06
C TRP AA 53 -45.65 -20.32 -12.93
N ILE AA 54 -46.62 -20.31 -13.84
CA ILE AA 54 -46.88 -19.13 -14.67
C ILE AA 54 -48.03 -18.34 -14.06
N ARG AA 55 -49.19 -18.99 -13.91
CA ARG AA 55 -50.38 -18.32 -13.38
C ARG AA 55 -50.80 -17.15 -14.26
N ARG BA 4 -8.71 -43.02 -28.68
CA ARG BA 4 -9.69 -42.92 -27.60
C ARG BA 4 -9.84 -41.48 -27.15
N PRO BA 5 -11.06 -40.96 -27.16
CA PRO BA 5 -11.29 -39.56 -26.76
C PRO BA 5 -10.82 -39.25 -25.35
N PHE BA 6 -10.99 -40.18 -24.41
CA PHE BA 6 -10.62 -39.95 -23.01
C PHE BA 6 -9.99 -41.21 -22.46
N GLU BA 7 -9.22 -41.05 -21.40
CA GLU BA 7 -8.59 -42.18 -20.71
C GLU BA 7 -9.47 -42.64 -19.56
N PHE BA 8 -9.32 -43.91 -19.20
CA PHE BA 8 -10.17 -44.50 -18.17
C PHE BA 8 -9.93 -43.85 -16.81
N ARG BA 9 -8.67 -43.61 -16.46
CA ARG BA 9 -8.35 -43.07 -15.15
C ARG BA 9 -8.93 -41.67 -14.97
N THR BA 10 -8.89 -40.85 -16.03
CA THR BA 10 -9.46 -39.52 -15.95
C THR BA 10 -10.96 -39.58 -15.68
N SER BA 11 -11.66 -40.48 -16.38
CA SER BA 11 -13.09 -40.64 -16.17
C SER BA 11 -13.39 -41.07 -14.74
N VAL BA 12 -12.63 -42.04 -14.23
CA VAL BA 12 -12.85 -42.54 -12.87
C VAL BA 12 -12.63 -41.43 -11.85
N VAL BA 13 -11.54 -40.69 -12.02
CA VAL BA 13 -11.19 -39.64 -11.05
C VAL BA 13 -12.23 -38.53 -11.06
N VAL BA 14 -12.64 -38.09 -12.26
CA VAL BA 14 -13.62 -37.01 -12.34
C VAL BA 14 -14.96 -37.44 -11.76
N SER BA 15 -15.39 -38.67 -12.08
CA SER BA 15 -16.66 -39.17 -11.53
C SER BA 15 -16.61 -39.24 -10.01
N THR BA 16 -15.51 -39.76 -9.46
CA THR BA 16 -15.42 -39.88 -8.00
C THR BA 16 -15.44 -38.51 -7.33
N LEU BA 17 -14.70 -37.54 -7.88
CA LEU BA 17 -14.68 -36.20 -7.29
C LEU BA 17 -16.06 -35.57 -7.34
N LEU BA 18 -16.74 -35.66 -8.49
CA LEU BA 18 -18.06 -35.05 -8.61
C LEU BA 18 -19.05 -35.70 -7.65
N GLY BA 19 -19.02 -37.02 -7.53
CA GLY BA 19 -19.94 -37.69 -6.62
C GLY BA 19 -19.70 -37.31 -5.17
N LEU BA 20 -18.44 -37.29 -4.74
CA LEU BA 20 -18.15 -36.94 -3.36
C LEU BA 20 -18.54 -35.50 -3.05
N VAL BA 21 -18.25 -34.57 -3.96
CA VAL BA 21 -18.63 -33.18 -3.75
C VAL BA 21 -20.14 -33.03 -3.66
N MET BA 22 -20.87 -33.71 -4.55
CA MET BA 22 -22.33 -33.62 -4.51
C MET BA 22 -22.90 -34.18 -3.21
N ALA BA 23 -22.36 -35.32 -2.74
CA ALA BA 23 -22.85 -35.89 -1.50
C ALA BA 23 -22.60 -34.96 -0.31
N LEU BA 24 -21.40 -34.37 -0.25
CA LEU BA 24 -21.09 -33.43 0.82
C LEU BA 24 -22.03 -32.23 0.80
N LEU BA 25 -22.23 -31.66 -0.39
CA LEU BA 25 -23.08 -30.48 -0.51
C LEU BA 25 -24.52 -30.80 -0.11
N ILE BA 26 -25.03 -31.96 -0.52
CA ILE BA 26 -26.42 -32.29 -0.24
C ILE BA 26 -26.63 -32.54 1.25
N HIS BA 27 -25.71 -33.28 1.88
CA HIS BA 27 -25.82 -33.49 3.32
C HIS BA 27 -25.75 -32.17 4.08
N PHE BA 28 -24.85 -31.27 3.69
CA PHE BA 28 -24.75 -29.99 4.41
C PHE BA 28 -26.01 -29.16 4.22
N VAL BA 29 -26.55 -29.10 3.00
CA VAL BA 29 -27.76 -28.31 2.77
C VAL BA 29 -28.94 -28.87 3.56
N VAL BA 30 -29.10 -30.20 3.55
CA VAL BA 30 -30.22 -30.80 4.26
C VAL BA 30 -30.08 -30.61 5.77
N LEU BA 31 -28.84 -30.71 6.28
CA LEU BA 31 -28.63 -30.49 7.70
C LEU BA 31 -28.93 -29.05 8.10
N SER BA 32 -28.52 -28.09 7.28
CA SER BA 32 -28.70 -26.69 7.64
C SER BA 32 -30.14 -26.22 7.45
N SER BA 33 -30.88 -26.84 6.54
CA SER BA 33 -32.26 -26.41 6.29
C SER BA 33 -33.15 -26.59 7.51
N GLY BA 34 -32.84 -27.57 8.35
CA GLY BA 34 -33.65 -27.80 9.53
C GLY BA 34 -35.09 -28.19 9.24
N ALA BA 35 -35.31 -28.97 8.19
CA ALA BA 35 -36.63 -29.40 7.79
C ALA BA 35 -36.92 -30.85 8.11
N PHE BA 36 -36.02 -31.52 8.84
CA PHE BA 36 -36.14 -32.96 9.05
C PHE BA 36 -36.09 -33.40 10.50
N ASN BA 37 -35.66 -32.55 11.44
CA ASN BA 37 -35.51 -32.95 12.84
C ASN BA 37 -34.46 -34.04 12.97
N TRP BA 38 -33.25 -33.73 12.50
CA TRP BA 38 -32.12 -34.64 12.54
C TRP BA 38 -30.94 -33.92 13.17
N LEU BA 39 -30.30 -34.56 14.15
CA LEU BA 39 -29.20 -33.98 14.90
C LEU BA 39 -29.65 -32.71 15.63
N ARG BA 40 -30.59 -32.90 16.57
CA ARG BA 40 -31.15 -31.79 17.35
C ARG BA 40 -31.89 -30.81 16.44
N ALA BA 41 -32.93 -31.32 15.80
CA ALA BA 41 -33.81 -30.51 14.95
C ALA BA 41 -33.05 -29.89 13.78
N ASN CA 7 -6.22 -57.44 -25.53
CA ASN CA 7 -7.67 -57.39 -25.40
C ASN CA 7 -8.32 -58.74 -25.71
N ASP CA 8 -7.74 -59.80 -25.15
CA ASP CA 8 -8.27 -61.14 -25.39
C ASP CA 8 -9.68 -61.30 -24.84
N LEU CA 9 -9.91 -60.79 -23.62
CA LEU CA 9 -11.20 -60.96 -22.96
C LEU CA 9 -12.18 -59.82 -23.25
N VAL CA 10 -11.71 -58.71 -23.77
CA VAL CA 10 -12.62 -57.60 -24.11
C VAL CA 10 -13.50 -58.03 -25.28
N PRO CA 11 -14.80 -57.72 -25.27
CA PRO CA 11 -15.64 -58.05 -26.42
C PRO CA 11 -15.19 -57.32 -27.67
N ASP CA 12 -15.60 -57.87 -28.82
CA ASP CA 12 -15.14 -57.34 -30.11
C ASP CA 12 -15.61 -55.90 -30.31
N GLN CA 13 -16.83 -55.57 -29.90
CA GLN CA 13 -17.37 -54.24 -30.12
C GLN CA 13 -16.56 -53.18 -29.38
N TRP CA 14 -16.12 -53.49 -28.16
CA TRP CA 14 -15.40 -52.53 -27.33
C TRP CA 14 -13.89 -52.74 -27.35
N LYS CA 15 -13.39 -53.56 -28.27
CA LYS CA 15 -11.95 -53.74 -28.41
C LYS CA 15 -11.19 -52.45 -28.70
N PRO CA 16 -11.63 -51.56 -29.61
CA PRO CA 16 -10.84 -50.35 -29.87
C PRO CA 16 -10.84 -49.35 -28.73
N LEU CA 17 -11.67 -49.54 -27.69
CA LEU CA 17 -11.76 -48.61 -26.59
C LEU CA 17 -11.18 -49.12 -25.28
N PHE CA 18 -11.18 -50.44 -25.07
CA PHE CA 18 -10.87 -51.01 -23.76
C PHE CA 18 -9.66 -51.92 -23.84
N ASN CA 19 -8.84 -51.89 -22.79
CA ASN CA 19 -7.72 -52.78 -22.62
C ASN CA 19 -8.15 -54.00 -21.81
N ASN CA 20 -7.33 -55.05 -21.85
CA ASN CA 20 -7.65 -56.28 -21.13
C ASN CA 20 -7.74 -56.04 -19.63
N ALA CA 21 -6.87 -55.18 -19.10
CA ALA CA 21 -6.81 -54.94 -17.66
C ALA CA 21 -7.81 -53.90 -17.17
N GLN CA 22 -8.45 -53.15 -18.07
CA GLN CA 22 -9.45 -52.18 -17.65
C GLN CA 22 -10.87 -52.72 -17.68
N TRP CA 23 -11.10 -53.83 -18.41
CA TRP CA 23 -12.45 -54.40 -18.47
C TRP CA 23 -12.91 -54.87 -17.10
N LEU CA 24 -12.04 -55.55 -16.35
CA LEU CA 24 -12.40 -56.03 -15.02
C LEU CA 24 -12.66 -54.87 -14.06
N VAL CA 25 -11.82 -53.83 -14.12
CA VAL CA 25 -12.00 -52.67 -13.27
C VAL CA 25 -13.32 -51.97 -13.60
N HIS CA 26 -13.64 -51.87 -14.89
CA HIS CA 26 -14.91 -51.29 -15.30
C HIS CA 26 -16.09 -52.10 -14.78
N ASP CA 27 -15.99 -53.43 -14.82
CA ASP CA 27 -17.05 -54.28 -14.28
C ASP CA 27 -17.22 -54.04 -12.78
N ILE CA 28 -16.10 -53.91 -12.06
CA ILE CA 28 -16.17 -53.64 -10.62
C ILE CA 28 -16.87 -52.30 -10.37
N VAL CA 29 -16.52 -51.27 -11.14
CA VAL CA 29 -17.12 -49.96 -10.96
C VAL CA 29 -18.62 -50.01 -11.25
N VAL CA 30 -19.01 -50.75 -12.29
CA VAL CA 30 -20.42 -50.86 -12.64
C VAL CA 30 -21.20 -51.53 -11.52
N LYS CA 31 -20.66 -52.62 -10.97
CA LYS CA 31 -21.35 -53.30 -9.87
C LYS CA 31 -21.46 -52.38 -8.65
N THR CA 32 -20.39 -51.65 -8.34
CA THR CA 32 -20.44 -50.72 -7.22
C THR CA 32 -21.51 -49.66 -7.42
N ILE CA 33 -21.61 -49.12 -8.64
CA ILE CA 33 -22.62 -48.10 -8.92
C ILE CA 33 -24.02 -48.68 -8.78
N TYR CA 34 -24.24 -49.89 -9.28
CA TYR CA 34 -25.58 -50.48 -9.17
C TYR CA 34 -25.98 -50.69 -7.72
N GLY CA 35 -25.05 -51.20 -6.90
CA GLY CA 35 -25.32 -51.31 -5.47
C GLY CA 35 -25.60 -49.96 -4.83
N GLY CA 36 -24.84 -48.94 -5.22
CA GLY CA 36 -25.05 -47.62 -4.67
C GLY CA 36 -26.43 -47.06 -4.98
N LEU CA 37 -26.88 -47.21 -6.23
CA LEU CA 37 -28.21 -46.74 -6.59
C LEU CA 37 -29.30 -47.53 -5.87
N ILE CA 38 -29.11 -48.84 -5.69
CA ILE CA 38 -30.11 -49.62 -4.94
C ILE CA 38 -30.23 -49.09 -3.51
N ILE CA 39 -29.09 -48.87 -2.86
CA ILE CA 39 -29.10 -48.37 -1.48
C ILE CA 39 -29.71 -46.97 -1.43
N ALA CA 40 -29.39 -46.12 -2.41
CA ALA CA 40 -29.93 -44.77 -2.43
C ALA CA 40 -31.44 -44.76 -2.59
N VAL CA 41 -31.97 -45.64 -3.46
CA VAL CA 41 -33.42 -45.74 -3.63
C VAL CA 41 -34.07 -46.17 -2.32
N ILE CA 42 -33.48 -47.16 -1.64
CA ILE CA 42 -34.04 -47.62 -0.37
C ILE CA 42 -34.04 -46.50 0.65
N ALA CA 43 -32.93 -45.75 0.73
CA ALA CA 43 -32.83 -44.66 1.70
C ALA CA 43 -33.85 -43.56 1.41
N HIS CA 44 -34.03 -43.19 0.14
CA HIS CA 44 -35.00 -42.17 -0.19
C HIS CA 44 -36.42 -42.62 0.13
N VAL CA 45 -36.75 -43.89 -0.14
CA VAL CA 45 -38.08 -44.37 0.21
C VAL CA 45 -38.30 -44.33 1.71
N LEU CA 46 -37.30 -44.74 2.49
CA LEU CA 46 -37.42 -44.70 3.94
C LEU CA 46 -37.60 -43.28 4.45
N CYS CA 47 -36.83 -42.34 3.90
CA CYS CA 47 -36.94 -40.95 4.34
C CYS CA 47 -38.30 -40.34 3.98
N TRP CA 48 -38.81 -40.66 2.79
CA TRP CA 48 -40.15 -40.17 2.43
C TRP CA 48 -41.20 -40.76 3.34
N ALA CA 49 -41.08 -42.04 3.70
CA ALA CA 49 -42.02 -42.64 4.63
C ALA CA 49 -41.95 -41.95 5.99
N TRP CA 50 -40.74 -41.61 6.44
CA TRP CA 50 -40.59 -40.95 7.74
C TRP CA 50 -41.14 -39.52 7.69
N THR CA 51 -40.75 -38.75 6.69
CA THR CA 51 -41.19 -37.36 6.57
C THR CA 51 -41.14 -36.87 5.12
N PRO CA 52 -42.29 -36.57 4.52
CA PRO CA 52 -42.28 -36.00 3.17
C PRO CA 52 -41.60 -34.64 3.14
N TRP CA 53 -40.91 -34.38 2.03
CA TRP CA 53 -40.20 -33.12 1.85
C TRP CA 53 -40.80 -32.22 0.78
N ILE CA 54 -41.92 -32.62 0.18
CA ILE CA 54 -42.59 -31.82 -0.85
C ILE CA 54 -43.87 -31.19 -0.32
N ARG CA 55 -44.81 -32.01 0.14
CA ARG CA 55 -46.08 -31.51 0.68
C ARG CA 55 -46.86 -30.71 -0.36
N ARG DA 4 -2.30 -51.85 -15.75
CA ARG DA 4 -3.53 -51.54 -15.03
C ARG DA 4 -3.71 -50.02 -14.90
N PRO DA 5 -4.96 -49.57 -14.90
CA PRO DA 5 -5.22 -48.12 -14.78
C PRO DA 5 -4.66 -47.51 -13.51
N PHE DA 6 -4.72 -48.23 -12.38
CA PHE DA 6 -4.25 -47.73 -11.11
C PHE DA 6 -3.40 -48.78 -10.42
N GLU DA 7 -2.40 -48.32 -9.68
CA GLU DA 7 -1.54 -49.21 -8.91
C GLU DA 7 -2.13 -49.44 -7.52
N PHE DA 8 -1.75 -50.58 -6.92
CA PHE DA 8 -2.30 -50.95 -5.62
C PHE DA 8 -1.93 -49.94 -4.54
N ARG DA 9 -0.68 -49.50 -4.52
CA ARG DA 9 -0.22 -48.61 -3.46
C ARG DA 9 -0.87 -47.24 -3.56
N THR DA 10 -1.11 -46.75 -4.78
CA THR DA 10 -1.82 -45.50 -4.97
C THR DA 10 -3.24 -45.59 -4.42
N SER DA 11 -3.93 -46.72 -4.70
CA SER DA 11 -5.26 -46.92 -4.17
C SER DA 11 -5.24 -46.98 -2.65
N VAL DA 12 -4.23 -47.62 -2.08
CA VAL DA 12 -4.10 -47.68 -0.62
C VAL DA 12 -3.97 -46.29 -0.03
N VAL DA 13 -3.10 -45.46 -0.62
CA VAL DA 13 -2.88 -44.12 -0.10
C VAL DA 13 -4.17 -43.30 -0.19
N VAL DA 14 -4.83 -43.35 -1.35
CA VAL DA 14 -6.03 -42.55 -1.55
C VAL DA 14 -7.12 -42.97 -0.58
N SER DA 15 -7.35 -44.29 -0.45
CA SER DA 15 -8.40 -44.78 0.43
C SER DA 15 -8.14 -44.42 1.89
N THR DA 16 -6.89 -44.62 2.34
CA THR DA 16 -6.57 -44.33 3.74
C THR DA 16 -6.75 -42.84 4.04
N LEU DA 17 -6.26 -41.98 3.15
CA LEU DA 17 -6.37 -40.55 3.39
C LEU DA 17 -7.84 -40.11 3.40
N LEU DA 18 -8.64 -40.61 2.44
CA LEU DA 18 -10.05 -40.23 2.40
C LEU DA 18 -10.78 -40.71 3.64
N GLY DA 19 -10.51 -41.93 4.09
CA GLY DA 19 -11.17 -42.44 5.28
C GLY DA 19 -10.82 -41.64 6.53
N LEU DA 20 -9.53 -41.30 6.69
CA LEU DA 20 -9.13 -40.51 7.85
C LEU DA 20 -9.79 -39.13 7.84
N VAL DA 21 -9.81 -38.48 6.67
CA VAL DA 21 -10.41 -37.15 6.57
C VAL DA 21 -11.90 -37.22 6.88
N MET DA 22 -12.59 -38.23 6.36
CA MET DA 22 -14.02 -38.35 6.61
C MET DA 22 -14.31 -38.63 8.09
N ALA DA 23 -13.49 -39.46 8.72
CA ALA DA 23 -13.69 -39.74 10.15
C ALA DA 23 -13.52 -38.47 10.99
N LEU DA 24 -12.46 -37.70 10.71
CA LEU DA 24 -12.25 -36.46 11.43
C LEU DA 24 -13.41 -35.49 11.21
N LEU DA 25 -13.88 -35.37 9.96
CA LEU DA 25 -14.99 -34.47 9.67
C LEU DA 25 -16.25 -34.89 10.40
N ILE DA 26 -16.53 -36.19 10.46
CA ILE DA 26 -17.76 -36.65 11.09
C ILE DA 26 -17.72 -36.43 12.59
N HIS DA 27 -16.59 -36.72 13.25
CA HIS DA 27 -16.48 -36.40 14.67
C HIS DA 27 -16.62 -34.90 14.92
N PHE DA 28 -15.98 -34.06 14.10
CA PHE DA 28 -16.10 -32.62 14.30
C PHE DA 28 -17.53 -32.14 14.14
N VAL DA 29 -18.23 -32.62 13.11
CA VAL DA 29 -19.60 -32.16 12.87
C VAL DA 29 -20.52 -32.63 13.99
N VAL DA 30 -20.38 -33.88 14.42
CA VAL DA 30 -21.23 -34.40 15.50
C VAL DA 30 -20.98 -33.62 16.79
N LEU DA 31 -19.71 -33.31 17.09
CA LEU DA 31 -19.41 -32.53 18.28
C LEU DA 31 -19.99 -31.13 18.18
N SER DA 32 -19.89 -30.50 17.00
CA SER DA 32 -20.37 -29.13 16.85
C SER DA 32 -21.88 -29.05 16.93
N SER DA 33 -22.57 -30.13 16.52
CA SER DA 33 -24.03 -30.11 16.58
C SER DA 33 -24.55 -29.98 18.01
N GLY DA 34 -23.83 -30.53 18.97
CA GLY DA 34 -24.25 -30.44 20.37
C GLY DA 34 -25.55 -31.15 20.66
N ALA DA 35 -25.71 -32.36 20.13
CA ALA DA 35 -26.96 -33.12 20.27
C ALA DA 35 -26.79 -34.40 21.05
N PHE DA 36 -25.61 -34.64 21.65
CA PHE DA 36 -25.35 -35.91 22.31
C PHE DA 36 -24.91 -35.80 23.76
N ASN DA 37 -24.63 -34.61 24.28
CA ASN DA 37 -24.12 -34.44 25.64
C ASN DA 37 -22.77 -35.16 25.78
N TRP DA 38 -21.83 -34.74 24.95
CA TRP DA 38 -20.48 -35.30 24.92
C TRP DA 38 -19.48 -34.18 25.16
N LEU DA 39 -18.61 -34.37 26.15
CA LEU DA 39 -17.68 -33.34 26.59
C LEU DA 39 -18.43 -32.07 27.00
N ARG DA 40 -19.51 -32.25 27.76
CA ARG DA 40 -20.38 -31.16 28.18
C ARG DA 40 -20.97 -30.43 26.96
N ALA DA 41 -21.77 -31.17 26.18
CA ALA DA 41 -22.38 -30.61 24.98
C ALA DA 41 -23.70 -31.31 24.66
N ASN EA 7 3.78 -64.24 -10.00
CA ASN EA 7 2.42 -64.27 -9.51
C ASN EA 7 1.85 -65.69 -9.47
N ASP EA 8 2.54 -66.58 -8.76
CA ASP EA 8 2.08 -67.95 -8.63
C ASP EA 8 0.91 -68.08 -7.65
N LEU EA 9 0.86 -67.23 -6.63
CA LEU EA 9 -0.20 -67.29 -5.64
C LEU EA 9 -1.47 -66.57 -6.08
N VAL EA 10 -1.40 -65.77 -7.14
CA VAL EA 10 -2.57 -64.98 -7.57
C VAL EA 10 -3.58 -65.90 -8.21
N PRO EA 11 -4.89 -65.71 -7.98
CA PRO EA 11 -5.89 -66.50 -8.70
C PRO EA 11 -5.86 -66.20 -10.19
N ASP EA 12 -6.42 -67.13 -10.96
CA ASP EA 12 -6.29 -67.06 -12.42
C ASP EA 12 -6.96 -65.81 -12.97
N GLN EA 13 -8.11 -65.42 -12.43
CA GLN EA 13 -8.83 -64.26 -12.95
C GLN EA 13 -8.09 -62.95 -12.71
N TRP EA 14 -7.23 -62.88 -11.69
CA TRP EA 14 -6.62 -61.62 -11.27
C TRP EA 14 -5.13 -61.57 -11.56
N LYS EA 15 -4.64 -62.36 -12.51
CA LYS EA 15 -3.24 -62.22 -12.94
C LYS EA 15 -2.89 -60.84 -13.47
N PRO EA 16 -3.64 -60.25 -14.42
CA PRO EA 16 -3.16 -59.00 -15.05
C PRO EA 16 -3.14 -57.80 -14.12
N LEU EA 17 -3.69 -57.89 -12.91
CA LEU EA 17 -3.76 -56.75 -12.01
C LEU EA 17 -2.93 -56.91 -10.74
N PHE EA 18 -2.73 -58.12 -10.24
CA PHE EA 18 -2.16 -58.33 -8.92
C PHE EA 18 -0.81 -59.04 -9.02
N ASN EA 19 0.16 -58.52 -8.29
CA ASN EA 19 1.49 -59.10 -8.15
C ASN EA 19 1.44 -60.08 -6.98
N ASN EA 20 2.35 -61.06 -6.99
CA ASN EA 20 2.35 -62.10 -5.96
C ASN EA 20 2.51 -61.53 -4.56
N ALA EA 21 3.34 -60.49 -4.42
CA ALA EA 21 3.53 -59.87 -3.11
C ALA EA 21 2.33 -59.00 -2.70
N GLN EA 22 1.61 -58.45 -3.67
CA GLN EA 22 0.50 -57.55 -3.37
C GLN EA 22 -0.74 -58.30 -2.89
N TRP EA 23 -0.86 -59.59 -3.21
CA TRP EA 23 -2.04 -60.36 -2.81
C TRP EA 23 -2.14 -60.46 -1.29
N LEU EA 24 -1.01 -60.69 -0.61
CA LEU EA 24 -1.04 -60.78 0.85
C LEU EA 24 -1.46 -59.45 1.48
N VAL EA 25 -0.92 -58.34 0.96
CA VAL EA 25 -1.27 -57.03 1.50
C VAL EA 25 -2.74 -56.73 1.26
N HIS EA 26 -3.25 -57.12 0.08
CA HIS EA 26 -4.67 -56.94 -0.19
C HIS EA 26 -5.52 -57.74 0.79
N ASP EA 27 -5.12 -58.97 1.09
CA ASP EA 27 -5.86 -59.78 2.05
C ASP EA 27 -5.86 -59.14 3.43
N ILE EA 28 -4.71 -58.62 3.86
CA ILE EA 28 -4.64 -57.95 5.16
C ILE EA 28 -5.54 -56.73 5.18
N VAL EA 29 -5.54 -55.94 4.11
CA VAL EA 29 -6.38 -54.75 4.04
C VAL EA 29 -7.85 -55.13 4.12
N VAL EA 30 -8.25 -56.18 3.41
CA VAL EA 30 -9.64 -56.63 3.44
C VAL EA 30 -10.04 -57.05 4.84
N LYS EA 31 -9.19 -57.82 5.51
CA LYS EA 31 -9.50 -58.24 6.88
C LYS EA 31 -9.63 -57.04 7.82
N THR EA 32 -8.72 -56.08 7.71
CA THR EA 32 -8.79 -54.90 8.56
C THR EA 32 -10.07 -54.10 8.30
N ILE EA 33 -10.46 -53.95 7.04
CA ILE EA 33 -11.70 -53.23 6.73
C ILE EA 33 -12.90 -53.94 7.31
N TYR EA 34 -12.95 -55.28 7.20
CA TYR EA 34 -14.09 -56.02 7.75
C TYR EA 34 -14.17 -55.87 9.27
N GLY EA 35 -13.03 -55.97 9.95
CA GLY EA 35 -13.03 -55.79 11.39
C GLY EA 35 -13.47 -54.39 11.79
N GLY EA 36 -12.99 -53.37 11.08
CA GLY EA 36 -13.42 -52.02 11.37
C GLY EA 36 -14.90 -51.82 11.13
N LEU EA 37 -15.45 -52.47 10.10
CA LEU EA 37 -16.89 -52.36 9.84
C LEU EA 37 -17.70 -52.99 10.97
N ILE EA 38 -17.26 -54.15 11.48
CA ILE EA 38 -17.97 -54.77 12.59
C ILE EA 38 -17.91 -53.87 13.83
N ILE EA 39 -16.74 -53.31 14.12
CA ILE EA 39 -16.60 -52.42 15.27
C ILE EA 39 -17.48 -51.18 15.12
N ALA EA 40 -17.54 -50.64 13.90
CA ALA EA 40 -18.39 -49.47 13.66
C ALA EA 40 -19.86 -49.81 13.84
N VAL EA 41 -20.28 -51.00 13.42
CA VAL EA 41 -21.66 -51.42 13.62
C VAL EA 41 -21.98 -51.47 15.12
N ILE EA 42 -21.07 -52.05 15.91
CA ILE EA 42 -21.30 -52.13 17.35
C ILE EA 42 -21.37 -50.74 17.96
N ALA EA 43 -20.47 -49.84 17.55
CA ALA EA 43 -20.46 -48.48 18.09
C ALA EA 43 -21.75 -47.75 17.74
N HIS EA 44 -22.24 -47.91 16.52
CA HIS EA 44 -23.49 -47.27 16.11
C HIS EA 44 -24.66 -47.80 16.92
N VAL EA 45 -24.69 -49.11 17.16
CA VAL EA 45 -25.77 -49.68 17.97
C VAL EA 45 -25.75 -49.11 19.38
N LEU EA 46 -24.55 -49.01 19.97
CA LEU EA 46 -24.45 -48.46 21.32
C LEU EA 46 -24.88 -46.99 21.35
N CYS EA 47 -24.47 -46.20 20.36
CA CYS EA 47 -24.84 -44.79 20.32
C CYS EA 47 -26.34 -44.63 20.15
N TRP EA 48 -26.97 -45.46 19.32
CA TRP EA 48 -28.43 -45.40 19.20
C TRP EA 48 -29.11 -45.76 20.49
N ALA EA 49 -28.63 -46.80 21.17
CA ALA EA 49 -29.20 -47.18 22.46
C ALA EA 49 -29.04 -46.07 23.49
N TRP EA 50 -27.99 -45.26 23.37
CA TRP EA 50 -27.77 -44.18 24.31
C TRP EA 50 -28.71 -43.01 24.01
N THR EA 51 -28.65 -42.47 22.78
CA THR EA 51 -29.46 -41.33 22.39
C THR EA 51 -29.82 -41.39 20.91
N PRO EA 52 -31.08 -41.64 20.58
CA PRO EA 52 -31.48 -41.64 19.17
C PRO EA 52 -31.25 -40.28 18.52
N TRP EA 53 -30.80 -40.29 17.26
CA TRP EA 53 -30.44 -39.08 16.55
C TRP EA 53 -31.43 -38.68 15.47
N ILE EA 54 -32.38 -39.54 15.12
CA ILE EA 54 -33.39 -39.23 14.12
C ILE EA 54 -34.68 -38.74 14.77
N ARG EA 55 -35.20 -39.49 15.74
CA ARG EA 55 -36.40 -39.10 16.46
C ARG EA 55 -37.60 -38.94 15.53
N ARG FA 4 8.26 -55.26 -2.91
CA ARG FA 4 7.04 -55.13 -2.13
C ARG FA 4 6.38 -53.77 -2.35
N PRO FA 5 5.05 -53.72 -2.20
CA PRO FA 5 4.32 -52.48 -2.48
C PRO FA 5 4.75 -51.29 -1.64
N PHE FA 6 5.14 -51.51 -0.38
CA PHE FA 6 5.51 -50.42 0.51
C PHE FA 6 6.75 -50.81 1.30
N GLU FA 7 7.76 -49.94 1.25
CA GLU FA 7 8.97 -50.16 2.03
C GLU FA 7 8.65 -50.05 3.52
N PHE FA 8 9.36 -50.84 4.33
CA PHE FA 8 9.09 -50.86 5.76
C PHE FA 8 9.44 -49.53 6.41
N ARG FA 9 10.51 -48.89 5.95
CA ARG FA 9 10.92 -47.59 6.48
C ARG FA 9 9.83 -46.55 6.26
N THR FA 10 9.25 -46.50 5.06
CA THR FA 10 8.20 -45.53 4.77
C THR FA 10 6.98 -45.76 5.65
N SER FA 11 6.60 -47.03 5.84
CA SER FA 11 5.47 -47.34 6.70
C SER FA 11 5.72 -46.88 8.13
N VAL FA 12 6.93 -47.13 8.64
CA VAL FA 12 7.26 -46.73 10.01
C VAL FA 12 7.18 -45.22 10.16
N VAL FA 13 7.76 -44.49 9.21
CA VAL FA 13 7.75 -43.02 9.28
C VAL FA 13 6.33 -42.48 9.22
N VAL FA 14 5.53 -43.00 8.30
CA VAL FA 14 4.16 -42.51 8.12
C VAL FA 14 3.35 -42.78 9.39
N SER FA 15 3.46 -43.99 9.93
CA SER FA 15 2.71 -44.33 11.14
C SER FA 15 3.13 -43.46 12.32
N THR FA 16 4.43 -43.24 12.49
CA THR FA 16 4.89 -42.43 13.62
C THR FA 16 4.39 -40.99 13.50
N LEU FA 17 4.49 -40.40 12.31
CA LEU FA 17 4.04 -39.03 12.14
C LEU FA 17 2.53 -38.91 12.33
N LEU FA 18 1.77 -39.87 11.81
CA LEU FA 18 0.32 -39.85 12.01
C LEU FA 18 -0.03 -39.95 13.49
N GLY FA 19 0.68 -40.81 14.23
CA GLY FA 19 0.43 -40.92 15.66
C GLY FA 19 0.74 -39.62 16.40
N LEU FA 20 1.85 -38.97 16.05
CA LEU FA 20 2.19 -37.70 16.70
C LEU FA 20 1.11 -36.65 16.46
N VAL FA 21 0.68 -36.51 15.20
CA VAL FA 21 -0.33 -35.50 14.88
C VAL FA 21 -1.64 -35.81 15.60
N MET FA 22 -2.04 -37.08 15.62
CA MET FA 22 -3.28 -37.46 16.30
C MET FA 22 -3.20 -37.17 17.80
N ALA FA 23 -2.06 -37.48 18.43
CA ALA FA 23 -1.92 -37.22 19.86
C ALA FA 23 -2.01 -35.73 20.16
N LEU FA 24 -1.31 -34.90 19.38
CA LEU FA 24 -1.34 -33.46 19.62
C LEU FA 24 -2.75 -32.90 19.42
N LEU FA 25 -3.42 -33.31 18.32
CA LEU FA 25 -4.75 -32.80 18.04
C LEU FA 25 -5.75 -33.23 19.10
N ILE FA 26 -5.66 -34.48 19.56
CA ILE FA 26 -6.62 -34.96 20.56
C ILE FA 26 -6.39 -34.27 21.90
N HIS FA 27 -5.14 -34.08 22.30
CA HIS FA 27 -4.88 -33.31 23.52
C HIS FA 27 -5.44 -31.90 23.41
N PHE FA 28 -5.22 -31.23 22.27
CA PHE FA 28 -5.71 -29.86 22.12
C PHE FA 28 -7.23 -29.81 22.19
N VAL FA 29 -7.91 -30.71 21.49
CA VAL FA 29 -9.37 -30.68 21.46
C VAL FA 29 -9.96 -31.02 22.82
N VAL FA 30 -9.38 -32.01 23.51
CA VAL FA 30 -9.92 -32.39 24.81
C VAL FA 30 -9.67 -31.30 25.84
N LEU FA 31 -8.53 -30.61 25.76
CA LEU FA 31 -8.24 -29.55 26.72
C LEU FA 31 -9.05 -28.29 26.42
N SER FA 32 -9.44 -28.07 25.17
CA SER FA 32 -10.24 -26.90 24.83
C SER FA 32 -11.72 -27.07 25.18
N SER FA 33 -12.17 -28.27 25.48
CA SER FA 33 -13.59 -28.53 25.69
C SER FA 33 -14.05 -27.91 27.01
N GLY FA 34 -15.37 -27.84 27.16
CA GLY FA 34 -15.97 -27.30 28.37
C GLY FA 34 -15.85 -28.20 29.58
N ALA FA 35 -15.68 -29.50 29.38
CA ALA FA 35 -15.50 -30.43 30.50
C ALA FA 35 -14.13 -30.25 31.16
N PHE FA 36 -13.08 -30.16 30.35
CA PHE FA 36 -11.72 -29.92 30.83
C PHE FA 36 -11.33 -28.51 30.42
N ASN FA 37 -11.27 -27.60 31.39
CA ASN FA 37 -11.00 -26.19 31.10
C ASN FA 37 -9.50 -25.91 31.18
N TRP FA 38 -8.77 -26.57 30.29
CA TRP FA 38 -7.31 -26.47 30.24
C TRP FA 38 -6.69 -26.88 31.58
N LEU FA 39 -7.27 -27.92 32.19
CA LEU FA 39 -6.85 -28.40 33.51
C LEU FA 39 -7.01 -27.33 34.58
N ARG FA 40 -7.92 -26.38 34.36
CA ARG FA 40 -8.12 -25.27 35.27
C ARG FA 40 -6.84 -24.43 35.41
N ASN GA 7 17.71 -63.24 4.48
CA ASN GA 7 16.37 -63.54 4.96
C ASN GA 7 16.22 -64.99 5.43
N ASP GA 8 16.96 -65.34 6.48
CA ASP GA 8 16.93 -66.69 7.03
C ASP GA 8 15.96 -66.84 8.21
N LEU GA 9 15.81 -65.80 9.03
CA LEU GA 9 14.93 -65.86 10.19
C LEU GA 9 13.48 -65.55 9.87
N VAL GA 10 13.20 -65.04 8.67
CA VAL GA 10 11.84 -64.69 8.27
C VAL GA 10 11.04 -65.96 8.02
N PRO GA 11 9.75 -66.00 8.35
CA PRO GA 11 8.93 -67.16 8.01
C PRO GA 11 8.74 -67.29 6.50
N ASP GA 12 8.36 -68.49 6.09
CA ASP GA 12 8.21 -68.79 4.66
C ASP GA 12 7.11 -67.95 4.04
N GLN GA 13 5.98 -67.77 4.74
CA GLN GA 13 4.85 -67.07 4.16
C GLN GA 13 5.15 -65.59 3.93
N TRP GA 14 5.94 -64.98 4.79
CA TRP GA 14 6.24 -63.55 4.70
C TRP GA 14 7.64 -63.28 4.16
N LYS GA 15 8.32 -64.29 3.64
CA LYS GA 15 9.67 -64.10 3.11
C LYS GA 15 9.74 -63.10 1.96
N PRO GA 16 8.86 -63.15 0.94
CA PRO GA 16 8.98 -62.16 -0.15
C PRO GA 16 8.71 -60.72 0.28
N LEU GA 17 8.12 -60.50 1.46
CA LEU GA 17 7.79 -59.15 1.90
C LEU GA 17 8.75 -58.58 2.92
N PHE GA 18 9.48 -59.42 3.66
CA PHE GA 18 10.29 -58.96 4.77
C PHE GA 18 11.73 -59.45 4.65
N ASN GA 19 12.63 -58.69 5.25
CA ASN GA 19 14.06 -58.97 5.25
C ASN GA 19 14.48 -59.45 6.64
N ASN GA 20 15.65 -60.08 6.71
CA ASN GA 20 16.15 -60.56 8.00
C ASN GA 20 16.36 -59.43 8.99
N ALA GA 21 16.78 -58.26 8.50
CA ALA GA 21 17.03 -57.11 9.36
C ALA GA 21 15.78 -56.33 9.67
N GLN GA 22 14.63 -56.70 9.09
CA GLN GA 22 13.37 -56.01 9.34
C GLN GA 22 12.41 -56.80 10.22
N TRP GA 23 12.58 -58.12 10.30
CA TRP GA 23 11.69 -58.92 11.14
C TRP GA 23 11.82 -58.55 12.62
N LEU GA 24 13.06 -58.35 13.08
CA LEU GA 24 13.27 -57.95 14.47
C LEU GA 24 12.68 -56.58 14.75
N VAL GA 25 12.84 -55.64 13.81
CA VAL GA 25 12.29 -54.30 14.01
C VAL GA 25 10.76 -54.35 14.02
N HIS GA 26 10.18 -55.21 13.17
CA HIS GA 26 8.73 -55.39 13.18
C HIS GA 26 8.26 -55.95 14.53
N ASP GA 27 9.02 -56.90 15.09
CA ASP GA 27 8.67 -57.44 16.40
C ASP GA 27 8.72 -56.35 17.47
N ILE GA 28 9.76 -55.50 17.41
CA ILE GA 28 9.87 -54.40 18.37
C ILE GA 28 8.70 -53.45 18.25
N VAL GA 29 8.30 -53.13 17.01
CA VAL GA 29 7.16 -52.23 16.78
C VAL GA 29 5.88 -52.84 17.34
N VAL GA 30 5.67 -54.13 17.12
CA VAL GA 30 4.46 -54.78 17.61
C VAL GA 30 4.42 -54.75 19.13
N LYS GA 31 5.54 -55.07 19.78
CA LYS GA 31 5.59 -55.03 21.24
C LYS GA 31 5.34 -53.62 21.77
N THR GA 32 5.92 -52.61 21.11
CA THR GA 32 5.69 -51.23 21.52
C THR GA 32 4.22 -50.85 21.40
N ILE GA 33 3.57 -51.28 20.31
CA ILE GA 33 2.15 -50.98 20.12
C ILE GA 33 1.32 -51.61 21.22
N TYR GA 34 1.59 -52.87 21.56
CA TYR GA 34 0.81 -53.54 22.60
C TYR GA 34 1.01 -52.88 23.96
N GLY GA 35 2.26 -52.54 24.30
CA GLY GA 35 2.51 -51.85 25.57
C GLY GA 35 1.83 -50.50 25.62
N GLY GA 36 1.87 -49.75 24.51
CA GLY GA 36 1.18 -48.47 24.47
C GLY GA 36 -0.33 -48.62 24.63
N LEU GA 37 -0.90 -49.67 24.04
CA LEU GA 37 -2.33 -49.90 24.21
C LEU GA 37 -2.68 -50.20 25.66
N ILE GA 38 -1.85 -51.00 26.34
CA ILE GA 38 -2.12 -51.30 27.75
C ILE GA 38 -2.05 -50.03 28.59
N ILE GA 39 -1.01 -49.22 28.36
CA ILE GA 39 -0.87 -47.97 29.12
C ILE GA 39 -2.02 -47.03 28.82
N ALA GA 40 -2.48 -46.99 27.57
CA ALA GA 40 -3.61 -46.15 27.21
C ALA GA 40 -4.90 -46.60 27.90
N VAL GA 41 -5.10 -47.92 28.01
CA VAL GA 41 -6.26 -48.43 28.73
C VAL GA 41 -6.21 -47.99 30.19
N ILE GA 42 -5.04 -48.09 30.81
CA ILE GA 42 -4.89 -47.66 32.20
C ILE GA 42 -5.20 -46.18 32.34
N ALA GA 43 -4.64 -45.36 31.44
CA ALA GA 43 -4.84 -43.92 31.51
C ALA GA 43 -6.30 -43.55 31.31
N HIS GA 44 -6.99 -44.24 30.39
CA HIS GA 44 -8.41 -43.97 30.18
C HIS GA 44 -9.23 -44.36 31.41
N VAL GA 45 -8.88 -45.46 32.07
CA VAL GA 45 -9.61 -45.86 33.27
C VAL GA 45 -9.45 -44.80 34.36
N LEU GA 46 -8.21 -44.32 34.57
CA LEU GA 46 -8.02 -43.25 35.56
C LEU GA 46 -8.75 -41.97 35.18
N CYS GA 47 -8.74 -41.61 33.89
CA CYS GA 47 -9.43 -40.39 33.49
C CYS GA 47 -10.93 -40.50 33.71
N TRP GA 48 -11.52 -41.66 33.43
CA TRP GA 48 -12.93 -41.84 33.74
C TRP GA 48 -13.18 -41.78 35.24
N ALA GA 49 -12.27 -42.34 36.03
CA ALA GA 49 -12.40 -42.24 37.48
C ALA GA 49 -12.33 -40.80 37.95
N TRP GA 50 -11.62 -39.94 37.22
CA TRP GA 50 -11.53 -38.54 37.60
C TRP GA 50 -12.85 -37.83 37.31
N THR GA 51 -13.24 -37.75 36.03
CA THR GA 51 -14.48 -37.10 35.60
C THR GA 51 -15.04 -37.79 34.36
N PRO GA 52 -16.29 -38.24 34.39
CA PRO GA 52 -16.89 -38.83 33.19
C PRO GA 52 -17.02 -37.81 32.07
N TRP GA 53 -16.89 -38.30 30.84
CA TRP GA 53 -17.00 -37.45 29.66
C TRP GA 53 -18.22 -37.73 28.79
N ILE GA 54 -18.97 -38.79 29.08
CA ILE GA 54 -20.18 -39.11 28.33
C ILE GA 54 -21.42 -38.63 29.04
N ARG GA 55 -21.57 -38.97 30.32
CA ARG GA 55 -22.72 -38.55 31.12
C ARG GA 55 -24.03 -39.05 30.53
N MET HA 1 -7.44 -33.48 41.67
CA MET HA 1 -6.73 -34.68 41.26
C MET HA 1 -5.98 -34.44 39.96
N ALA HA 2 -6.12 -33.24 39.43
CA ALA HA 2 -5.40 -32.87 38.21
C ALA HA 2 -3.88 -32.92 38.36
N PRO HA 3 -3.27 -32.32 39.40
CA PRO HA 3 -1.80 -32.37 39.50
C PRO HA 3 -1.23 -33.78 39.59
N PHE HA 4 -1.92 -34.69 40.27
CA PHE HA 4 -1.45 -36.07 40.34
C PHE HA 4 -1.42 -36.71 38.96
N LEU HA 5 -2.46 -36.49 38.16
CA LEU HA 5 -2.47 -37.02 36.80
C LEU HA 5 -1.39 -36.36 35.95
N MET HA 6 -1.19 -35.06 36.11
CA MET HA 6 -0.14 -34.39 35.35
C MET HA 6 1.22 -34.99 35.66
N ALA HA 7 1.49 -35.23 36.95
CA ALA HA 7 2.73 -35.89 37.34
C ALA HA 7 2.82 -37.29 36.76
N PHE HA 8 1.70 -38.02 36.73
CA PHE HA 8 1.71 -39.38 36.20
C PHE HA 8 2.08 -39.40 34.72
N PHE HA 9 1.42 -38.56 33.92
CA PHE HA 9 1.74 -38.52 32.50
C PHE HA 9 3.16 -38.02 32.25
N THR HA 10 3.62 -37.04 33.03
CA THR HA 10 4.98 -36.55 32.86
C THR HA 10 6.01 -37.63 33.18
N ILE HA 11 5.78 -38.40 34.25
CA ILE HA 11 6.70 -39.47 34.61
C ILE HA 11 6.70 -40.55 33.53
N VAL HA 12 5.52 -40.89 33.00
CA VAL HA 12 5.44 -41.88 31.93
C VAL HA 12 6.21 -41.41 30.71
N LEU HA 13 6.05 -40.13 30.35
CA LEU HA 13 6.77 -39.60 29.20
C LEU HA 13 8.27 -39.64 29.41
N ILE HA 14 8.74 -39.26 30.61
CA ILE HA 14 10.17 -39.29 30.90
C ILE HA 14 10.71 -40.72 30.81
N VAL HA 15 9.98 -41.67 31.39
CA VAL HA 15 10.45 -43.06 31.40
C VAL HA 15 10.52 -43.59 29.97
N ALA HA 16 9.49 -43.32 29.17
CA ALA HA 16 9.51 -43.80 27.78
C ALA HA 16 10.65 -43.17 26.99
N THR HA 17 10.86 -41.86 27.16
CA THR HA 17 11.95 -41.20 26.45
C THR HA 17 13.30 -41.78 26.83
N LEU HA 18 13.52 -41.98 28.13
CA LEU HA 18 14.80 -42.53 28.58
C LEU HA 18 15.00 -43.96 28.06
N TYR HA 19 13.94 -44.77 28.08
CA TYR HA 19 14.06 -46.15 27.60
C TYR HA 19 14.41 -46.19 26.12
N PHE HA 20 13.70 -45.40 25.31
CA PHE HA 20 13.98 -45.42 23.87
C PHE HA 20 15.35 -44.82 23.54
N LEU HA 21 15.76 -43.78 24.28
CA LEU HA 21 17.10 -43.23 24.07
C LEU HA 21 18.17 -44.26 24.40
N SER HA 22 18.01 -44.99 25.51
CA SER HA 22 18.97 -46.02 25.86
C SER HA 22 19.00 -47.11 24.81
N MET HA 23 17.83 -47.49 24.28
CA MET HA 23 17.79 -48.49 23.21
C MET HA 23 18.55 -48.01 21.97
N ILE HA 24 18.33 -46.76 21.57
CA ILE HA 24 19.02 -46.23 20.39
C ILE HA 24 20.51 -46.00 20.66
N MET HA 25 20.83 -45.45 21.84
CA MET HA 25 22.18 -44.96 22.12
C MET HA 25 23.16 -46.07 22.51
N SER HA 26 22.84 -47.33 22.25
CA SER HA 26 23.68 -48.44 22.69
C SER HA 26 24.35 -49.11 21.49
N MET IA 1 -8.76 -9.54 27.83
CA MET IA 1 -7.76 -10.17 26.98
C MET IA 1 -6.90 -11.23 27.62
N ASN IA 2 -6.74 -12.37 26.92
CA ASN IA 2 -5.90 -13.43 27.41
C ASN IA 2 -4.61 -13.09 26.77
N TRP IA 3 -3.59 -12.79 27.54
CA TRP IA 3 -2.32 -12.37 26.99
C TRP IA 3 -1.42 -13.50 26.52
N ILE IA 4 -1.69 -14.74 26.87
CA ILE IA 4 -0.92 -15.88 26.38
C ILE IA 4 -1.27 -16.17 24.93
N VAL IA 5 -2.56 -16.23 24.62
CA VAL IA 5 -2.98 -16.53 23.25
C VAL IA 5 -2.56 -15.43 22.30
N ALA IA 6 -2.68 -14.16 22.73
CA ALA IA 6 -2.26 -13.05 21.88
C ALA IA 6 -0.76 -13.11 21.60
N THR IA 7 0.05 -13.42 22.61
CA THR IA 7 1.48 -13.53 22.39
C THR IA 7 1.82 -14.71 21.49
N PHE IA 8 1.07 -15.81 21.61
CA PHE IA 8 1.27 -16.94 20.72
C PHE IA 8 1.00 -16.55 19.27
N MET IA 9 -0.12 -15.88 19.02
CA MET IA 9 -0.44 -15.46 17.65
C MET IA 9 0.59 -14.47 17.12
N LEU IA 10 1.07 -13.57 17.97
CA LEU IA 10 2.14 -12.67 17.56
C LEU IA 10 3.39 -13.45 17.18
N MET IA 11 3.71 -14.51 17.94
CA MET IA 11 4.85 -15.34 17.60
C MET IA 11 4.66 -16.01 16.24
N PHE IA 12 3.44 -16.45 15.95
CA PHE IA 12 3.18 -17.02 14.62
C PHE IA 12 3.40 -15.99 13.51
N VAL IA 13 2.97 -14.74 13.74
CA VAL IA 13 3.18 -13.71 12.72
C VAL IA 13 4.67 -13.45 12.50
N LEU IA 14 5.43 -13.31 13.58
CA LEU IA 14 6.87 -13.13 13.45
C LEU IA 14 7.55 -14.35 12.82
N VAL IA 15 7.00 -15.55 13.02
CA VAL IA 15 7.50 -16.71 12.29
C VAL IA 15 7.23 -16.55 10.79
N ALA IA 16 6.04 -16.06 10.45
CA ALA IA 16 5.69 -15.85 9.04
C ALA IA 16 6.65 -14.87 8.37
N PHE IA 17 7.17 -13.90 9.12
CA PHE IA 17 8.22 -13.03 8.56
C PHE IA 17 9.48 -13.78 8.15
N LEU IA 18 9.73 -14.97 8.68
CA LEU IA 18 11.05 -15.59 8.60
C LEU IA 18 11.54 -15.92 7.19
N PRO IA 19 10.73 -16.52 6.30
CA PRO IA 19 11.28 -17.00 5.00
C PRO IA 19 11.96 -15.93 4.15
N LEU IA 20 11.45 -14.69 4.15
CA LEU IA 20 12.14 -13.63 3.42
C LEU IA 20 13.51 -13.34 4.04
N VAL IA 21 13.59 -13.37 5.38
CA VAL IA 21 14.88 -13.17 6.04
C VAL IA 21 15.84 -14.30 5.68
N VAL IA 22 15.34 -15.53 5.60
CA VAL IA 22 16.20 -16.65 5.23
C VAL IA 22 16.68 -16.48 3.79
N SER IA 23 15.82 -16.00 2.91
CA SER IA 23 16.24 -15.75 1.52
C SER IA 23 17.32 -14.68 1.45
N LEU IA 24 17.16 -13.61 2.23
CA LEU IA 24 18.18 -12.56 2.27
C LEU IA 24 19.50 -13.11 2.79
N ALA IA 25 19.46 -13.92 3.85
CA ALA IA 25 20.68 -14.49 4.40
C ALA IA 25 21.34 -15.44 3.41
N TYR IA 26 20.54 -16.22 2.68
CA TYR IA 26 21.11 -17.13 1.69
C TYR IA 26 21.77 -16.34 0.56
N THR IA 27 21.14 -15.26 0.11
CA THR IA 27 21.73 -14.45 -0.95
C THR IA 27 23.03 -13.81 -0.48
N TRP IA 28 23.08 -13.36 0.78
CA TRP IA 28 24.31 -12.77 1.30
C TRP IA 28 25.42 -13.81 1.44
N VAL IA 29 25.09 -15.00 1.97
CA VAL IA 29 26.11 -16.01 2.22
C VAL IA 29 26.73 -16.48 0.91
N THR IA 30 25.90 -16.74 -0.10
CA THR IA 30 26.40 -16.96 -1.44
C THR IA 30 26.78 -15.60 -2.05
N ASN IA 31 27.37 -15.63 -3.24
CA ASN IA 31 27.90 -14.44 -3.89
C ASN IA 31 28.90 -13.72 -2.97
N PRO IA 32 30.01 -14.39 -2.60
CA PRO IA 32 30.97 -13.77 -1.69
C PRO IA 32 31.81 -12.68 -2.37
N SER JA 12 -39.05 1.64 -9.51
CA SER JA 12 -37.73 1.94 -10.04
C SER JA 12 -36.74 0.81 -9.77
N PRO JA 13 -36.91 -0.33 -10.46
CA PRO JA 13 -35.99 -1.45 -10.27
C PRO JA 13 -34.66 -1.29 -10.98
N TRP JA 14 -34.48 -0.23 -11.77
CA TRP JA 14 -33.29 -0.12 -12.60
C TRP JA 14 -32.34 0.96 -12.09
N PRO JA 15 -31.03 0.80 -12.33
CA PRO JA 15 -30.08 1.85 -11.97
C PRO JA 15 -30.21 3.06 -12.88
N VAL JA 16 -29.49 4.12 -12.51
CA VAL JA 16 -29.45 5.33 -13.33
C VAL JA 16 -28.46 5.14 -14.47
N TRP JA 17 -28.57 6.01 -15.48
CA TRP JA 17 -27.72 5.89 -16.66
C TRP JA 17 -26.25 6.08 -16.32
N SER JA 18 -25.96 7.03 -15.43
CA SER JA 18 -24.57 7.26 -15.02
C SER JA 18 -24.00 6.04 -14.32
N GLY JA 19 -24.81 5.38 -13.49
CA GLY JA 19 -24.38 4.12 -12.89
C GLY JA 19 -24.06 3.09 -13.96
N TYR JA 20 -24.97 2.93 -14.93
CA TYR JA 20 -24.77 2.04 -16.07
C TYR JA 20 -23.41 2.24 -16.72
N ALA JA 21 -23.17 3.45 -17.23
CA ALA JA 21 -21.89 3.74 -17.86
C ALA JA 21 -20.73 3.49 -16.91
N LEU JA 22 -20.64 4.31 -15.85
CA LEU JA 22 -19.46 4.37 -15.01
C LEU JA 22 -19.11 3.04 -14.36
N CYS JA 23 -20.10 2.16 -14.15
CA CYS JA 23 -19.81 0.90 -13.50
C CYS JA 23 -19.71 -0.24 -14.51
N PHE JA 24 -20.74 -0.45 -15.32
CA PHE JA 24 -20.83 -1.67 -16.11
C PHE JA 24 -20.13 -1.57 -17.47
N VAL JA 25 -19.76 -0.38 -17.93
CA VAL JA 25 -18.99 -0.32 -19.18
C VAL JA 25 -17.54 -0.67 -18.86
N PRO JA 26 -16.89 -0.01 -17.89
CA PRO JA 26 -15.51 -0.37 -17.56
C PRO JA 26 -15.33 -1.81 -17.11
N LEU JA 27 -16.30 -2.40 -16.41
CA LEU JA 27 -16.14 -3.77 -15.93
C LEU JA 27 -16.11 -4.76 -17.08
N ALA JA 28 -17.08 -4.67 -17.99
CA ALA JA 28 -17.09 -5.53 -19.16
C ALA JA 28 -15.88 -5.29 -20.04
N ALA JA 29 -15.48 -4.02 -20.18
CA ALA JA 29 -14.29 -3.71 -20.96
C ALA JA 29 -13.06 -4.37 -20.37
N VAL JA 30 -12.90 -4.32 -19.04
CA VAL JA 30 -11.75 -4.93 -18.39
C VAL JA 30 -11.76 -6.44 -18.57
N ILE JA 31 -12.94 -7.06 -18.42
CA ILE JA 31 -13.02 -8.51 -18.54
C ILE JA 31 -12.65 -8.97 -19.96
N LEU JA 32 -13.28 -8.35 -20.97
CA LEU JA 32 -12.98 -8.73 -22.35
C LEU JA 32 -11.54 -8.42 -22.71
N GLY JA 33 -11.01 -7.27 -22.28
CA GLY JA 33 -9.63 -6.95 -22.58
C GLY JA 33 -8.66 -7.91 -21.95
N PHE JA 34 -8.91 -8.31 -20.71
CA PHE JA 34 -8.04 -9.29 -20.05
C PHE JA 34 -8.05 -10.61 -20.80
N ILE JA 35 -9.24 -11.10 -21.17
CA ILE JA 35 -9.32 -12.39 -21.85
C ILE JA 35 -8.62 -12.32 -23.20
N ILE JA 36 -8.86 -11.26 -23.96
CA ILE JA 36 -8.25 -11.13 -25.29
C ILE JA 36 -6.74 -11.00 -25.19
N ALA JA 37 -6.25 -10.17 -24.26
CA ALA JA 37 -4.82 -9.99 -24.11
C ALA JA 37 -4.15 -11.29 -23.68
N ALA JA 38 -4.78 -12.05 -22.78
CA ALA JA 38 -4.23 -13.33 -22.38
C ALA JA 38 -4.18 -14.29 -23.56
N ARG JA 39 -5.23 -14.31 -24.39
CA ARG JA 39 -5.26 -15.23 -25.52
C ARG JA 39 -4.15 -14.90 -26.51
N PHE JA 40 -3.95 -13.62 -26.82
CA PHE JA 40 -2.94 -13.26 -27.80
C PHE JA 40 -1.53 -13.40 -27.23
N THR JA 41 -1.35 -13.12 -25.93
CA THR JA 41 -0.06 -13.39 -25.29
C THR JA 41 0.30 -14.86 -25.37
N ASP JA 42 -0.67 -15.74 -25.09
CA ASP JA 42 -0.42 -17.17 -25.17
C ASP JA 42 -0.10 -17.59 -26.60
N LYS JA 43 -0.82 -17.04 -27.58
CA LYS JA 43 -0.55 -17.35 -28.98
C LYS JA 43 0.87 -16.99 -29.36
N GLN JA 44 1.32 -15.79 -28.98
CA GLN JA 44 2.69 -15.38 -29.32
C GLN JA 44 3.71 -16.24 -28.57
N ALA JA 45 3.41 -16.59 -27.32
CA ALA JA 45 4.37 -17.35 -26.52
C ALA JA 45 4.56 -18.77 -27.07
N THR JA 46 3.47 -19.41 -27.50
CA THR JA 46 3.57 -20.81 -27.94
C THR JA 46 3.95 -20.96 -29.41
N SER JA 47 4.18 -19.87 -30.12
CA SER JA 47 4.57 -19.97 -31.53
C SER JA 47 5.97 -20.57 -31.65
N ALA JA 48 6.39 -20.77 -32.90
CA ALA JA 48 7.69 -21.33 -33.20
C ALA JA 48 8.67 -20.22 -33.59
N TYR JA 49 9.80 -20.18 -32.91
CA TYR JA 49 10.85 -19.20 -33.21
C TYR JA 49 12.18 -19.78 -32.75
N LEU JA 50 13.23 -18.95 -32.78
CA LEU JA 50 14.57 -19.42 -32.43
C LEU JA 50 14.63 -19.84 -30.97
N ARG JA 51 15.26 -21.00 -30.72
CA ARG JA 51 15.47 -21.50 -29.38
C ARG JA 51 16.76 -22.32 -29.38
N LEU JA 52 17.33 -22.49 -28.19
CA LEU JA 52 18.49 -23.34 -28.01
C LEU JA 52 18.03 -24.76 -27.74
N ASP JA 53 18.67 -25.73 -28.38
CA ASP JA 53 18.26 -27.11 -28.28
C ASP JA 53 18.44 -27.62 -26.85
N PRO JA 54 17.39 -28.11 -26.19
CA PRO JA 54 17.54 -28.58 -24.81
C PRO JA 54 18.49 -29.76 -24.67
N ALA JA 55 18.59 -30.61 -25.70
CA ALA JA 55 19.49 -31.75 -25.62
C ALA JA 55 20.95 -31.29 -25.55
N LYS JA 56 21.34 -30.33 -26.39
CA LYS JA 56 22.69 -29.79 -26.33
C LYS JA 56 22.85 -28.81 -25.19
N ALA JA 57 21.81 -28.02 -24.90
CA ALA JA 57 21.91 -26.99 -23.88
C ALA JA 57 21.78 -27.59 -22.49
N ASN JA 58 22.68 -27.15 -21.59
CA ASN JA 58 22.67 -27.64 -20.22
C ASN JA 58 22.93 -26.50 -19.25
#